data_2F4U
# 
_entry.id   2F4U 
# 
_audit_conform.dict_name       mmcif_pdbx.dic 
_audit_conform.dict_version    5.387 
_audit_conform.dict_location   http://mmcif.pdb.org/dictionaries/ascii/mmcif_pdbx.dic 
# 
loop_
_database_2.database_id 
_database_2.database_code 
_database_2.pdbx_database_accession 
_database_2.pdbx_DOI 
PDB   2F4U         pdb_00002f4u 10.2210/pdb2f4u/pdb 
NDB   DR0029       ?            ?                   
RCSB  RCSB035454   ?            ?                   
WWPDB D_1000035454 ?            ?                   
# 
loop_
_pdbx_audit_revision_history.ordinal 
_pdbx_audit_revision_history.data_content_type 
_pdbx_audit_revision_history.major_revision 
_pdbx_audit_revision_history.minor_revision 
_pdbx_audit_revision_history.revision_date 
1 'Structure model' 1 0 2006-05-02 
2 'Structure model' 1 1 2008-05-01 
3 'Structure model' 1 2 2011-07-13 
4 'Structure model' 1 3 2024-02-14 
# 
_pdbx_audit_revision_details.ordinal             1 
_pdbx_audit_revision_details.revision_ordinal    1 
_pdbx_audit_revision_details.data_content_type   'Structure model' 
_pdbx_audit_revision_details.provider            repository 
_pdbx_audit_revision_details.type                'Initial release' 
_pdbx_audit_revision_details.description         ? 
_pdbx_audit_revision_details.details             ? 
# 
loop_
_pdbx_audit_revision_group.ordinal 
_pdbx_audit_revision_group.revision_ordinal 
_pdbx_audit_revision_group.data_content_type 
_pdbx_audit_revision_group.group 
1 2 'Structure model' 'Version format compliance' 
2 3 'Structure model' 'Version format compliance' 
3 4 'Structure model' 'Data collection'           
4 4 'Structure model' 'Database references'       
5 4 'Structure model' 'Derived calculations'      
# 
loop_
_pdbx_audit_revision_category.ordinal 
_pdbx_audit_revision_category.revision_ordinal 
_pdbx_audit_revision_category.data_content_type 
_pdbx_audit_revision_category.category 
1 4 'Structure model' chem_comp_atom 
2 4 'Structure model' chem_comp_bond 
3 4 'Structure model' database_2     
4 4 'Structure model' struct_site    
# 
loop_
_pdbx_audit_revision_item.ordinal 
_pdbx_audit_revision_item.revision_ordinal 
_pdbx_audit_revision_item.data_content_type 
_pdbx_audit_revision_item.item 
1 4 'Structure model' '_database_2.pdbx_DOI'                
2 4 'Structure model' '_database_2.pdbx_database_accession' 
3 4 'Structure model' '_struct_site.pdbx_auth_asym_id'      
4 4 'Structure model' '_struct_site.pdbx_auth_comp_id'      
5 4 'Structure model' '_struct_site.pdbx_auth_seq_id'       
# 
_pdbx_database_status.entry_id                        2F4U 
_pdbx_database_status.deposit_site                    RCSB 
_pdbx_database_status.process_site                    RCSB 
_pdbx_database_status.recvd_initial_deposition_date   2005-11-24 
_pdbx_database_status.status_code                     REL 
_pdbx_database_status.status_code_sf                  ? 
_pdbx_database_status.status_code_mr                  ? 
_pdbx_database_status.SG_entry                        ? 
_pdbx_database_status.pdb_format_compatible           Y 
_pdbx_database_status.status_code_cs                  ? 
_pdbx_database_status.status_code_nmr_data            ? 
_pdbx_database_status.methods_development_category    ? 
# 
loop_
_pdbx_database_related.db_name 
_pdbx_database_related.db_id 
_pdbx_database_related.details 
_pdbx_database_related.content_type 
PDB 2F4S . unspecified 
PDB 2F4T . unspecified 
PDB 2F4V . unspecified 
# 
loop_
_audit_author.name 
_audit_author.pdbx_ordinal 
'Murray, J.B.'  1 
'Meroueh, S.O.' 2 
'Russell, R.J.' 3 
'Lentzen, G.'   4 
'Haddad, J.'    5 
'Mobashery, S.' 6 
# 
_citation.id                        primary 
_citation.title                     'Interactions of designer antibiotics and the bacterial ribosomal aminoacyl-tRNA site' 
_citation.journal_abbrev            Chem.Biol. 
_citation.journal_volume            13 
_citation.page_first                129 
_citation.page_last                 138 
_citation.year                      2006 
_citation.journal_id_ASTM           CBOLE2 
_citation.country                   UK 
_citation.journal_id_ISSN           1074-5521 
_citation.journal_id_CSD            2050 
_citation.book_publisher            ? 
_citation.pdbx_database_id_PubMed   16492561 
_citation.pdbx_database_id_DOI      10.1016/j.chembiol.2005.11.004 
# 
loop_
_citation_author.citation_id 
_citation_author.name 
_citation_author.ordinal 
_citation_author.identifier_ORCID 
primary 'Murray, J.B.'  1 ? 
primary 'Meroueh, S.O.' 2 ? 
primary 'Russell, R.J.' 3 ? 
primary 'Lentzen, G.'   4 ? 
primary 'Haddad, J.'    5 ? 
primary 'Mobashery, S.' 6 ? 
# 
loop_
_entity.id 
_entity.type 
_entity.src_method 
_entity.pdbx_description 
_entity.formula_weight 
_entity.pdbx_number_of_molecules 
_entity.pdbx_ec 
_entity.pdbx_mutation 
_entity.pdbx_fragment 
_entity.details 
1 polymer     syn "5'-R(*GP*CP*GP*UP*CP*AP*CP*AP*CP*CP*GP*GP*UP*GP*AP*AP*GP*UP*CP*GP*C)-3'" 6743.077 2  ? ? ? 'A-site RNA' 
2 non-polymer syn 
;(2R)-4-AMINO-N-((1R,2S,3R,4R,5S)-5-AMINO-4-[(2-AMINO-2-DEOXY-ALPHA-D-GLUCOPYRANOSYL)OXY]-2-{2-[(3-AMINOPROPYL)AMINO]ETHOXY}-3-HYDROXYCYCLOHEXYL)-2-HYDROXYBUTANAMIDE
;
524.609  1  ? ? ? ?            
3 water       nat water 18.015   32 ? ? ? ?            
# 
_entity_poly.entity_id                      1 
_entity_poly.type                           polyribonucleotide 
_entity_poly.nstd_linkage                   no 
_entity_poly.nstd_monomer                   no 
_entity_poly.pdbx_seq_one_letter_code       GCGUCACACCGGUGAAGUCGC 
_entity_poly.pdbx_seq_one_letter_code_can   GCGUCACACCGGUGAAGUCGC 
_entity_poly.pdbx_strand_id                 A,B 
_entity_poly.pdbx_target_identifier         ? 
# 
loop_
_pdbx_entity_nonpoly.entity_id 
_pdbx_entity_nonpoly.name 
_pdbx_entity_nonpoly.comp_id 
2 
;(2R)-4-AMINO-N-((1R,2S,3R,4R,5S)-5-AMINO-4-[(2-AMINO-2-DEOXY-ALPHA-D-GLUCOPYRANOSYL)OXY]-2-{2-[(3-AMINOPROPYL)AMINO]ETHOXY}-3-HYDROXYCYCLOHEXYL)-2-HYDROXYBUTANAMIDE
;
AB6 
3 water HOH 
# 
loop_
_entity_poly_seq.entity_id 
_entity_poly_seq.num 
_entity_poly_seq.mon_id 
_entity_poly_seq.hetero 
1 1  G n 
1 2  C n 
1 3  G n 
1 4  U n 
1 5  C n 
1 6  A n 
1 7  C n 
1 8  A n 
1 9  C n 
1 10 C n 
1 11 G n 
1 12 G n 
1 13 U n 
1 14 G n 
1 15 A n 
1 16 A n 
1 17 G n 
1 18 U n 
1 19 C n 
1 20 G n 
1 21 C n 
# 
loop_
_chem_comp.id 
_chem_comp.type 
_chem_comp.mon_nstd_flag 
_chem_comp.name 
_chem_comp.pdbx_synonyms 
_chem_comp.formula 
_chem_comp.formula_weight 
A   'RNA linking' y "ADENOSINE-5'-MONOPHOSPHATE" ? 'C10 H14 N5 O7 P' 347.221 
AB6 non-polymer   . 
;(2R)-4-AMINO-N-((1R,2S,3R,4R,5S)-5-AMINO-4-[(2-AMINO-2-DEOXY-ALPHA-D-GLUCOPYRANOSYL)OXY]-2-{2-[(3-AMINOPROPYL)AMINO]ETHOXY}-3-HYDROXYCYCLOHEXYL)-2-HYDROXYBUTANAMIDE
;
? 'C21 H44 N6 O9'   524.609 
C   'RNA linking' y "CYTIDINE-5'-MONOPHOSPHATE" ? 'C9 H14 N3 O8 P'  323.197 
G   'RNA linking' y "GUANOSINE-5'-MONOPHOSPHATE" ? 'C10 H14 N5 O8 P' 363.221 
HOH non-polymer   . WATER ? 'H2 O'            18.015  
U   'RNA linking' y "URIDINE-5'-MONOPHOSPHATE" ? 'C9 H13 N2 O9 P'  324.181 
# 
loop_
_pdbx_poly_seq_scheme.asym_id 
_pdbx_poly_seq_scheme.entity_id 
_pdbx_poly_seq_scheme.seq_id 
_pdbx_poly_seq_scheme.mon_id 
_pdbx_poly_seq_scheme.ndb_seq_num 
_pdbx_poly_seq_scheme.pdb_seq_num 
_pdbx_poly_seq_scheme.auth_seq_num 
_pdbx_poly_seq_scheme.pdb_mon_id 
_pdbx_poly_seq_scheme.auth_mon_id 
_pdbx_poly_seq_scheme.pdb_strand_id 
_pdbx_poly_seq_scheme.pdb_ins_code 
_pdbx_poly_seq_scheme.hetero 
A 1 1  G 1  1403 1403 G G A . n 
A 1 2  C 2  1404 1404 C C A . n 
A 1 3  G 3  1405 1405 G G A . n 
A 1 4  U 4  1406 1406 U U A . n 
A 1 5  C 5  1407 1407 C C A . n 
A 1 6  A 6  1408 1408 A A A . n 
A 1 7  C 7  1409 1409 C C A . n 
A 1 8  A 8  1410 1410 A A A . n 
A 1 9  C 9  1411 1411 C C A . n 
A 1 10 C 10 1412 1412 C C A . n 
A 1 11 G 11 1488 1488 G G A . n 
A 1 12 G 12 1489 1489 G G A . n 
A 1 13 U 13 1490 1490 U U A . n 
A 1 14 G 14 1491 1491 G G A . n 
A 1 15 A 15 1492 1492 A A A . n 
A 1 16 A 16 1493 1493 A A A . n 
A 1 17 G 17 1494 1494 G G A . n 
A 1 18 U 18 1495 1495 U U A . n 
A 1 19 C 19 1496 1496 C C A . n 
A 1 20 G 20 1497 1497 G G A . n 
A 1 21 C 21 1498 1498 C C A . n 
B 1 1  G 1  1403 1403 G G B . n 
B 1 2  C 2  1404 1404 C C B . n 
B 1 3  G 3  1405 1405 G G B . n 
B 1 4  U 4  1406 1406 U U B . n 
B 1 5  C 5  1407 1407 C C B . n 
B 1 6  A 6  1408 1408 A A B . n 
B 1 7  C 7  1409 1409 C C B . n 
B 1 8  A 8  1410 1410 A A B . n 
B 1 9  C 9  1411 1411 C C B . n 
B 1 10 C 10 1412 1412 C C B . n 
B 1 11 G 11 1488 1488 G G B . n 
B 1 12 G 12 1489 1489 G G B . n 
B 1 13 U 13 1490 1490 U U B . n 
B 1 14 G 14 1491 1491 G G B . n 
B 1 15 A 15 1492 1492 A A B . n 
B 1 16 A 16 1493 1493 A A B . n 
B 1 17 G 17 1494 1494 G G B . n 
B 1 18 U 18 1495 1495 U U B . n 
B 1 19 C 19 1496 1496 C C B . n 
B 1 20 G 20 1497 1497 G G B . n 
B 1 21 C 21 1498 1498 C C B . n 
# 
loop_
_pdbx_nonpoly_scheme.asym_id 
_pdbx_nonpoly_scheme.entity_id 
_pdbx_nonpoly_scheme.mon_id 
_pdbx_nonpoly_scheme.ndb_seq_num 
_pdbx_nonpoly_scheme.pdb_seq_num 
_pdbx_nonpoly_scheme.auth_seq_num 
_pdbx_nonpoly_scheme.pdb_mon_id 
_pdbx_nonpoly_scheme.auth_mon_id 
_pdbx_nonpoly_scheme.pdb_strand_id 
_pdbx_nonpoly_scheme.pdb_ins_code 
C 2 AB6 1  41 41 AB6 AB6 B . 
D 3 HOH 1  2  2  HOH HOH A . 
D 3 HOH 2  6  6  HOH HOH A . 
D 3 HOH 3  7  7  HOH HOH A . 
D 3 HOH 4  10 10 HOH HOH A . 
D 3 HOH 5  11 11 HOH HOH A . 
D 3 HOH 6  15 15 HOH HOH A . 
D 3 HOH 7  17 17 HOH HOH A . 
D 3 HOH 8  21 21 HOH HOH A . 
D 3 HOH 9  22 22 HOH HOH A . 
D 3 HOH 10 23 23 HOH HOH A . 
D 3 HOH 11 24 24 HOH HOH A . 
D 3 HOH 12 26 26 HOH HOH A . 
D 3 HOH 13 28 28 HOH HOH A . 
D 3 HOH 14 30 30 HOH HOH A . 
D 3 HOH 15 31 31 HOH HOH A . 
E 3 HOH 1  1  1  HOH HOH B . 
E 3 HOH 2  3  3  HOH HOH B . 
E 3 HOH 3  4  4  HOH HOH B . 
E 3 HOH 4  5  5  HOH HOH B . 
E 3 HOH 5  8  8  HOH HOH B . 
E 3 HOH 6  9  9  HOH HOH B . 
E 3 HOH 7  12 12 HOH HOH B . 
E 3 HOH 8  13 13 HOH HOH B . 
E 3 HOH 9  14 14 HOH HOH B . 
E 3 HOH 10 16 16 HOH HOH B . 
E 3 HOH 11 18 18 HOH HOH B . 
E 3 HOH 12 19 19 HOH HOH B . 
E 3 HOH 13 20 20 HOH HOH B . 
E 3 HOH 14 25 25 HOH HOH B . 
E 3 HOH 15 27 27 HOH HOH B . 
E 3 HOH 16 29 29 HOH HOH B . 
E 3 HOH 17 32 32 HOH HOH B . 
# 
loop_
_software.name 
_software.version 
_software.date 
_software.type 
_software.contact_author 
_software.contact_author_email 
_software.classification 
_software.location 
_software.language 
_software.citation_id 
_software.pdbx_ordinal 
d*TREK      7.1SSI 'May  1 2001'   package 'Pflugrath, J.W.' jwp@RigakuMSC.com        'data processing' 
http://www.msc.com/protein/dtrek.html ?          ? 1 
CNS         .      ?               package 'Axel T. Brunger' axel.brunger@yale.edu    refinement        
http://cns.csb.yale.edu/v1.1/         Fortran_77 ? 2 
PDB_EXTRACT 1.701  'OCT. 28, 2005' package PDB               sw-help@rcsb.rutgers.edu 'data extraction' 
http://pdb.rutgers.edu/software/      C++        ? 3 
d*TREK      .      ?               ?       ?                 ?                        'data scaling'    ? ?          ? 4 
# 
_cell.entry_id           2F4U 
_cell.length_a           33.100 
_cell.length_b           46.460 
_cell.length_c           89.500 
_cell.angle_alpha        90.00 
_cell.angle_beta         90.00 
_cell.angle_gamma        90.00 
_cell.Z_PDB              8 
_cell.pdbx_unique_axis   ? 
_cell.length_a_esd       ? 
_cell.length_b_esd       ? 
_cell.length_c_esd       ? 
_cell.angle_alpha_esd    ? 
_cell.angle_beta_esd     ? 
_cell.angle_gamma_esd    ? 
# 
_symmetry.entry_id                         2F4U 
_symmetry.space_group_name_H-M             'P 21 21 21' 
_symmetry.pdbx_full_space_group_name_H-M   ? 
_symmetry.cell_setting                     ? 
_symmetry.Int_Tables_number                19 
_symmetry.space_group_name_Hall            ? 
# 
_exptl.entry_id          2F4U 
_exptl.crystals_number   1 
_exptl.method            'X-RAY DIFFRACTION' 
# 
_exptl_crystal.id                    1 
_exptl_crystal.density_Matthews      2.55 
_exptl_crystal.density_meas          ? 
_exptl_crystal.density_percent_sol   51.79 
_exptl_crystal.description           ? 
_exptl_crystal.F_000                 ? 
_exptl_crystal.preparation           ? 
# 
_diffrn.id                     1 
_diffrn.ambient_temp           100 
_diffrn.ambient_temp_details   ? 
_diffrn.crystal_id             1 
# 
_diffrn_detector.diffrn_id              1 
_diffrn_detector.detector               ? 
_diffrn_detector.type                   ? 
_diffrn_detector.pdbx_collection_date   2002-06-01 
_diffrn_detector.details                ? 
# 
_diffrn_radiation.diffrn_id                        1 
_diffrn_radiation.wavelength_id                    1 
_diffrn_radiation.pdbx_diffrn_protocol             'SINGLE WAVELENGTH' 
_diffrn_radiation.monochromator                    ? 
_diffrn_radiation.pdbx_monochromatic_or_laue_m_l   M 
_diffrn_radiation.pdbx_scattering_type             x-ray 
# 
_diffrn_radiation_wavelength.id           1 
_diffrn_radiation_wavelength.wavelength   1.54 
_diffrn_radiation_wavelength.wt           1.0 
# 
_diffrn_source.diffrn_id                   1 
_diffrn_source.source                      'ROTATING ANODE' 
_diffrn_source.type                        'RIGAKU RU300' 
_diffrn_source.pdbx_wavelength             ? 
_diffrn_source.pdbx_wavelength_list        1.54 
_diffrn_source.pdbx_synchrotron_site       ? 
_diffrn_source.pdbx_synchrotron_beamline   ? 
# 
_reflns.entry_id                     2F4U 
_reflns.d_resolution_low             23.23 
_reflns.d_resolution_high            2.60 
_reflns.number_obs                   4451 
_reflns.percent_possible_obs         97.600 
_reflns.pdbx_Rmerge_I_obs            0.092 
_reflns.pdbx_chi_squared             ? 
_reflns.pdbx_redundancy              ? 
_reflns.pdbx_scaling_rejects         300 
_reflns.pdbx_netI_over_sigmaI        5.8 
_reflns.pdbx_Rsym_value              ? 
_reflns.observed_criterion_sigma_F   0 
_reflns.observed_criterion_sigma_I   0 
_reflns.number_all                   4451 
_reflns.B_iso_Wilson_estimate        ? 
_reflns.R_free_details               ? 
_reflns.pdbx_diffrn_id               1 
_reflns.pdbx_ordinal                 1 
# 
loop_
_reflns_shell.d_res_low 
_reflns_shell.d_res_high 
_reflns_shell.number_unique_all 
_reflns_shell.percent_possible_all 
_reflns_shell.Rmerge_I_obs 
_reflns_shell.pdbx_chi_squared 
_reflns_shell.pdbx_redundancy 
_reflns_shell.number_unique_obs 
_reflns_shell.meanI_over_sigI_obs 
_reflns_shell.pdbx_Rsym_value 
_reflns_shell.percent_possible_obs 
_reflns_shell.number_measured_all 
_reflns_shell.number_measured_obs 
_reflns_shell.pdbx_diffrn_id 
_reflns_shell.pdbx_ordinal 
2.69  2.60 27 99.800 0.423 ? ? ? 1.6 ? ? ? ? ? 1  
2.80  2.69 30 99.800 ?     ? ? ? ?   ? ? ? ? ? 2  
2.93  2.80 18 99.500 ?     ? ? ? ?   ? ? ? ? ? 3  
3.08  2.93 24 98.300 ?     ? ? ? ?   ? ? ? ? ? 4  
3.28  3.08 26 97.300 ?     ? ? ? ?   ? ? ? ? ? 5  
3.53  3.28 27 96.500 ?     ? ? ? ?   ? ? ? ? ? 6  
3.88  3.53 36 98.700 ?     ? ? ? ?   ? ? ? ? ? 7  
4.44  3.88 34 98.500 ?     ? ? ? ?   ? ? ? ? ? 8  
5.58  4.44 42 95.800 ?     ? ? ? ?   ? ? ? ? ? 9  
23.23 5.58 49 93.200 ?     ? ? ? ?   ? ? ? ? ? 10 
# 
_refine.ls_d_res_high                            2.600 
_refine.ls_d_res_low                             23.23 
_refine.pdbx_ls_sigma_F                          161.00 
_refine.ls_percent_reflns_obs                    93.800 
_refine.ls_number_reflns_obs                     4290 
_refine.ls_R_factor_R_work                       0.25 
_refine.ls_R_factor_R_free                       0.299 
_refine.ls_percent_reflns_R_free                 9.700 
_refine.ls_number_reflns_R_free                  445 
_refine.B_iso_mean                               56.636 
_refine.solvent_model_param_bsol                 95.919 
_refine.aniso_B[1][1]                            7.806 
_refine.aniso_B[2][2]                            11.806 
_refine.aniso_B[3][3]                            -19.611 
_refine.aniso_B[1][2]                            0.000 
_refine.aniso_B[1][3]                            0.000 
_refine.aniso_B[2][3]                            0.000 
_refine.entry_id                                 2F4U 
_refine.pdbx_ls_sigma_I                          ? 
_refine.ls_number_reflns_all                     4451 
_refine.ls_R_factor_all                          0.25 
_refine.ls_R_factor_obs                          0.299 
_refine.ls_redundancy_reflns_obs                 ? 
_refine.pdbx_data_cutoff_high_absF               ? 
_refine.pdbx_data_cutoff_low_absF                ? 
_refine.ls_number_parameters                     ? 
_refine.ls_number_restraints                     ? 
_refine.ls_R_factor_R_free_error                 ? 
_refine.ls_R_factor_R_free_error_details         ? 
_refine.pdbx_method_to_determine_struct          'MOLECULAR REPLACEMENT' 
_refine.pdbx_starting_model                      ? 
_refine.pdbx_ls_cross_valid_method               ? 
_refine.pdbx_R_Free_selection_details            Random 
_refine.pdbx_stereochem_target_val_spec_case     ? 
_refine.pdbx_stereochemistry_target_values       'Engh & Huber' 
_refine.solvent_model_details                    ? 
_refine.solvent_model_param_ksol                 ? 
_refine.occupancy_max                            ? 
_refine.occupancy_min                            ? 
_refine.pdbx_isotropic_thermal_model             ? 
_refine.details                                  ? 
_refine.correlation_coeff_Fo_to_Fc               ? 
_refine.correlation_coeff_Fo_to_Fc_free          ? 
_refine.pdbx_solvent_vdw_probe_radii             ? 
_refine.pdbx_solvent_ion_probe_radii             ? 
_refine.pdbx_solvent_shrinkage_radii             ? 
_refine.overall_SU_R_Cruickshank_DPI             ? 
_refine.overall_SU_R_free                        ? 
_refine.overall_SU_ML                            ? 
_refine.overall_SU_B                             ? 
_refine.pdbx_overall_ESU_R_Free                  ? 
_refine.pdbx_data_cutoff_high_rms_absF           ? 
_refine.pdbx_overall_ESU_R                       ? 
_refine.ls_wR_factor_R_free                      ? 
_refine.ls_wR_factor_R_work                      ? 
_refine.overall_FOM_free_R_set                   ? 
_refine.overall_FOM_work_R_set                   ? 
_refine.pdbx_refine_id                           'X-RAY DIFFRACTION' 
_refine.pdbx_diffrn_id                           1 
_refine.pdbx_TLS_residual_ADP_flag               ? 
_refine.pdbx_overall_phase_error                 ? 
_refine.pdbx_overall_SU_R_free_Cruickshank_DPI   ? 
_refine.pdbx_overall_SU_R_Blow_DPI               ? 
_refine.pdbx_overall_SU_R_free_Blow_DPI          ? 
# 
_refine_hist.pdbx_refine_id                   'X-RAY DIFFRACTION' 
_refine_hist.cycle_id                         LAST 
_refine_hist.pdbx_number_atoms_protein        0 
_refine_hist.pdbx_number_atoms_nucleic_acid   892 
_refine_hist.pdbx_number_atoms_ligand         36 
_refine_hist.number_atoms_solvent             32 
_refine_hist.number_atoms_total               960 
_refine_hist.d_res_high                       2.600 
_refine_hist.d_res_low                        23.23 
# 
loop_
_pdbx_xplor_file.serial_no 
_pdbx_xplor_file.param_file 
_pdbx_xplor_file.topol_file 
_pdbx_xplor_file.pdbx_refine_id 
1 CNS_TOPPAR:protein_rep.param ? 'X-RAY DIFFRACTION' 
2 dna-rna-multi-endo.param     ? 'X-RAY DIFFRACTION' 
3 893.par                      ? 'X-RAY DIFFRACTION' 
4 CNS_TOPPAR:water.param       ? 'X-RAY DIFFRACTION' 
# 
_struct.entry_id                  2F4U 
_struct.title                     'Asite RNA + designer antibiotic' 
_struct.pdbx_model_details        ? 
_struct.pdbx_CASP_flag            ? 
_struct.pdbx_model_type_details   ? 
# 
_struct_keywords.entry_id        2F4U 
_struct_keywords.pdbx_keywords   RNA 
_struct_keywords.text            'Asite RNA, designer antibiotic, RNA' 
# 
loop_
_struct_asym.id 
_struct_asym.pdbx_blank_PDB_chainid_flag 
_struct_asym.pdbx_modified 
_struct_asym.entity_id 
_struct_asym.details 
A N N 1 ? 
B N N 1 ? 
C N N 2 ? 
D N N 3 ? 
E N N 3 ? 
# 
_struct_ref.id                         1 
_struct_ref.entity_id                  1 
_struct_ref.db_name                    PDB 
_struct_ref.db_code                    2F4U 
_struct_ref.pdbx_db_accession          2F4U 
_struct_ref.pdbx_db_isoform            ? 
_struct_ref.pdbx_seq_one_letter_code   ? 
_struct_ref.pdbx_align_begin           ? 
# 
loop_
_struct_ref_seq.align_id 
_struct_ref_seq.ref_id 
_struct_ref_seq.pdbx_PDB_id_code 
_struct_ref_seq.pdbx_strand_id 
_struct_ref_seq.seq_align_beg 
_struct_ref_seq.pdbx_seq_align_beg_ins_code 
_struct_ref_seq.seq_align_end 
_struct_ref_seq.pdbx_seq_align_end_ins_code 
_struct_ref_seq.pdbx_db_accession 
_struct_ref_seq.db_align_beg 
_struct_ref_seq.pdbx_db_align_beg_ins_code 
_struct_ref_seq.db_align_end 
_struct_ref_seq.pdbx_db_align_end_ins_code 
_struct_ref_seq.pdbx_auth_seq_align_beg 
_struct_ref_seq.pdbx_auth_seq_align_end 
1 1 2F4U A 1 ? 21 ? 2F4U 1403 ? 1498 ? 1403 1498 
2 1 2F4U B 1 ? 21 ? 2F4U 1403 ? 1498 ? 1403 1498 
# 
_pdbx_struct_assembly.id                   1 
_pdbx_struct_assembly.details              author_defined_assembly 
_pdbx_struct_assembly.method_details       ? 
_pdbx_struct_assembly.oligomeric_details   dimeric 
_pdbx_struct_assembly.oligomeric_count     2 
# 
_pdbx_struct_assembly_gen.assembly_id       1 
_pdbx_struct_assembly_gen.oper_expression   1 
_pdbx_struct_assembly_gen.asym_id_list      A,B,C,D,E 
# 
_pdbx_struct_oper_list.id                   1 
_pdbx_struct_oper_list.type                 'identity operation' 
_pdbx_struct_oper_list.name                 1_555 
_pdbx_struct_oper_list.symmetry_operation   x,y,z 
_pdbx_struct_oper_list.matrix[1][1]         1.0000000000 
_pdbx_struct_oper_list.matrix[1][2]         0.0000000000 
_pdbx_struct_oper_list.matrix[1][3]         0.0000000000 
_pdbx_struct_oper_list.vector[1]            0.0000000000 
_pdbx_struct_oper_list.matrix[2][1]         0.0000000000 
_pdbx_struct_oper_list.matrix[2][2]         1.0000000000 
_pdbx_struct_oper_list.matrix[2][3]         0.0000000000 
_pdbx_struct_oper_list.vector[2]            0.0000000000 
_pdbx_struct_oper_list.matrix[3][1]         0.0000000000 
_pdbx_struct_oper_list.matrix[3][2]         0.0000000000 
_pdbx_struct_oper_list.matrix[3][3]         1.0000000000 
_pdbx_struct_oper_list.vector[3]            0.0000000000 
# 
loop_
_struct_conn.id 
_struct_conn.conn_type_id 
_struct_conn.pdbx_leaving_atom_flag 
_struct_conn.pdbx_PDB_id 
_struct_conn.ptnr1_label_asym_id 
_struct_conn.ptnr1_label_comp_id 
_struct_conn.ptnr1_label_seq_id 
_struct_conn.ptnr1_label_atom_id 
_struct_conn.pdbx_ptnr1_label_alt_id 
_struct_conn.pdbx_ptnr1_PDB_ins_code 
_struct_conn.pdbx_ptnr1_standard_comp_id 
_struct_conn.ptnr1_symmetry 
_struct_conn.ptnr2_label_asym_id 
_struct_conn.ptnr2_label_comp_id 
_struct_conn.ptnr2_label_seq_id 
_struct_conn.ptnr2_label_atom_id 
_struct_conn.pdbx_ptnr2_label_alt_id 
_struct_conn.pdbx_ptnr2_PDB_ins_code 
_struct_conn.ptnr1_auth_asym_id 
_struct_conn.ptnr1_auth_comp_id 
_struct_conn.ptnr1_auth_seq_id 
_struct_conn.ptnr2_auth_asym_id 
_struct_conn.ptnr2_auth_comp_id 
_struct_conn.ptnr2_auth_seq_id 
_struct_conn.ptnr2_symmetry 
_struct_conn.pdbx_ptnr3_label_atom_id 
_struct_conn.pdbx_ptnr3_label_seq_id 
_struct_conn.pdbx_ptnr3_label_comp_id 
_struct_conn.pdbx_ptnr3_label_asym_id 
_struct_conn.pdbx_ptnr3_label_alt_id 
_struct_conn.pdbx_ptnr3_PDB_ins_code 
_struct_conn.details 
_struct_conn.pdbx_dist_value 
_struct_conn.pdbx_value_order 
_struct_conn.pdbx_role 
hydrog1  hydrog ? ? A G 1  N1 ? ? ? 1_555 B C 21 N3 ? ? A G 1403 B C 1498 1_555 ? ? ? ? ? ? WATSON-CRICK  ? ? ? 
hydrog2  hydrog ? ? A G 1  N2 ? ? ? 1_555 B C 21 O2 ? ? A G 1403 B C 1498 1_555 ? ? ? ? ? ? WATSON-CRICK  ? ? ? 
hydrog3  hydrog ? ? A G 1  O6 ? ? ? 1_555 B C 21 N4 ? ? A G 1403 B C 1498 1_555 ? ? ? ? ? ? WATSON-CRICK  ? ? ? 
hydrog4  hydrog ? ? A C 2  N3 ? ? ? 1_555 B G 20 N1 ? ? A C 1404 B G 1497 1_555 ? ? ? ? ? ? WATSON-CRICK  ? ? ? 
hydrog5  hydrog ? ? A C 2  N4 ? ? ? 1_555 B G 20 O6 ? ? A C 1404 B G 1497 1_555 ? ? ? ? ? ? WATSON-CRICK  ? ? ? 
hydrog6  hydrog ? ? A C 2  O2 ? ? ? 1_555 B G 20 N2 ? ? A C 1404 B G 1497 1_555 ? ? ? ? ? ? WATSON-CRICK  ? ? ? 
hydrog7  hydrog ? ? A G 3  N1 ? ? ? 1_555 B C 19 N3 ? ? A G 1405 B C 1496 1_555 ? ? ? ? ? ? WATSON-CRICK  ? ? ? 
hydrog8  hydrog ? ? A G 3  N2 ? ? ? 1_555 B C 19 O2 ? ? A G 1405 B C 1496 1_555 ? ? ? ? ? ? WATSON-CRICK  ? ? ? 
hydrog9  hydrog ? ? A G 3  O6 ? ? ? 1_555 B C 19 N4 ? ? A G 1405 B C 1496 1_555 ? ? ? ? ? ? WATSON-CRICK  ? ? ? 
hydrog10 hydrog ? ? A C 5  N3 ? ? ? 1_555 B G 17 N1 ? ? A C 1407 B G 1494 1_555 ? ? ? ? ? ? WATSON-CRICK  ? ? ? 
hydrog11 hydrog ? ? A C 5  N4 ? ? ? 1_555 B G 17 O6 ? ? A C 1407 B G 1494 1_555 ? ? ? ? ? ? WATSON-CRICK  ? ? ? 
hydrog12 hydrog ? ? A C 5  O2 ? ? ? 1_555 B G 17 N2 ? ? A C 1407 B G 1494 1_555 ? ? ? ? ? ? WATSON-CRICK  ? ? ? 
hydrog13 hydrog ? ? A C 7  N3 ? ? ? 1_555 B G 14 N1 ? ? A C 1409 B G 1491 1_555 ? ? ? ? ? ? WATSON-CRICK  ? ? ? 
hydrog14 hydrog ? ? A C 7  N4 ? ? ? 1_555 B G 14 O6 ? ? A C 1409 B G 1491 1_555 ? ? ? ? ? ? WATSON-CRICK  ? ? ? 
hydrog15 hydrog ? ? A C 7  O2 ? ? ? 1_555 B G 14 N2 ? ? A C 1409 B G 1491 1_555 ? ? ? ? ? ? WATSON-CRICK  ? ? ? 
hydrog16 hydrog ? ? A A 8  N1 ? ? ? 1_555 B U 13 N3 ? ? A A 1410 B U 1490 1_555 ? ? ? ? ? ? WATSON-CRICK  ? ? ? 
hydrog17 hydrog ? ? A A 8  N6 ? ? ? 1_555 B U 13 O4 ? ? A A 1410 B U 1490 1_555 ? ? ? ? ? ? WATSON-CRICK  ? ? ? 
hydrog18 hydrog ? ? A C 9  N3 ? ? ? 1_555 B G 12 N1 ? ? A C 1411 B G 1489 1_555 ? ? ? ? ? ? WATSON-CRICK  ? ? ? 
hydrog19 hydrog ? ? A C 9  N4 ? ? ? 1_555 B G 12 O6 ? ? A C 1411 B G 1489 1_555 ? ? ? ? ? ? WATSON-CRICK  ? ? ? 
hydrog20 hydrog ? ? A C 9  O2 ? ? ? 1_555 B G 12 N2 ? ? A C 1411 B G 1489 1_555 ? ? ? ? ? ? WATSON-CRICK  ? ? ? 
hydrog21 hydrog ? ? A C 10 N3 ? ? ? 1_555 B G 11 N1 ? ? A C 1412 B G 1488 1_555 ? ? ? ? ? ? WATSON-CRICK  ? ? ? 
hydrog22 hydrog ? ? A C 10 N4 ? ? ? 1_555 B G 11 O6 ? ? A C 1412 B G 1488 1_555 ? ? ? ? ? ? WATSON-CRICK  ? ? ? 
hydrog23 hydrog ? ? A C 10 O2 ? ? ? 1_555 B G 11 N2 ? ? A C 1412 B G 1488 1_555 ? ? ? ? ? ? WATSON-CRICK  ? ? ? 
hydrog24 hydrog ? ? A G 11 N1 ? ? ? 1_555 B C 10 N3 ? ? A G 1488 B C 1412 1_555 ? ? ? ? ? ? WATSON-CRICK  ? ? ? 
hydrog25 hydrog ? ? A G 11 N2 ? ? ? 1_555 B C 10 O2 ? ? A G 1488 B C 1412 1_555 ? ? ? ? ? ? WATSON-CRICK  ? ? ? 
hydrog26 hydrog ? ? A G 11 O6 ? ? ? 1_555 B C 10 N4 ? ? A G 1488 B C 1412 1_555 ? ? ? ? ? ? WATSON-CRICK  ? ? ? 
hydrog27 hydrog ? ? A G 12 N1 ? ? ? 1_555 B C 9  N3 ? ? A G 1489 B C 1411 1_555 ? ? ? ? ? ? WATSON-CRICK  ? ? ? 
hydrog28 hydrog ? ? A G 12 N2 ? ? ? 1_555 B C 9  O2 ? ? A G 1489 B C 1411 1_555 ? ? ? ? ? ? WATSON-CRICK  ? ? ? 
hydrog29 hydrog ? ? A G 12 O6 ? ? ? 1_555 B C 9  N4 ? ? A G 1489 B C 1411 1_555 ? ? ? ? ? ? WATSON-CRICK  ? ? ? 
hydrog30 hydrog ? ? A U 13 N3 ? ? ? 1_555 B A 8  N1 ? ? A U 1490 B A 1410 1_555 ? ? ? ? ? ? WATSON-CRICK  ? ? ? 
hydrog31 hydrog ? ? A U 13 O4 ? ? ? 1_555 B A 8  N6 ? ? A U 1490 B A 1410 1_555 ? ? ? ? ? ? WATSON-CRICK  ? ? ? 
hydrog32 hydrog ? ? A G 14 N1 ? ? ? 1_555 B C 7  N3 ? ? A G 1491 B C 1409 1_555 ? ? ? ? ? ? WATSON-CRICK  ? ? ? 
hydrog33 hydrog ? ? A G 14 N2 ? ? ? 1_555 B C 7  O2 ? ? A G 1491 B C 1409 1_555 ? ? ? ? ? ? WATSON-CRICK  ? ? ? 
hydrog34 hydrog ? ? A G 14 O6 ? ? ? 1_555 B C 7  N4 ? ? A G 1491 B C 1409 1_555 ? ? ? ? ? ? WATSON-CRICK  ? ? ? 
hydrog35 hydrog ? ? A A 16 N6 ? ? ? 1_555 B A 6  N1 ? ? A A 1493 B A 1408 1_555 ? ? ? ? ? ? 'A-A MISPAIR' ? ? ? 
hydrog36 hydrog ? ? A G 17 N1 ? ? ? 1_555 B C 5  N3 ? ? A G 1494 B C 1407 1_555 ? ? ? ? ? ? WATSON-CRICK  ? ? ? 
hydrog37 hydrog ? ? A G 17 N2 ? ? ? 1_555 B C 5  O2 ? ? A G 1494 B C 1407 1_555 ? ? ? ? ? ? WATSON-CRICK  ? ? ? 
hydrog38 hydrog ? ? A G 17 O6 ? ? ? 1_555 B C 5  N4 ? ? A G 1494 B C 1407 1_555 ? ? ? ? ? ? WATSON-CRICK  ? ? ? 
hydrog39 hydrog ? ? A U 18 N3 ? ? ? 1_555 B U 4  O2 ? ? A U 1495 B U 1406 1_555 ? ? ? ? ? ? TYPE_16_PAIR  ? ? ? 
hydrog40 hydrog ? ? A U 18 O4 ? ? ? 1_555 B U 4  N3 ? ? A U 1495 B U 1406 1_555 ? ? ? ? ? ? TYPE_16_PAIR  ? ? ? 
hydrog41 hydrog ? ? A C 19 N3 ? ? ? 1_555 B G 3  N1 ? ? A C 1496 B G 1405 1_555 ? ? ? ? ? ? WATSON-CRICK  ? ? ? 
hydrog42 hydrog ? ? A C 19 N4 ? ? ? 1_555 B G 3  O6 ? ? A C 1496 B G 1405 1_555 ? ? ? ? ? ? WATSON-CRICK  ? ? ? 
hydrog43 hydrog ? ? A C 19 O2 ? ? ? 1_555 B G 3  N2 ? ? A C 1496 B G 1405 1_555 ? ? ? ? ? ? WATSON-CRICK  ? ? ? 
hydrog44 hydrog ? ? A G 20 N1 ? ? ? 1_555 B C 2  N3 ? ? A G 1497 B C 1404 1_555 ? ? ? ? ? ? 'G-C PAIR'    ? ? ? 
hydrog45 hydrog ? ? A C 21 N3 ? ? ? 1_555 B G 1  N1 ? ? A C 1498 B G 1403 1_555 ? ? ? ? ? ? WATSON-CRICK  ? ? ? 
hydrog46 hydrog ? ? A C 21 N4 ? ? ? 1_555 B G 1  O6 ? ? A C 1498 B G 1403 1_555 ? ? ? ? ? ? WATSON-CRICK  ? ? ? 
hydrog47 hydrog ? ? A C 21 O2 ? ? ? 1_555 B G 1  N2 ? ? A C 1498 B G 1403 1_555 ? ? ? ? ? ? WATSON-CRICK  ? ? ? 
# 
_struct_conn_type.id          hydrog 
_struct_conn_type.criteria    ? 
_struct_conn_type.reference   ? 
# 
loop_
_struct_site.id 
_struct_site.pdbx_evidence_code 
_struct_site.pdbx_auth_asym_id 
_struct_site.pdbx_auth_comp_id 
_struct_site.pdbx_auth_seq_id 
_struct_site.pdbx_auth_ins_code 
_struct_site.pdbx_num_residues 
_struct_site.details 
AC1 Software B AB6 41 ? 12 'BINDING SITE FOR RESIDUE AB6 B 41' 
1   ?        ? ?   ?  ? ?  ?                                   
# 
loop_
_struct_site_gen.id 
_struct_site_gen.site_id 
_struct_site_gen.pdbx_num_res 
_struct_site_gen.label_comp_id 
_struct_site_gen.label_asym_id 
_struct_site_gen.label_seq_id 
_struct_site_gen.pdbx_auth_ins_code 
_struct_site_gen.auth_comp_id 
_struct_site_gen.auth_asym_id 
_struct_site_gen.auth_seq_id 
_struct_site_gen.label_atom_id 
_struct_site_gen.label_alt_id 
_struct_site_gen.symmetry 
_struct_site_gen.details 
1  AC1 12 G   A 3  ? G   A 1405 . ? 1_555 ? 
2  AC1 12 C   A 5  ? C   A 1407 . ? 1_555 ? 
3  AC1 12 A   A 6  ? A   A 1408 . ? 1_555 ? 
4  AC1 12 HOH E .  ? HOH B 1    . ? 1_555 ? 
5  AC1 12 HOH E .  ? HOH B 20   . ? 1_555 ? 
6  AC1 12 G   B 14 ? G   B 1491 . ? 1_555 ? 
7  AC1 12 A   B 15 ? A   B 1492 . ? 1_555 ? 
8  AC1 12 A   B 16 ? A   B 1493 . ? 1_555 ? 
9  AC1 12 G   B 17 ? G   B 1494 . ? 1_555 ? 
10 AC1 12 U   B 18 ? U   B 1495 . ? 1_555 ? 
11 AC1 12 C   B 19 ? C   B 1496 . ? 1_555 ? 
12 AC1 12 G   B 20 ? G   B 1497 . ? 1_555 ? 
# 
_pdbx_validate_close_contact.id               1 
_pdbx_validate_close_contact.PDB_model_num    1 
_pdbx_validate_close_contact.auth_atom_id_1   O4 
_pdbx_validate_close_contact.auth_asym_id_1   A 
_pdbx_validate_close_contact.auth_comp_id_1   U 
_pdbx_validate_close_contact.auth_seq_id_1    1495 
_pdbx_validate_close_contact.PDB_ins_code_1   ? 
_pdbx_validate_close_contact.label_alt_id_1   ? 
_pdbx_validate_close_contact.auth_atom_id_2   O4 
_pdbx_validate_close_contact.auth_asym_id_2   B 
_pdbx_validate_close_contact.auth_comp_id_2   U 
_pdbx_validate_close_contact.auth_seq_id_2    1406 
_pdbx_validate_close_contact.PDB_ins_code_2   ? 
_pdbx_validate_close_contact.label_alt_id_2   ? 
_pdbx_validate_close_contact.dist             2.13 
# 
_pdbx_validate_rmsd_bond.id                        1 
_pdbx_validate_rmsd_bond.PDB_model_num             1 
_pdbx_validate_rmsd_bond.auth_atom_id_1            N1 
_pdbx_validate_rmsd_bond.auth_asym_id_1            A 
_pdbx_validate_rmsd_bond.auth_comp_id_1            C 
_pdbx_validate_rmsd_bond.auth_seq_id_1             1412 
_pdbx_validate_rmsd_bond.PDB_ins_code_1            ? 
_pdbx_validate_rmsd_bond.label_alt_id_1            ? 
_pdbx_validate_rmsd_bond.auth_atom_id_2            C2 
_pdbx_validate_rmsd_bond.auth_asym_id_2            A 
_pdbx_validate_rmsd_bond.auth_comp_id_2            C 
_pdbx_validate_rmsd_bond.auth_seq_id_2             1412 
_pdbx_validate_rmsd_bond.PDB_ins_code_2            ? 
_pdbx_validate_rmsd_bond.label_alt_id_2            ? 
_pdbx_validate_rmsd_bond.bond_value                1.459 
_pdbx_validate_rmsd_bond.bond_target_value         1.397 
_pdbx_validate_rmsd_bond.bond_deviation            0.062 
_pdbx_validate_rmsd_bond.bond_standard_deviation   0.010 
_pdbx_validate_rmsd_bond.linker_flag               N 
# 
loop_
_pdbx_validate_rmsd_angle.id 
_pdbx_validate_rmsd_angle.PDB_model_num 
_pdbx_validate_rmsd_angle.auth_atom_id_1 
_pdbx_validate_rmsd_angle.auth_asym_id_1 
_pdbx_validate_rmsd_angle.auth_comp_id_1 
_pdbx_validate_rmsd_angle.auth_seq_id_1 
_pdbx_validate_rmsd_angle.PDB_ins_code_1 
_pdbx_validate_rmsd_angle.label_alt_id_1 
_pdbx_validate_rmsd_angle.auth_atom_id_2 
_pdbx_validate_rmsd_angle.auth_asym_id_2 
_pdbx_validate_rmsd_angle.auth_comp_id_2 
_pdbx_validate_rmsd_angle.auth_seq_id_2 
_pdbx_validate_rmsd_angle.PDB_ins_code_2 
_pdbx_validate_rmsd_angle.label_alt_id_2 
_pdbx_validate_rmsd_angle.auth_atom_id_3 
_pdbx_validate_rmsd_angle.auth_asym_id_3 
_pdbx_validate_rmsd_angle.auth_comp_id_3 
_pdbx_validate_rmsd_angle.auth_seq_id_3 
_pdbx_validate_rmsd_angle.PDB_ins_code_3 
_pdbx_validate_rmsd_angle.label_alt_id_3 
_pdbx_validate_rmsd_angle.angle_value 
_pdbx_validate_rmsd_angle.angle_target_value 
_pdbx_validate_rmsd_angle.angle_deviation 
_pdbx_validate_rmsd_angle.angle_standard_deviation 
_pdbx_validate_rmsd_angle.linker_flag 
1 1 "O3'" A A 1492 ? ? P     A A 1493 ? ? OP1   A A 1493 ? ? 117.37 110.50 6.87  1.10 Y 
2 1 "C2'" A C 1498 ? ? "C3'" A C 1498 ? ? "O3'" A C 1498 ? ? 125.19 113.70 11.49 1.60 N 
3 1 "O3'" B G 1494 ? ? P     B U 1495 ? ? OP2   B U 1495 ? ? 120.38 110.50 9.88  1.10 Y 
4 1 "C5'" B C 1496 ? ? "C4'" B C 1496 ? ? "C3'" B C 1496 ? ? 106.29 115.20 -8.91 1.40 N 
# 
loop_
_pdbx_validate_planes.id 
_pdbx_validate_planes.PDB_model_num 
_pdbx_validate_planes.auth_comp_id 
_pdbx_validate_planes.auth_asym_id 
_pdbx_validate_planes.auth_seq_id 
_pdbx_validate_planes.PDB_ins_code 
_pdbx_validate_planes.label_alt_id 
_pdbx_validate_planes.rmsd 
_pdbx_validate_planes.type 
1 1 U A 1406 ? ? 0.107 'SIDE CHAIN' 
2 1 G B 1494 ? ? 0.079 'SIDE CHAIN' 
# 
_struct_site_keywords.site_id   1 
_struct_site_keywords.text      intercalation 
# 
loop_
_chem_comp_atom.comp_id 
_chem_comp_atom.atom_id 
_chem_comp_atom.type_symbol 
_chem_comp_atom.pdbx_aromatic_flag 
_chem_comp_atom.pdbx_stereo_config 
_chem_comp_atom.pdbx_ordinal 
A   OP3    O N N 1   
A   P      P N N 2   
A   OP1    O N N 3   
A   OP2    O N N 4   
A   "O5'"  O N N 5   
A   "C5'"  C N N 6   
A   "C4'"  C N R 7   
A   "O4'"  O N N 8   
A   "C3'"  C N S 9   
A   "O3'"  O N N 10  
A   "C2'"  C N R 11  
A   "O2'"  O N N 12  
A   "C1'"  C N R 13  
A   N9     N Y N 14  
A   C8     C Y N 15  
A   N7     N Y N 16  
A   C5     C Y N 17  
A   C6     C Y N 18  
A   N6     N N N 19  
A   N1     N Y N 20  
A   C2     C Y N 21  
A   N3     N Y N 22  
A   C4     C Y N 23  
A   HOP3   H N N 24  
A   HOP2   H N N 25  
A   "H5'"  H N N 26  
A   "H5''" H N N 27  
A   "H4'"  H N N 28  
A   "H3'"  H N N 29  
A   "HO3'" H N N 30  
A   "H2'"  H N N 31  
A   "HO2'" H N N 32  
A   "H1'"  H N N 33  
A   H8     H N N 34  
A   H61    H N N 35  
A   H62    H N N 36  
A   H2     H N N 37  
AB6 C11    C N S 38  
AB6 C12    C N R 39  
AB6 C21    C N R 40  
AB6 C22    C N N 41  
AB6 C23    C N N 42  
AB6 C24    C N R 43  
AB6 C25    C N N 44  
AB6 C26    C N N 45  
AB6 C29    C N N 46  
AB6 C30    C N N 47  
AB6 C31    C N R 48  
AB6 C32    C N S 49  
AB6 C33    C N N 50  
AB6 C34    C N N 51  
AB6 O11    O N N 52  
AB6 N21    N N N 53  
AB6 O31    O N N 54  
AB6 C41    C N S 55  
AB6 O41    O N N 56  
AB6 C51    C N R 57  
AB6 O51    O N N 58  
AB6 C61    C N N 59  
AB6 O61    O N N 60  
AB6 N12    N N N 61  
AB6 N32    N N N 62  
AB6 C42    C N R 63  
AB6 C52    C N R 64  
AB6 O52    O N N 65  
AB6 C62    C N S 66  
AB6 O62    O N N 67  
AB6 N31    N N N 68  
AB6 C35    C N N 69  
AB6 N35    N N N 70  
AB6 O36    O N N 71  
AB6 N27    N N N 72  
AB6 O28    O N N 73  
AB6 H11    H N N 74  
AB6 H12    H N N 75  
AB6 H21    H N N 76  
AB6 H221   H N N 77  
AB6 H222   H N N 78  
AB6 H24    H N N 79  
AB6 H251   H N N 80  
AB6 H252   H N N 81  
AB6 H261   H N N 82  
AB6 H262   H N N 83  
AB6 H291   H N N 84  
AB6 H292   H N N 85  
AB6 H301   H N N 86  
AB6 H302   H N N 87  
AB6 H3     H N N 88  
AB6 H32    H N N 89  
AB6 H331   H N N 90  
AB6 H332   H N N 91  
AB6 H341   H N N 92  
AB6 H342   H N N 93  
AB6 H211   H N N 94  
AB6 H212   H N N 95  
AB6 H4     H N N 96  
AB6 H41    H N N 97  
AB6 H2     H N N 98  
AB6 H51    H N N 99  
AB6 H611   H N N 100 
AB6 H612   H N N 101 
AB6 H61    H N N 102 
AB6 H5     H N N 103 
AB6 H321   H N N 104 
AB6 H322   H N N 105 
AB6 H42    H N N 106 
AB6 H52    H N N 107 
AB6 H1     H N N 108 
AB6 H62    H N N 109 
AB6 H31    H N N 110 
AB6 H11A   H N N 111 
AB6 H12A   H N N 112 
AB6 H351   H N N 113 
AB6 H352   H N N 114 
AB6 H271   H N N 115 
AB6 H272   H N N 116 
AB6 H28    H N N 117 
C   OP3    O N N 118 
C   P      P N N 119 
C   OP1    O N N 120 
C   OP2    O N N 121 
C   "O5'"  O N N 122 
C   "C5'"  C N N 123 
C   "C4'"  C N R 124 
C   "O4'"  O N N 125 
C   "C3'"  C N S 126 
C   "O3'"  O N N 127 
C   "C2'"  C N R 128 
C   "O2'"  O N N 129 
C   "C1'"  C N R 130 
C   N1     N N N 131 
C   C2     C N N 132 
C   O2     O N N 133 
C   N3     N N N 134 
C   C4     C N N 135 
C   N4     N N N 136 
C   C5     C N N 137 
C   C6     C N N 138 
C   HOP3   H N N 139 
C   HOP2   H N N 140 
C   "H5'"  H N N 141 
C   "H5''" H N N 142 
C   "H4'"  H N N 143 
C   "H3'"  H N N 144 
C   "HO3'" H N N 145 
C   "H2'"  H N N 146 
C   "HO2'" H N N 147 
C   "H1'"  H N N 148 
C   H41    H N N 149 
C   H42    H N N 150 
C   H5     H N N 151 
C   H6     H N N 152 
G   OP3    O N N 153 
G   P      P N N 154 
G   OP1    O N N 155 
G   OP2    O N N 156 
G   "O5'"  O N N 157 
G   "C5'"  C N N 158 
G   "C4'"  C N R 159 
G   "O4'"  O N N 160 
G   "C3'"  C N S 161 
G   "O3'"  O N N 162 
G   "C2'"  C N R 163 
G   "O2'"  O N N 164 
G   "C1'"  C N R 165 
G   N9     N Y N 166 
G   C8     C Y N 167 
G   N7     N Y N 168 
G   C5     C Y N 169 
G   C6     C N N 170 
G   O6     O N N 171 
G   N1     N N N 172 
G   C2     C N N 173 
G   N2     N N N 174 
G   N3     N N N 175 
G   C4     C Y N 176 
G   HOP3   H N N 177 
G   HOP2   H N N 178 
G   "H5'"  H N N 179 
G   "H5''" H N N 180 
G   "H4'"  H N N 181 
G   "H3'"  H N N 182 
G   "HO3'" H N N 183 
G   "H2'"  H N N 184 
G   "HO2'" H N N 185 
G   "H1'"  H N N 186 
G   H8     H N N 187 
G   H1     H N N 188 
G   H21    H N N 189 
G   H22    H N N 190 
HOH O      O N N 191 
HOH H1     H N N 192 
HOH H2     H N N 193 
U   OP3    O N N 194 
U   P      P N N 195 
U   OP1    O N N 196 
U   OP2    O N N 197 
U   "O5'"  O N N 198 
U   "C5'"  C N N 199 
U   "C4'"  C N R 200 
U   "O4'"  O N N 201 
U   "C3'"  C N S 202 
U   "O3'"  O N N 203 
U   "C2'"  C N R 204 
U   "O2'"  O N N 205 
U   "C1'"  C N R 206 
U   N1     N N N 207 
U   C2     C N N 208 
U   O2     O N N 209 
U   N3     N N N 210 
U   C4     C N N 211 
U   O4     O N N 212 
U   C5     C N N 213 
U   C6     C N N 214 
U   HOP3   H N N 215 
U   HOP2   H N N 216 
U   "H5'"  H N N 217 
U   "H5''" H N N 218 
U   "H4'"  H N N 219 
U   "H3'"  H N N 220 
U   "HO3'" H N N 221 
U   "H2'"  H N N 222 
U   "HO2'" H N N 223 
U   "H1'"  H N N 224 
U   H3     H N N 225 
U   H5     H N N 226 
U   H6     H N N 227 
# 
loop_
_chem_comp_bond.comp_id 
_chem_comp_bond.atom_id_1 
_chem_comp_bond.atom_id_2 
_chem_comp_bond.value_order 
_chem_comp_bond.pdbx_aromatic_flag 
_chem_comp_bond.pdbx_stereo_config 
_chem_comp_bond.pdbx_ordinal 
A   OP3   P      sing N N 1   
A   OP3   HOP3   sing N N 2   
A   P     OP1    doub N N 3   
A   P     OP2    sing N N 4   
A   P     "O5'"  sing N N 5   
A   OP2   HOP2   sing N N 6   
A   "O5'" "C5'"  sing N N 7   
A   "C5'" "C4'"  sing N N 8   
A   "C5'" "H5'"  sing N N 9   
A   "C5'" "H5''" sing N N 10  
A   "C4'" "O4'"  sing N N 11  
A   "C4'" "C3'"  sing N N 12  
A   "C4'" "H4'"  sing N N 13  
A   "O4'" "C1'"  sing N N 14  
A   "C3'" "O3'"  sing N N 15  
A   "C3'" "C2'"  sing N N 16  
A   "C3'" "H3'"  sing N N 17  
A   "O3'" "HO3'" sing N N 18  
A   "C2'" "O2'"  sing N N 19  
A   "C2'" "C1'"  sing N N 20  
A   "C2'" "H2'"  sing N N 21  
A   "O2'" "HO2'" sing N N 22  
A   "C1'" N9     sing N N 23  
A   "C1'" "H1'"  sing N N 24  
A   N9    C8     sing Y N 25  
A   N9    C4     sing Y N 26  
A   C8    N7     doub Y N 27  
A   C8    H8     sing N N 28  
A   N7    C5     sing Y N 29  
A   C5    C6     sing Y N 30  
A   C5    C4     doub Y N 31  
A   C6    N6     sing N N 32  
A   C6    N1     doub Y N 33  
A   N6    H61    sing N N 34  
A   N6    H62    sing N N 35  
A   N1    C2     sing Y N 36  
A   C2    N3     doub Y N 37  
A   C2    H2     sing N N 38  
A   N3    C4     sing Y N 39  
AB6 C11   C21    sing N N 40  
AB6 C11   O11    sing N N 41  
AB6 C11   O51    sing N N 42  
AB6 C11   H11    sing N N 43  
AB6 C12   C22    sing N N 44  
AB6 C12   N12    sing N N 45  
AB6 C12   C62    sing N N 46  
AB6 C12   H12    sing N N 47  
AB6 C21   C31    sing N N 48  
AB6 C21   N21    sing N N 49  
AB6 C21   H21    sing N N 50  
AB6 C22   C32    sing N N 51  
AB6 C22   H221   sing N N 52  
AB6 C22   H222   sing N N 53  
AB6 C23   C24    sing N N 54  
AB6 C23   N12    sing N N 55  
AB6 C23   O36    doub N N 56  
AB6 C24   C25    sing N N 57  
AB6 C24   O28    sing N N 58  
AB6 C24   H24    sing N N 59  
AB6 C25   C26    sing N N 60  
AB6 C25   H251   sing N N 61  
AB6 C25   H252   sing N N 62  
AB6 C26   N27    sing N N 63  
AB6 C26   H261   sing N N 64  
AB6 C26   H262   sing N N 65  
AB6 C29   C30    sing N N 66  
AB6 C29   O62    sing N N 67  
AB6 C29   H291   sing N N 68  
AB6 C29   H292   sing N N 69  
AB6 C30   N31    sing N N 70  
AB6 C30   H301   sing N N 71  
AB6 C30   H302   sing N N 72  
AB6 C31   O31    sing N N 73  
AB6 C31   C41    sing N N 74  
AB6 C31   H3     sing N N 75  
AB6 C32   N32    sing N N 76  
AB6 C32   C42    sing N N 77  
AB6 C32   H32    sing N N 78  
AB6 C33   C34    sing N N 79  
AB6 C33   C35    sing N N 80  
AB6 C33   H331   sing N N 81  
AB6 C33   H332   sing N N 82  
AB6 C34   N35    sing N N 83  
AB6 C34   H341   sing N N 84  
AB6 C34   H342   sing N N 85  
AB6 O11   C42    sing N N 86  
AB6 N21   H211   sing N N 87  
AB6 N21   H212   sing N N 88  
AB6 O31   H4     sing N N 89  
AB6 C41   O41    sing N N 90  
AB6 C41   C51    sing N N 91  
AB6 C41   H41    sing N N 92  
AB6 O41   H2     sing N N 93  
AB6 C51   O51    sing N N 94  
AB6 C51   C61    sing N N 95  
AB6 C51   H51    sing N N 96  
AB6 C61   O61    sing N N 97  
AB6 C61   H611   sing N N 98  
AB6 C61   H612   sing N N 99  
AB6 O61   H61    sing N N 100 
AB6 N12   H5     sing N N 101 
AB6 N32   H321   sing N N 102 
AB6 N32   H322   sing N N 103 
AB6 C42   C52    sing N N 104 
AB6 C42   H42    sing N N 105 
AB6 C52   O52    sing N N 106 
AB6 C52   C62    sing N N 107 
AB6 C52   H52    sing N N 108 
AB6 O52   H1     sing N N 109 
AB6 C62   O62    sing N N 110 
AB6 C62   H62    sing N N 111 
AB6 N31   C35    sing N N 112 
AB6 N31   H31    sing N N 113 
AB6 C35   H11A   sing N N 114 
AB6 C35   H12A   sing N N 115 
AB6 N35   H351   sing N N 116 
AB6 N35   H352   sing N N 117 
AB6 N27   H271   sing N N 118 
AB6 N27   H272   sing N N 119 
AB6 O28   H28    sing N N 120 
C   OP3   P      sing N N 121 
C   OP3   HOP3   sing N N 122 
C   P     OP1    doub N N 123 
C   P     OP2    sing N N 124 
C   P     "O5'"  sing N N 125 
C   OP2   HOP2   sing N N 126 
C   "O5'" "C5'"  sing N N 127 
C   "C5'" "C4'"  sing N N 128 
C   "C5'" "H5'"  sing N N 129 
C   "C5'" "H5''" sing N N 130 
C   "C4'" "O4'"  sing N N 131 
C   "C4'" "C3'"  sing N N 132 
C   "C4'" "H4'"  sing N N 133 
C   "O4'" "C1'"  sing N N 134 
C   "C3'" "O3'"  sing N N 135 
C   "C3'" "C2'"  sing N N 136 
C   "C3'" "H3'"  sing N N 137 
C   "O3'" "HO3'" sing N N 138 
C   "C2'" "O2'"  sing N N 139 
C   "C2'" "C1'"  sing N N 140 
C   "C2'" "H2'"  sing N N 141 
C   "O2'" "HO2'" sing N N 142 
C   "C1'" N1     sing N N 143 
C   "C1'" "H1'"  sing N N 144 
C   N1    C2     sing N N 145 
C   N1    C6     sing N N 146 
C   C2    O2     doub N N 147 
C   C2    N3     sing N N 148 
C   N3    C4     doub N N 149 
C   C4    N4     sing N N 150 
C   C4    C5     sing N N 151 
C   N4    H41    sing N N 152 
C   N4    H42    sing N N 153 
C   C5    C6     doub N N 154 
C   C5    H5     sing N N 155 
C   C6    H6     sing N N 156 
G   OP3   P      sing N N 157 
G   OP3   HOP3   sing N N 158 
G   P     OP1    doub N N 159 
G   P     OP2    sing N N 160 
G   P     "O5'"  sing N N 161 
G   OP2   HOP2   sing N N 162 
G   "O5'" "C5'"  sing N N 163 
G   "C5'" "C4'"  sing N N 164 
G   "C5'" "H5'"  sing N N 165 
G   "C5'" "H5''" sing N N 166 
G   "C4'" "O4'"  sing N N 167 
G   "C4'" "C3'"  sing N N 168 
G   "C4'" "H4'"  sing N N 169 
G   "O4'" "C1'"  sing N N 170 
G   "C3'" "O3'"  sing N N 171 
G   "C3'" "C2'"  sing N N 172 
G   "C3'" "H3'"  sing N N 173 
G   "O3'" "HO3'" sing N N 174 
G   "C2'" "O2'"  sing N N 175 
G   "C2'" "C1'"  sing N N 176 
G   "C2'" "H2'"  sing N N 177 
G   "O2'" "HO2'" sing N N 178 
G   "C1'" N9     sing N N 179 
G   "C1'" "H1'"  sing N N 180 
G   N9    C8     sing Y N 181 
G   N9    C4     sing Y N 182 
G   C8    N7     doub Y N 183 
G   C8    H8     sing N N 184 
G   N7    C5     sing Y N 185 
G   C5    C6     sing N N 186 
G   C5    C4     doub Y N 187 
G   C6    O6     doub N N 188 
G   C6    N1     sing N N 189 
G   N1    C2     sing N N 190 
G   N1    H1     sing N N 191 
G   C2    N2     sing N N 192 
G   C2    N3     doub N N 193 
G   N2    H21    sing N N 194 
G   N2    H22    sing N N 195 
G   N3    C4     sing N N 196 
HOH O     H1     sing N N 197 
HOH O     H2     sing N N 198 
U   OP3   P      sing N N 199 
U   OP3   HOP3   sing N N 200 
U   P     OP1    doub N N 201 
U   P     OP2    sing N N 202 
U   P     "O5'"  sing N N 203 
U   OP2   HOP2   sing N N 204 
U   "O5'" "C5'"  sing N N 205 
U   "C5'" "C4'"  sing N N 206 
U   "C5'" "H5'"  sing N N 207 
U   "C5'" "H5''" sing N N 208 
U   "C4'" "O4'"  sing N N 209 
U   "C4'" "C3'"  sing N N 210 
U   "C4'" "H4'"  sing N N 211 
U   "O4'" "C1'"  sing N N 212 
U   "C3'" "O3'"  sing N N 213 
U   "C3'" "C2'"  sing N N 214 
U   "C3'" "H3'"  sing N N 215 
U   "O3'" "HO3'" sing N N 216 
U   "C2'" "O2'"  sing N N 217 
U   "C2'" "C1'"  sing N N 218 
U   "C2'" "H2'"  sing N N 219 
U   "O2'" "HO2'" sing N N 220 
U   "C1'" N1     sing N N 221 
U   "C1'" "H1'"  sing N N 222 
U   N1    C2     sing N N 223 
U   N1    C6     sing N N 224 
U   C2    O2     doub N N 225 
U   C2    N3     sing N N 226 
U   N3    C4     sing N N 227 
U   N3    H3     sing N N 228 
U   C4    O4     doub N N 229 
U   C4    C5     sing N N 230 
U   C5    C6     doub N N 231 
U   C5    H5     sing N N 232 
U   C6    H6     sing N N 233 
# 
loop_
_ndb_struct_conf_na.entry_id 
_ndb_struct_conf_na.feature 
2F4U 'double helix'         
2F4U 'a-form double helix'  
2F4U 'bulge loop'           
2F4U 'mismatched base pair' 
2F4U 'internal loop'        
# 
loop_
_ndb_struct_na_base_pair.model_number 
_ndb_struct_na_base_pair.i_label_asym_id 
_ndb_struct_na_base_pair.i_label_comp_id 
_ndb_struct_na_base_pair.i_label_seq_id 
_ndb_struct_na_base_pair.i_symmetry 
_ndb_struct_na_base_pair.j_label_asym_id 
_ndb_struct_na_base_pair.j_label_comp_id 
_ndb_struct_na_base_pair.j_label_seq_id 
_ndb_struct_na_base_pair.j_symmetry 
_ndb_struct_na_base_pair.shear 
_ndb_struct_na_base_pair.stretch 
_ndb_struct_na_base_pair.stagger 
_ndb_struct_na_base_pair.buckle 
_ndb_struct_na_base_pair.propeller 
_ndb_struct_na_base_pair.opening 
_ndb_struct_na_base_pair.pair_number 
_ndb_struct_na_base_pair.pair_name 
_ndb_struct_na_base_pair.i_auth_asym_id 
_ndb_struct_na_base_pair.i_auth_seq_id 
_ndb_struct_na_base_pair.i_PDB_ins_code 
_ndb_struct_na_base_pair.j_auth_asym_id 
_ndb_struct_na_base_pair.j_auth_seq_id 
_ndb_struct_na_base_pair.j_PDB_ins_code 
_ndb_struct_na_base_pair.hbond_type_28 
_ndb_struct_na_base_pair.hbond_type_12 
1 A G 1  1_555 B C 21 1_555 -0.748 -0.359 0.211  9.321   -1.323  -10.506 1  A_G1403:C1498_B A 1403 ? B 1498 ? 19 1 
1 A C 2  1_555 B G 20 1_555 -0.500 -0.126 0.090  4.216   -10.079 -1.534  2  A_C1404:G1497_B A 1404 ? B 1497 ? 19 1 
1 A G 3  1_555 B C 19 1_555 -0.096 -0.231 0.171  4.007   3.611   3.068   3  A_G1405:C1496_B A 1405 ? B 1496 ? 19 1 
1 A C 5  1_555 B G 17 1_555 0.392  -0.423 -0.099 6.899   1.960   -1.522  4  A_C1407:G1494_B A 1407 ? B 1494 ? 19 1 
1 A C 7  1_555 B G 14 1_555 -0.949 -0.041 -0.112 8.679   -17.224 2.907   5  A_C1409:G1491_B A 1409 ? B 1491 ? 19 1 
1 A A 8  1_555 B U 13 1_555 -0.149 -0.102 0.155  3.692   -14.842 -2.628  6  A_A1410:U1490_B A 1410 ? B 1490 ? 20 1 
1 A C 9  1_555 B G 12 1_555 -0.236 -0.120 0.350  1.084   -12.776 3.235   7  A_C1411:G1489_B A 1411 ? B 1489 ? 19 1 
1 A C 10 1_555 B G 11 1_555 -0.395 -0.124 -0.281 5.198   -10.001 1.973   8  A_C1412:G1488_B A 1412 ? B 1488 ? 19 1 
1 A G 11 1_555 B C 10 1_555 0.133  -0.194 0.124  0.124   -11.172 1.111   9  A_G1488:C1412_B A 1488 ? B 1412 ? 19 1 
1 A G 12 1_555 B C 9  1_555 -0.179 -0.216 0.255  -1.100  -16.950 3.803   10 A_G1489:C1411_B A 1489 ? B 1411 ? 19 1 
1 A U 13 1_555 B A 8  1_555 0.717  -0.203 0.402  -3.488  -7.763  -0.423  11 A_U1490:A1410_B A 1490 ? B 1410 ? 20 1 
1 A G 14 1_555 B C 7  1_555 0.287  -0.291 0.591  -2.185  -15.944 -8.350  12 A_G1491:C1409_B A 1491 ? B 1409 ? 19 1 
1 A A 16 1_555 B A 6  1_555 -2.293 -3.640 0.386  -18.093 -31.435 77.712  13 A_A1493:A1408_B A 1493 ? B 1408 ? ?  ? 
1 A G 17 1_555 B C 5  1_555 1.048  -0.268 0.013  16.625  -0.807  -5.417  14 A_G1494:C1407_B A 1494 ? B 1407 ? 19 1 
1 A U 18 1_555 B U 4  1_555 -1.025 -2.357 0.244  -2.976  -3.797  -1.149  15 A_U1495:U1406_B A 1495 ? B 1406 ? 16 1 
1 A C 19 1_555 B G 3  1_555 0.311  -0.421 -0.057 5.311   -13.801 0.695   16 A_C1496:G1405_B A 1496 ? B 1405 ? 19 1 
1 A G 20 1_555 B C 2  1_555 0.616  0.244  0.167  -2.549  -4.175  14.021  17 A_G1497:C1404_B A 1497 ? B 1404 ? ?  1 
1 A C 21 1_555 B G 1  1_555 1.002  0.042  -0.206 0.673   -1.427  2.843   18 A_C1498:G1403_B A 1498 ? B 1403 ? 19 1 
# 
loop_
_ndb_struct_na_base_pair_step.model_number 
_ndb_struct_na_base_pair_step.i_label_asym_id_1 
_ndb_struct_na_base_pair_step.i_label_comp_id_1 
_ndb_struct_na_base_pair_step.i_label_seq_id_1 
_ndb_struct_na_base_pair_step.i_symmetry_1 
_ndb_struct_na_base_pair_step.j_label_asym_id_1 
_ndb_struct_na_base_pair_step.j_label_comp_id_1 
_ndb_struct_na_base_pair_step.j_label_seq_id_1 
_ndb_struct_na_base_pair_step.j_symmetry_1 
_ndb_struct_na_base_pair_step.i_label_asym_id_2 
_ndb_struct_na_base_pair_step.i_label_comp_id_2 
_ndb_struct_na_base_pair_step.i_label_seq_id_2 
_ndb_struct_na_base_pair_step.i_symmetry_2 
_ndb_struct_na_base_pair_step.j_label_asym_id_2 
_ndb_struct_na_base_pair_step.j_label_comp_id_2 
_ndb_struct_na_base_pair_step.j_label_seq_id_2 
_ndb_struct_na_base_pair_step.j_symmetry_2 
_ndb_struct_na_base_pair_step.shift 
_ndb_struct_na_base_pair_step.slide 
_ndb_struct_na_base_pair_step.rise 
_ndb_struct_na_base_pair_step.tilt 
_ndb_struct_na_base_pair_step.roll 
_ndb_struct_na_base_pair_step.twist 
_ndb_struct_na_base_pair_step.x_displacement 
_ndb_struct_na_base_pair_step.y_displacement 
_ndb_struct_na_base_pair_step.helical_rise 
_ndb_struct_na_base_pair_step.inclination 
_ndb_struct_na_base_pair_step.tip 
_ndb_struct_na_base_pair_step.helical_twist 
_ndb_struct_na_base_pair_step.step_number 
_ndb_struct_na_base_pair_step.step_name 
_ndb_struct_na_base_pair_step.i_auth_asym_id_1 
_ndb_struct_na_base_pair_step.i_auth_seq_id_1 
_ndb_struct_na_base_pair_step.i_PDB_ins_code_1 
_ndb_struct_na_base_pair_step.j_auth_asym_id_1 
_ndb_struct_na_base_pair_step.j_auth_seq_id_1 
_ndb_struct_na_base_pair_step.j_PDB_ins_code_1 
_ndb_struct_na_base_pair_step.i_auth_asym_id_2 
_ndb_struct_na_base_pair_step.i_auth_seq_id_2 
_ndb_struct_na_base_pair_step.i_PDB_ins_code_2 
_ndb_struct_na_base_pair_step.j_auth_asym_id_2 
_ndb_struct_na_base_pair_step.j_auth_seq_id_2 
_ndb_struct_na_base_pair_step.j_PDB_ins_code_2 
1 A G 1  1_555 B C 21 1_555 A C 2  1_555 B G 20 1_555 0.410  -2.031 3.457 2.256    0.203   34.254   -3.476 -0.321 3.465 0.344  
-3.825 34.326   1  AA_G1403C1404:G1497C1498_BB A 1403 ? B 1498 ? A 1404 ? B 1497 ? 
1 A C 2  1_555 B G 20 1_555 A G 3  1_555 B C 19 1_555 -0.105 -1.575 3.140 -0.356   11.594  35.332   -3.849 0.122  2.518 18.497 
0.568  37.130   2  AA_C1404G1405:C1496G1497_BB A 1404 ? B 1497 ? A 1405 ? B 1496 ? 
1 A C 5  1_555 B G 17 1_555 A C 7  1_555 B G 14 1_555 1.995  -3.229 6.250 -6.792   15.890  75.885   -3.397 -1.943 5.427 12.765 
5.456  77.538   3  AA_C1407C1409:G1491G1494_BB A 1407 ? B 1494 ? A 1409 ? B 1491 ? 
1 A C 7  1_555 B G 14 1_555 A A 8  1_555 B U 13 1_555 -0.378 -1.556 3.321 -4.364   15.210  37.438   -3.838 0.088  2.553 22.506 
6.457  40.534   4  AA_C1409A1410:U1490G1491_BB A 1409 ? B 1491 ? A 1410 ? B 1490 ? 
1 A A 8  1_555 B U 13 1_555 A C 9  1_555 B G 12 1_555 1.210  -2.176 3.219 0.008    -0.204  29.662   -4.209 -2.361 3.234 -0.399 
-0.015 29.662   5  AA_A1410C1411:G1489U1490_BB A 1410 ? B 1490 ? A 1411 ? B 1489 ? 
1 A C 9  1_555 B G 12 1_555 A C 10 1_555 B G 11 1_555 -0.744 -2.071 3.054 2.918    5.755   29.213   -5.043 1.963  2.524 11.237 
-5.698 29.902   6  AA_C1411C1412:G1488G1489_BB A 1411 ? B 1489 ? A 1412 ? B 1488 ? 
1 A C 10 1_555 B G 11 1_555 A G 11 1_555 B C 10 1_555 -0.210 -1.849 3.525 -3.292   6.469   29.339   -4.891 -0.280 3.061 12.532 
6.378  30.205   7  AA_C1412G1488:C1412G1488_BB A 1412 ? B 1488 ? A 1488 ? B 1412 ? 
1 A G 11 1_555 B C 10 1_555 A G 12 1_555 B C 9  1_555 -0.032 -1.432 3.062 -1.927   7.202   37.375   -3.014 -0.171 2.747 11.104 
2.970  38.085   8  AA_G1488G1489:C1411C1412_BB A 1488 ? B 1412 ? A 1489 ? B 1411 ? 
1 A G 12 1_555 B C 9  1_555 A U 13 1_555 B A 8  1_555 0.394  -1.143 3.185 1.097    9.726   36.912   -2.896 -0.473 2.815 15.039 
-1.697 38.144   9  AA_G1489U1490:A1410C1411_BB A 1489 ? B 1411 ? A 1490 ? B 1410 ? 
1 A U 13 1_555 B A 8  1_555 A G 14 1_555 B C 7  1_555 0.082  -1.992 2.963 4.320    7.614   27.902   -5.321 0.616  2.335 15.319 
-8.692 29.216   10 AA_U1490G1491:C1409A1410_BB A 1490 ? B 1410 ? A 1491 ? B 1409 ? 
1 A G 14 1_555 B C 7  1_555 A A 16 1_555 B A 6  1_555 -1.624 2.216  2.568 150.715  11.472  -120.425 -1.171 -0.101 2.950 -5.876 
77.193 -165.783 11 AA_G1491A1493:A1408C1409_BB A 1491 ? B 1409 ? A 1493 ? B 1408 ? 
1 A A 16 1_555 B A 6  1_555 A G 17 1_555 B C 5  1_555 5.434  0.095  1.544 -134.569 104.043 166.068  0.000  -2.778 1.020 52.044 
67.313 178.801  12 AA_A1493G1494:C1407A1408_BB A 1493 ? B 1408 ? A 1494 ? B 1407 ? 
1 A G 17 1_555 B C 5  1_555 A U 18 1_555 B U 4  1_555 -0.377 -2.185 3.458 -9.597   5.255   28.743   -5.177 -1.210 2.990 10.134 
18.508 30.714   13 AA_G1494U1495:U1406C1407_BB A 1494 ? B 1407 ? A 1495 ? B 1406 ? 
1 A U 18 1_555 B U 4  1_555 A C 19 1_555 B G 3  1_555 -0.293 -1.035 2.998 3.789    -4.294  38.331   -1.072 0.873  3.050 -6.495 
-5.732 38.741   14 AA_U1495C1496:G1405U1406_BB A 1495 ? B 1406 ? A 1496 ? B 1405 ? 
1 A C 19 1_555 B G 3  1_555 A G 20 1_555 B C 2  1_555 0.016  -2.235 3.341 -2.190   7.631   27.193   -6.213 -0.504 2.619 15.808 
4.536  28.307   15 AA_C1496G1497:C1404G1405_BB A 1496 ? B 1405 ? A 1497 ? B 1404 ? 
1 A G 20 1_555 B C 2  1_555 A C 21 1_555 B G 1  1_555 -0.199 -1.900 3.339 3.636    2.017   34.522   -3.488 0.889  3.189 3.383  
-6.100 34.764   16 AA_G1497C1498:G1403C1404_BB A 1497 ? B 1404 ? A 1498 ? B 1403 ? 
# 
_atom_sites.entry_id                    2F4U 
_atom_sites.fract_transf_matrix[1][1]   -0.02777052 
_atom_sites.fract_transf_matrix[1][2]   0.00626316 
_atom_sites.fract_transf_matrix[1][3]   -0.01011313 
_atom_sites.fract_transf_matrix[2][1]   -0.00735774 
_atom_sites.fract_transf_matrix[2][2]   -0.01812514 
_atom_sites.fract_transf_matrix[2][3]   0.00897917 
_atom_sites.fract_transf_matrix[3][1]   -0.00218325 
_atom_sites.fract_transf_matrix[3][2]   0.00556305 
_atom_sites.fract_transf_matrix[3][3]   0.00944044 
_atom_sites.fract_transf_vector[1]      0.938993 
_atom_sites.fract_transf_vector[2]      0.422894 
_atom_sites.fract_transf_vector[3]      0.132379 
# 
loop_
_atom_type.symbol 
C 
N 
O 
P 
# 
loop_
_atom_site.group_PDB 
_atom_site.id 
_atom_site.type_symbol 
_atom_site.label_atom_id 
_atom_site.label_alt_id 
_atom_site.label_comp_id 
_atom_site.label_asym_id 
_atom_site.label_entity_id 
_atom_site.label_seq_id 
_atom_site.pdbx_PDB_ins_code 
_atom_site.Cartn_x 
_atom_site.Cartn_y 
_atom_site.Cartn_z 
_atom_site.occupancy 
_atom_site.B_iso_or_equiv 
_atom_site.pdbx_formal_charge 
_atom_site.auth_seq_id 
_atom_site.auth_comp_id 
_atom_site.auth_asym_id 
_atom_site.auth_atom_id 
_atom_site.pdbx_PDB_model_num 
ATOM   1   O "O5'" . G   A 1 1  ? 1.322   17.846  -17.342 1.00 63.13 ? 1403 G   A "O5'" 1 
ATOM   2   C "C5'" . G   A 1 1  ? 2.260   18.966  -17.348 1.00 66.57 ? 1403 G   A "C5'" 1 
ATOM   3   C "C4'" . G   A 1 1  ? 2.154   20.159  -16.373 1.00 67.20 ? 1403 G   A "C4'" 1 
ATOM   4   O "O4'" . G   A 1 1  ? 1.146   21.119  -16.801 1.00 67.91 ? 1403 G   A "O4'" 1 
ATOM   5   C "C3'" . G   A 1 1  ? 1.851   19.865  -14.905 1.00 66.30 ? 1403 G   A "C3'" 1 
ATOM   6   O "O3'" . G   A 1 1  ? 3.067   19.509  -14.200 1.00 64.82 ? 1403 G   A "O3'" 1 
ATOM   7   C "C2'" . G   A 1 1  ? 1.203   21.170  -14.407 1.00 66.91 ? 1403 G   A "C2'" 1 
ATOM   8   O "O2'" . G   A 1 1  ? 2.073   22.180  -13.942 1.00 65.00 ? 1403 G   A "O2'" 1 
ATOM   9   C "C1'" . G   A 1 1  ? 0.500   21.686  -15.663 1.00 67.77 ? 1403 G   A "C1'" 1 
ATOM   10  N N9    . G   A 1 1  ? -0.912  21.318  -15.729 1.00 69.20 ? 1403 G   A N9    1 
ATOM   11  C C8    . G   A 1 1  ? -1.477  20.453  -16.644 1.00 70.05 ? 1403 G   A C8    1 
ATOM   12  N N7    . G   A 1 1  ? -2.765  20.289  -16.479 1.00 69.94 ? 1403 G   A N7    1 
ATOM   13  C C5    . G   A 1 1  ? -3.075  21.090  -15.390 1.00 69.40 ? 1403 G   A C5    1 
ATOM   14  C C6    . G   A 1 1  ? -4.318  21.296  -14.744 1.00 69.08 ? 1403 G   A C6    1 
ATOM   15  O O6    . G   A 1 1  ? -5.419  20.783  -15.006 1.00 68.28 ? 1403 G   A O6    1 
ATOM   16  N N1    . G   A 1 1  ? -4.194  22.184  -13.683 1.00 68.92 ? 1403 G   A N1    1 
ATOM   17  C C2    . G   A 1 1  ? -3.014  22.773  -13.278 1.00 68.86 ? 1403 G   A C2    1 
ATOM   18  N N2    . G   A 1 1  ? -3.106  23.576  -12.198 1.00 69.00 ? 1403 G   A N2    1 
ATOM   19  N N3    . G   A 1 1  ? -1.837  22.583  -13.875 1.00 68.83 ? 1403 G   A N3    1 
ATOM   20  C C4    . G   A 1 1  ? -1.941  21.739  -14.914 1.00 69.35 ? 1403 G   A C4    1 
ATOM   21  P P     . C   A 1 2  ? 2.993   18.722  -12.783 1.00 62.79 ? 1404 C   A P     1 
ATOM   22  O OP1   . C   A 1 2  ? 4.359   18.343  -12.353 1.00 61.34 ? 1404 C   A OP1   1 
ATOM   23  O OP2   . C   A 1 2  ? 1.934   17.666  -12.819 1.00 62.24 ? 1404 C   A OP2   1 
ATOM   24  O "O5'" . C   A 1 2  ? 2.508   19.857  -11.781 1.00 61.53 ? 1404 C   A "O5'" 1 
ATOM   25  C "C5'" . C   A 1 2  ? 2.051   19.482  -10.496 1.00 59.87 ? 1404 C   A "C5'" 1 
ATOM   26  C "C4'" . C   A 1 2  ? 1.203   20.562  -9.896  1.00 57.51 ? 1404 C   A "C4'" 1 
ATOM   27  O "O4'" . C   A 1 2  ? 0.261   21.078  -10.864 1.00 56.50 ? 1404 C   A "O4'" 1 
ATOM   28  C "C3'" . C   A 1 2  ? 0.350   19.963  -8.813  1.00 55.91 ? 1404 C   A "C3'" 1 
ATOM   29  O "O3'" . C   A 1 2  ? 1.036   19.896  -7.610  1.00 55.30 ? 1404 C   A "O3'" 1 
ATOM   30  C "C2'" . C   A 1 2  ? -0.864  20.845  -8.773  1.00 54.96 ? 1404 C   A "C2'" 1 
ATOM   31  O "O2'" . C   A 1 2  ? -0.567  21.923  -7.935  1.00 54.60 ? 1404 C   A "O2'" 1 
ATOM   32  C "C1'" . C   A 1 2  ? -1.026  21.201  -10.260 1.00 54.67 ? 1404 C   A "C1'" 1 
ATOM   33  N N1    . C   A 1 2  ? -1.959  20.303  -11.005 1.00 54.11 ? 1404 C   A N1    1 
ATOM   34  C C2    . C   A 1 2  ? -3.338  20.276  -10.662 1.00 53.56 ? 1404 C   A C2    1 
ATOM   35  O O2    . C   A 1 2  ? -3.746  20.980  -9.727  1.00 54.89 ? 1404 C   A O2    1 
ATOM   36  N N3    . C   A 1 2  ? -4.185  19.475  -11.367 1.00 52.11 ? 1404 C   A N3    1 
ATOM   37  C C4    . C   A 1 2  ? -3.716  18.724  -12.365 1.00 51.23 ? 1404 C   A C4    1 
ATOM   38  N N4    . C   A 1 2  ? -4.584  17.974  -13.040 1.00 50.12 ? 1404 C   A N4    1 
ATOM   39  C C5    . C   A 1 2  ? -2.335  18.716  -12.719 1.00 51.15 ? 1404 C   A C5    1 
ATOM   40  C C6    . C   A 1 2  ? -1.500  19.510  -12.024 1.00 52.91 ? 1404 C   A C6    1 
ATOM   41  P P     . G   A 1 3  ? 1.218   18.466  -6.923  1.00 56.73 ? 1405 G   A P     1 
ATOM   42  O OP1   . G   A 1 3  ? 2.336   18.582  -5.931  1.00 56.46 ? 1405 G   A OP1   1 
ATOM   43  O OP2   . G   A 1 3  ? 1.351   17.482  -8.060  1.00 56.47 ? 1405 G   A OP2   1 
ATOM   44  O "O5'" . G   A 1 3  ? -0.186  18.222  -6.184  1.00 55.38 ? 1405 G   A "O5'" 1 
ATOM   45  C "C5'" . G   A 1 3  ? -0.652  19.144  -5.210  1.00 54.32 ? 1405 G   A "C5'" 1 
ATOM   46  C "C4'" . G   A 1 3  ? -2.066  18.844  -4.812  1.00 54.05 ? 1405 G   A "C4'" 1 
ATOM   47  O "O4'" . G   A 1 3  ? -3.001  19.231  -5.838  1.00 53.04 ? 1405 G   A "O4'" 1 
ATOM   48  C "C3'" . G   A 1 3  ? -2.399  17.403  -4.529  1.00 55.00 ? 1405 G   A "C3'" 1 
ATOM   49  O "O3'" . G   A 1 3  ? -1.920  16.991  -3.265  1.00 59.32 ? 1405 G   A "O3'" 1 
ATOM   50  C "C2'" . G   A 1 3  ? -3.917  17.361  -4.687  1.00 53.29 ? 1405 G   A "C2'" 1 
ATOM   51  O "O2'" . G   A 1 3  ? -4.648  17.746  -3.534  1.00 52.40 ? 1405 G   A "O2'" 1 
ATOM   52  C "C1'" . G   A 1 3  ? -4.127  18.353  -5.826  1.00 50.27 ? 1405 G   A "C1'" 1 
ATOM   53  N N9    . G   A 1 3  ? -4.225  17.710  -7.139  1.00 46.45 ? 1405 G   A N9    1 
ATOM   54  C C8    . G   A 1 3  ? -3.210  17.571  -8.086  1.00 46.01 ? 1405 G   A C8    1 
ATOM   55  N N7    . G   A 1 3  ? -3.612  16.994  -9.196  1.00 43.75 ? 1405 G   A N7    1 
ATOM   56  C C5    . G   A 1 3  ? -4.968  16.741  -8.973  1.00 42.04 ? 1405 G   A C5    1 
ATOM   57  C C6    . G   A 1 3  ? -5.934  16.173  -9.816  1.00 39.62 ? 1405 G   A C6    1 
ATOM   58  O O6    . G   A 1 3  ? -5.806  15.776  -10.933 1.00 40.35 ? 1405 G   A O6    1 
ATOM   59  N N1    . G   A 1 3  ? -7.164  16.085  -9.222  1.00 39.80 ? 1405 G   A N1    1 
ATOM   60  C C2    . G   A 1 3  ? -7.437  16.480  -7.954  1.00 40.96 ? 1405 G   A C2    1 
ATOM   61  N N2    . G   A 1 3  ? -8.711  16.249  -7.541  1.00 40.45 ? 1405 G   A N2    1 
ATOM   62  N N3    . G   A 1 3  ? -6.545  17.042  -7.136  1.00 41.18 ? 1405 G   A N3    1 
ATOM   63  C C4    . G   A 1 3  ? -5.348  17.145  -7.704  1.00 43.13 ? 1405 G   A C4    1 
ATOM   64  P P     . U   A 1 4  ? -0.799  15.850  -3.216  1.00 62.47 ? 1406 U   A P     1 
ATOM   65  O OP1   . U   A 1 4  ? 0.034   15.987  -2.014  1.00 61.34 ? 1406 U   A OP1   1 
ATOM   66  O OP2   . U   A 1 4  ? -0.158  15.751  -4.565  1.00 62.15 ? 1406 U   A OP2   1 
ATOM   67  O "O5'" . U   A 1 4  ? -1.639  14.520  -3.086  1.00 65.56 ? 1406 U   A "O5'" 1 
ATOM   68  C "C5'" . U   A 1 4  ? -3.009  14.546  -2.704  1.00 70.29 ? 1406 U   A "C5'" 1 
ATOM   69  C "C4'" . U   A 1 4  ? -3.196  13.606  -1.561  1.00 73.22 ? 1406 U   A "C4'" 1 
ATOM   70  O "O4'" . U   A 1 4  ? -2.386  14.064  -0.454  1.00 75.77 ? 1406 U   A "O4'" 1 
ATOM   71  C "C3'" . U   A 1 4  ? -4.614  13.507  -1.056  1.00 73.23 ? 1406 U   A "C3'" 1 
ATOM   72  O "O3'" . U   A 1 4  ? -5.335  12.521  -1.830  1.00 68.92 ? 1406 U   A "O3'" 1 
ATOM   73  C "C2'" . U   A 1 4  ? -4.458  13.260  0.452   1.00 76.44 ? 1406 U   A "C2'" 1 
ATOM   74  O "O2'" . U   A 1 4  ? -4.476  11.893  0.896   1.00 78.81 ? 1406 U   A "O2'" 1 
ATOM   75  C "C1'" . U   A 1 4  ? -3.102  13.930  0.762   1.00 77.71 ? 1406 U   A "C1'" 1 
ATOM   76  N N1    . U   A 1 4  ? -3.095  15.257  1.400   1.00 79.79 ? 1406 U   A N1    1 
ATOM   77  C C2    . U   A 1 4  ? -3.534  16.323  0.631   1.00 81.24 ? 1406 U   A C2    1 
ATOM   78  O O2    . U   A 1 4  ? -4.063  16.167  -0.481  1.00 81.90 ? 1406 U   A O2    1 
ATOM   79  N N3    . U   A 1 4  ? -3.331  17.573  1.196   1.00 81.95 ? 1406 U   A N3    1 
ATOM   80  C C4    . U   A 1 4  ? -2.763  17.858  2.429   1.00 81.93 ? 1406 U   A C4    1 
ATOM   81  O O4    . U   A 1 4  ? -2.446  19.018  2.678   1.00 82.06 ? 1406 U   A O4    1 
ATOM   82  C C5    . U   A 1 4  ? -2.415  16.689  3.214   1.00 81.67 ? 1406 U   A C5    1 
ATOM   83  C C6    . U   A 1 4  ? -2.596  15.455  2.687   1.00 80.54 ? 1406 U   A C6    1 
ATOM   84  P P     . C   A 1 5  ? -4.686  11.040  -2.200  1.00 64.53 ? 1407 C   A P     1 
ATOM   85  O OP1   . C   A 1 5  ? -4.373  10.222  -0.982  1.00 65.24 ? 1407 C   A OP1   1 
ATOM   86  O OP2   . C   A 1 5  ? -3.631  11.144  -3.228  1.00 63.71 ? 1407 C   A OP2   1 
ATOM   87  O "O5'" . C   A 1 5  ? -5.973  10.367  -2.876  1.00 58.83 ? 1407 C   A "O5'" 1 
ATOM   88  C "C5'" . C   A 1 5  ? -7.291  10.607  -2.311  1.00 52.29 ? 1407 C   A "C5'" 1 
ATOM   89  C "C4'" . C   A 1 5  ? -8.371  10.009  -3.170  1.00 47.52 ? 1407 C   A "C4'" 1 
ATOM   90  O "O4'" . C   A 1 5  ? -8.388  10.679  -4.453  1.00 46.35 ? 1407 C   A "O4'" 1 
ATOM   91  C "C3'" . C   A 1 5  ? -8.143  8.565   -3.521  1.00 46.02 ? 1407 C   A "C3'" 1 
ATOM   92  O "O3'" . C   A 1 5  ? -8.580  7.684   -2.553  1.00 46.99 ? 1407 C   A "O3'" 1 
ATOM   93  C "C2'" . C   A 1 5  ? -8.894  8.375   -4.825  1.00 44.36 ? 1407 C   A "C2'" 1 
ATOM   94  O "O2'" . C   A 1 5  ? -10.253 8.013   -4.659  1.00 43.75 ? 1407 C   A "O2'" 1 
ATOM   95  C "C1'" . C   A 1 5  ? -8.696  9.740   -5.487  1.00 41.94 ? 1407 C   A "C1'" 1 
ATOM   96  N N1    . C   A 1 5  ? -7.595  9.713   -6.476  1.00 36.40 ? 1407 C   A N1    1 
ATOM   97  C C2    . C   A 1 5  ? -7.860  9.170   -7.745  1.00 35.17 ? 1407 C   A C2    1 
ATOM   98  O O2    . C   A 1 5  ? -9.002  8.772   -7.973  1.00 32.15 ? 1407 C   A O2    1 
ATOM   99  N N3    . C   A 1 5  ? -6.854  9.088   -8.678  1.00 33.61 ? 1407 C   A N3    1 
ATOM   100 C C4    . C   A 1 5  ? -5.629  9.548   -8.369  1.00 32.86 ? 1407 C   A C4    1 
ATOM   101 N N4    . C   A 1 5  ? -4.687  9.475   -9.279  1.00 31.98 ? 1407 C   A N4    1 
ATOM   102 C C5    . C   A 1 5  ? -5.328  10.126  -7.067  1.00 33.18 ? 1407 C   A C5    1 
ATOM   103 C C6    . C   A 1 5  ? -6.338  10.182  -6.169  1.00 35.12 ? 1407 C   A C6    1 
ATOM   104 P P     . A   A 1 6  ? -7.894  6.240   -2.466  1.00 49.05 ? 1408 A   A P     1 
ATOM   105 O OP1   . A   A 1 6  ? -8.447  5.628   -1.201  1.00 48.85 ? 1408 A   A OP1   1 
ATOM   106 O OP2   . A   A 1 6  ? -6.410  6.451   -2.596  1.00 47.40 ? 1408 A   A OP2   1 
ATOM   107 O "O5'" . A   A 1 6  ? -8.418  5.476   -3.780  1.00 46.06 ? 1408 A   A "O5'" 1 
ATOM   108 C "C5'" . A   A 1 6  ? -9.831  5.289   -3.994  1.00 42.22 ? 1408 A   A "C5'" 1 
ATOM   109 C "C4'" . A   A 1 6  ? -10.100 4.698   -5.359  1.00 41.32 ? 1408 A   A "C4'" 1 
ATOM   110 O "O4'" . A   A 1 6  ? -9.691  5.606   -6.407  1.00 39.37 ? 1408 A   A "O4'" 1 
ATOM   111 C "C3'" . A   A 1 6  ? -9.373  3.410   -5.706  1.00 41.52 ? 1408 A   A "C3'" 1 
ATOM   112 O "O3'" . A   A 1 6  ? -10.044 2.288   -5.222  1.00 42.95 ? 1408 A   A "O3'" 1 
ATOM   113 C "C2'" . A   A 1 6  ? -9.420  3.390   -7.208  1.00 39.13 ? 1408 A   A "C2'" 1 
ATOM   114 O "O2'" . A   A 1 6  ? -10.690 2.900   -7.555  1.00 38.93 ? 1408 A   A "O2'" 1 
ATOM   115 C "C1'" . A   A 1 6  ? -9.258  4.870   -7.535  1.00 36.93 ? 1408 A   A "C1'" 1 
ATOM   116 N N9    . A   A 1 6  ? -7.878  5.255   -7.816  1.00 34.46 ? 1408 A   A N9    1 
ATOM   117 C C8    . A   A 1 6  ? -6.993  5.908   -7.008  1.00 36.35 ? 1408 A   A C8    1 
ATOM   118 N N7    . A   A 1 6  ? -5.824  6.144   -7.572  1.00 35.22 ? 1408 A   A N7    1 
ATOM   119 C C5    . A   A 1 6  ? -5.946  5.574   -8.808  1.00 32.66 ? 1408 A   A C5    1 
ATOM   120 C C6    . A   A 1 6  ? -5.056  5.444   -9.860  1.00 30.56 ? 1408 A   A C6    1 
ATOM   121 N N6    . A   A 1 6  ? -3.804  5.863   -9.855  1.00 27.40 ? 1408 A   A N6    1 
ATOM   122 N N1    . A   A 1 6  ? -5.506  4.850   -10.957 1.00 31.66 ? 1408 A   A N1    1 
ATOM   123 C C2    . A   A 1 6  ? -6.766  4.386   -10.984 1.00 32.70 ? 1408 A   A C2    1 
ATOM   124 N N3    . A   A 1 6  ? -7.685  4.419   -10.050 1.00 33.55 ? 1408 A   A N3    1 
ATOM   125 C C4    . A   A 1 6  ? -7.211  5.038   -8.977  1.00 33.65 ? 1408 A   A C4    1 
ATOM   126 P P     . C   A 1 7  ? -9.206  1.120   -4.549  1.00 44.74 ? 1409 C   A P     1 
ATOM   127 O OP1   . C   A 1 7  ? -10.303 0.241   -3.988  1.00 43.91 ? 1409 C   A OP1   1 
ATOM   128 O OP2   . C   A 1 7  ? -8.125  1.645   -3.639  1.00 42.96 ? 1409 C   A OP2   1 
ATOM   129 O "O5'" . C   A 1 7  ? -8.494  0.511   -5.843  1.00 46.11 ? 1409 C   A "O5'" 1 
ATOM   130 C "C5'" . C   A 1 7  ? -9.279  -0.080  -6.884  1.00 44.44 ? 1409 C   A "C5'" 1 
ATOM   131 C "C4'" . C   A 1 7  ? -8.412  -0.428  -8.060  1.00 43.86 ? 1409 C   A "C4'" 1 
ATOM   132 O "O4'" . C   A 1 7  ? -7.984  0.812   -8.639  1.00 42.05 ? 1409 C   A "O4'" 1 
ATOM   133 C "C3'" . C   A 1 7  ? -7.108  -1.187  -7.854  1.00 44.22 ? 1409 C   A "C3'" 1 
ATOM   134 O "O3'" . C   A 1 7  ? -7.233  -2.560  -7.774  1.00 45.34 ? 1409 C   A "O3'" 1 
ATOM   135 C "C2'" . C   A 1 7  ? -6.342  -0.832  -9.111  1.00 44.83 ? 1409 C   A "C2'" 1 
ATOM   136 O "O2'" . C   A 1 7  ? -6.666  -1.645  -10.222 1.00 47.10 ? 1409 C   A "O2'" 1 
ATOM   137 C "C1'" . C   A 1 7  ? -6.793  0.610   -9.336  1.00 41.00 ? 1409 C   A "C1'" 1 
ATOM   138 N N1    . C   A 1 7  ? -5.821  1.490   -8.753  1.00 37.19 ? 1409 C   A N1    1 
ATOM   139 C C2    . C   A 1 7  ? -4.674  1.703   -9.432  1.00 35.75 ? 1409 C   A C2    1 
ATOM   140 O O2    . C   A 1 7  ? -4.542  1.163   -10.513 1.00 37.38 ? 1409 C   A O2    1 
ATOM   141 N N3    . C   A 1 7  ? -3.734  2.485   -8.918  1.00 35.09 ? 1409 C   A N3    1 
ATOM   142 C C4    . C   A 1 7  ? -3.924  3.059   -7.753  1.00 35.61 ? 1409 C   A C4    1 
ATOM   143 N N4    . C   A 1 7  ? -2.969  3.816   -7.293  1.00 36.76 ? 1409 C   A N4    1 
ATOM   144 C C5    . C   A 1 7  ? -5.104  2.876   -7.014  1.00 35.04 ? 1409 C   A C5    1 
ATOM   145 C C6    . C   A 1 7  ? -6.033  2.082   -7.547  1.00 36.00 ? 1409 C   A C6    1 
ATOM   146 P P     . A   A 1 8  ? -6.517  -3.333  -6.580  1.00 48.28 ? 1410 A   A P     1 
ATOM   147 O OP1   . A   A 1 8  ? -7.374  -4.510  -6.427  1.00 49.50 ? 1410 A   A OP1   1 
ATOM   148 O OP2   . A   A 1 8  ? -6.306  -2.445  -5.431  1.00 49.03 ? 1410 A   A OP2   1 
ATOM   149 O "O5'" . A   A 1 8  ? -5.109  -3.755  -7.156  1.00 49.23 ? 1410 A   A "O5'" 1 
ATOM   150 C "C5'" . A   A 1 8  ? -5.038  -4.522  -8.356  1.00 47.18 ? 1410 A   A "C5'" 1 
ATOM   151 C "C4'" . A   A 1 8  ? -3.664  -4.457  -8.926  1.00 47.60 ? 1410 A   A "C4'" 1 
ATOM   152 O "O4'" . A   A 1 8  ? -3.427  -3.135  -9.449  1.00 47.30 ? 1410 A   A "O4'" 1 
ATOM   153 C "C3'" . A   A 1 8  ? -2.526  -4.671  -7.957  1.00 48.13 ? 1410 A   A "C3'" 1 
ATOM   154 O "O3'" . A   A 1 8  ? -2.287  -6.041  -7.666  1.00 48.54 ? 1410 A   A "O3'" 1 
ATOM   155 C "C2'" . A   A 1 8  ? -1.358  -3.992  -8.659  1.00 48.28 ? 1410 A   A "C2'" 1 
ATOM   156 O "O2'" . A   A 1 8  ? -0.715  -4.805  -9.631  1.00 49.20 ? 1410 A   A "O2'" 1 
ATOM   157 C "C1'" . A   A 1 8  ? -2.056  -2.804  -9.326  1.00 47.39 ? 1410 A   A "C1'" 1 
ATOM   158 N N9    . A   A 1 8  ? -1.939  -1.610  -8.493  1.00 46.10 ? 1410 A   A N9    1 
ATOM   159 C C8    . A   A 1 8  ? -2.865  -1.071  -7.624  1.00 45.72 ? 1410 A   A C8    1 
ATOM   160 N N7    . A   A 1 8  ? -2.415  -0.049  -6.947  1.00 44.35 ? 1410 A   A N7    1 
ATOM   161 C C5    . A   A 1 8  ? -1.112  0.123   -7.421  1.00 45.25 ? 1410 A   A C5    1 
ATOM   162 C C6    . A   A 1 8  ? -0.095  1.059   -7.120  1.00 44.70 ? 1410 A   A C6    1 
ATOM   163 N N6    . A   A 1 8  ? -0.231  2.023   -6.212  1.00 47.94 ? 1410 A   A N6    1 
ATOM   164 N N1    . A   A 1 8  ? 1.075   0.967   -7.788  1.00 44.18 ? 1410 A   A N1    1 
ATOM   165 C C2    . A   A 1 8  ? 1.221   0.000   -8.683  1.00 43.64 ? 1410 A   A C2    1 
ATOM   166 N N3    . A   A 1 8  ? 0.347   -0.941  -9.056  1.00 44.37 ? 1410 A   A N3    1 
ATOM   167 C C4    . A   A 1 8  ? -0.816  -0.821  -8.384  1.00 45.07 ? 1410 A   A C4    1 
ATOM   168 P P     . C   A 1 9  ? -1.789  -6.447  -6.184  1.00 48.47 ? 1411 C   A P     1 
ATOM   169 O OP1   . C   A 1 9  ? -1.749  -7.925  -6.229  1.00 48.39 ? 1411 C   A OP1   1 
ATOM   170 O OP2   . C   A 1 9  ? -2.614  -5.760  -5.135  1.00 48.07 ? 1411 C   A OP2   1 
ATOM   171 O "O5'" . C   A 1 9  ? -0.319  -5.793  -6.103  1.00 47.86 ? 1411 C   A "O5'" 1 
ATOM   172 C "C5'" . C   A 1 9  ? 0.668   -6.056  -7.132  1.00 46.03 ? 1411 C   A "C5'" 1 
ATOM   173 C "C4'" . C   A 1 9  ? 1.868   -5.135  -7.024  1.00 43.61 ? 1411 C   A "C4'" 1 
ATOM   174 O "O4'" . C   A 1 9  ? 1.482   -3.792  -7.333  1.00 43.20 ? 1411 C   A "O4'" 1 
ATOM   175 C "C3'" . C   A 1 9  ? 2.629   -4.984  -5.731  1.00 42.69 ? 1411 C   A "C3'" 1 
ATOM   176 O "O3'" . C   A 1 9  ? 3.480   -6.105  -5.538  1.00 42.16 ? 1411 C   A "O3'" 1 
ATOM   177 C "C2'" . C   A 1 9  ? 3.404   -3.679  -5.984  1.00 41.97 ? 1411 C   A "C2'" 1 
ATOM   178 O "O2'" . C   A 1 9  ? 4.533   -3.696  -6.799  1.00 42.53 ? 1411 C   A "O2'" 1 
ATOM   179 C "C1'" . C   A 1 9  ? 2.435   -2.880  -6.820  1.00 39.60 ? 1411 C   A "C1'" 1 
ATOM   180 N N1    . C   A 1 9  ? 1.787   -1.946  -5.910  1.00 38.72 ? 1411 C   A N1    1 
ATOM   181 C C2    . C   A 1 9  ? 2.526   -0.895  -5.477  1.00 37.73 ? 1411 C   A C2    1 
ATOM   182 O O2    . C   A 1 9  ? 3.653   -0.765  -5.951  1.00 38.27 ? 1411 C   A O2    1 
ATOM   183 N N3    . C   A 1 9  ? 2.012   -0.047  -4.560  1.00 36.68 ? 1411 C   A N3    1 
ATOM   184 C C4    . C   A 1 9  ? 0.783   -0.242  -4.112  1.00 36.96 ? 1411 C   A C4    1 
ATOM   185 N N4    . C   A 1 9  ? 0.310   0.592   -3.238  1.00 39.94 ? 1411 C   A N4    1 
ATOM   186 C C5    . C   A 1 9  ? -0.017  -1.309  -4.557  1.00 36.76 ? 1411 C   A C5    1 
ATOM   187 C C6    . C   A 1 9  ? 0.509   -2.131  -5.453  1.00 37.20 ? 1411 C   A C6    1 
ATOM   188 P P     . C   A 1 10 ? 4.156   -6.391  -4.089  1.00 44.80 ? 1412 C   A P     1 
ATOM   189 O OP1   . C   A 1 10 ? 4.855   -7.675  -4.382  1.00 42.28 ? 1412 C   A OP1   1 
ATOM   190 O OP2   . C   A 1 10 ? 3.231   -6.342  -2.915  1.00 43.45 ? 1412 C   A OP2   1 
ATOM   191 O "O5'" . C   A 1 10 ? 5.250   -5.240  -3.944  1.00 41.55 ? 1412 C   A "O5'" 1 
ATOM   192 C "C5'" . C   A 1 10 ? 6.612   -5.567  -4.249  1.00 41.44 ? 1412 C   A "C5'" 1 
ATOM   193 C "C4'" . C   A 1 10 ? 7.525   -4.399  -4.043  1.00 38.58 ? 1412 C   A "C4'" 1 
ATOM   194 O "O4'" . C   A 1 10 ? 6.767   -3.220  -4.317  1.00 39.49 ? 1412 C   A "O4'" 1 
ATOM   195 C "C3'" . C   A 1 10 ? 7.995   -4.170  -2.643  1.00 39.42 ? 1412 C   A "C3'" 1 
ATOM   196 O "O3'" . C   A 1 10 ? 9.025   -5.059  -2.217  1.00 39.83 ? 1412 C   A "O3'" 1 
ATOM   197 C "C2'" . C   A 1 10 ? 8.319   -2.686  -2.646  1.00 38.29 ? 1412 C   A "C2'" 1 
ATOM   198 O "O2'" . C   A 1 10 ? 9.530   -2.388  -3.293  1.00 39.66 ? 1412 C   A "O2'" 1 
ATOM   199 C "C1'" . C   A 1 10 ? 7.208   -2.152  -3.523  1.00 36.76 ? 1412 C   A "C1'" 1 
ATOM   200 N N1    . C   A 1 10 ? 6.039   -1.597  -2.811  1.00 34.17 ? 1412 C   A N1    1 
ATOM   201 C C2    . C   A 1 10 ? 6.170   -0.302  -2.152  1.00 33.84 ? 1412 C   A C2    1 
ATOM   202 O O2    . C   A 1 10 ? 7.289   0.278   -2.150  1.00 32.79 ? 1412 C   A O2    1 
ATOM   203 N N3    . C   A 1 10 ? 5.076   0.245   -1.540  1.00 31.24 ? 1412 C   A N3    1 
ATOM   204 C C4    . C   A 1 10 ? 3.926   -0.426  -1.538  1.00 31.30 ? 1412 C   A C4    1 
ATOM   205 N N4    . C   A 1 10 ? 2.931   0.122   -0.941  1.00 28.62 ? 1412 C   A N4    1 
ATOM   206 C C5    . C   A 1 10 ? 3.769   -1.734  -2.175  1.00 31.92 ? 1412 C   A C5    1 
ATOM   207 C C6    . C   A 1 10 ? 4.839   -2.271  -2.787  1.00 32.03 ? 1412 C   A C6    1 
ATOM   208 P P     . G   A 1 11 ? 8.997   -5.553  -0.688  1.00 41.12 ? 1488 G   A P     1 
ATOM   209 O OP1   . G   A 1 11 ? 10.148  -6.371  -0.437  1.00 40.98 ? 1488 G   A OP1   1 
ATOM   210 O OP2   . G   A 1 11 ? 7.624   -6.096  -0.381  1.00 36.40 ? 1488 G   A OP2   1 
ATOM   211 O "O5'" . G   A 1 11 ? 9.342   -4.201  0.056   1.00 38.43 ? 1488 G   A "O5'" 1 
ATOM   212 C "C5'" . G   A 1 11 ? 10.605  -3.643  -0.148  1.00 38.53 ? 1488 G   A "C5'" 1 
ATOM   213 C "C4'" . G   A 1 11 ? 10.705  -2.357  0.575   1.00 39.93 ? 1488 G   A "C4'" 1 
ATOM   214 O "O4'" . G   A 1 11 ? 9.629   -1.466  0.180   1.00 40.18 ? 1488 G   A "O4'" 1 
ATOM   215 C "C3'" . G   A 1 11 ? 10.494  -2.485  2.057   1.00 41.02 ? 1488 G   A "C3'" 1 
ATOM   216 O "O3'" . G   A 1 11 ? 11.644  -2.927  2.680   1.00 44.39 ? 1488 G   A "O3'" 1 
ATOM   217 C "C2'" . G   A 1 11 ? 10.160  -1.061  2.447   1.00 40.86 ? 1488 G   A "C2'" 1 
ATOM   218 O "O2'" . G   A 1 11 ? 11.320  -0.260  2.517   1.00 40.03 ? 1488 G   A "O2'" 1 
ATOM   219 C "C1'" . G   A 1 11 ? 9.307   -0.613  1.265   1.00 40.11 ? 1488 G   A "C1'" 1 
ATOM   220 N N9    . G   A 1 11 ? 7.884   -0.720  1.564   1.00 37.45 ? 1488 G   A N9    1 
ATOM   221 C C8    . G   A 1 11 ? 6.992   -1.695  1.167   1.00 38.80 ? 1488 G   A C8    1 
ATOM   222 N N7    . G   A 1 11 ? 5.765   -1.462  1.563   1.00 37.74 ? 1488 G   A N7    1 
ATOM   223 C C5    . G   A 1 11 ? 5.878   -0.274  2.272   1.00 37.10 ? 1488 G   A C5    1 
ATOM   224 C C6    . G   A 1 11 ? 4.894   0.478   2.939   1.00 35.88 ? 1488 G   A C6    1 
ATOM   225 O O6    . G   A 1 11 ? 3.671   0.271   2.977   1.00 34.63 ? 1488 G   A O6    1 
ATOM   226 N N1    . G   A 1 11 ? 5.443   1.585   3.577   1.00 35.76 ? 1488 G   A N1    1 
ATOM   227 C C2    . G   A 1 11 ? 6.768   1.941   3.532   1.00 36.62 ? 1488 G   A C2    1 
ATOM   228 N N2    . G   A 1 11 ? 7.109   3.070   4.155   1.00 34.99 ? 1488 G   A N2    1 
ATOM   229 N N3    . G   A 1 11 ? 7.697   1.245   2.896   1.00 36.87 ? 1488 G   A N3    1 
ATOM   230 C C4    . G   A 1 11 ? 7.182   0.170   2.292   1.00 36.65 ? 1488 G   A C4    1 
ATOM   231 P P     . G   A 1 12 ? 11.539  -3.548  4.137   1.00 49.27 ? 1489 G   A P     1 
ATOM   232 O OP1   . G   A 1 12 ? 12.948  -3.920  4.404   1.00 48.26 ? 1489 G   A OP1   1 
ATOM   233 O OP2   . G   A 1 12 ? 10.454  -4.612  4.091   1.00 45.18 ? 1489 G   A OP2   1 
ATOM   234 O "O5'" . G   A 1 12 ? 11.166  -2.312  5.098   1.00 48.18 ? 1489 G   A "O5'" 1 
ATOM   235 C "C5'" . G   A 1 12 ? 12.138  -1.258  5.375   1.00 50.24 ? 1489 G   A "C5'" 1 
ATOM   236 C "C4'" . G   A 1 12 ? 11.621  -0.227  6.407   1.00 51.95 ? 1489 G   A "C4'" 1 
ATOM   237 O "O4'" . G   A 1 12 ? 10.657  0.712   5.843   1.00 50.02 ? 1489 G   A "O4'" 1 
ATOM   238 C "C3'" . G   A 1 12 ? 10.938  -0.787  7.647   1.00 53.59 ? 1489 G   A "C3'" 1 
ATOM   239 O "O3'" . G   A 1 12 ? 11.856  -1.209  8.644   1.00 55.22 ? 1489 G   A "O3'" 1 
ATOM   240 C "C2'" . G   A 1 12 ? 10.084  0.378   8.130   1.00 52.32 ? 1489 G   A "C2'" 1 
ATOM   241 O "O2'" . G   A 1 12 ? 10.875  1.245   8.953   1.00 54.43 ? 1489 G   A "O2'" 1 
ATOM   242 C "C1'" . G   A 1 12 ? 9.638   1.011   6.802   1.00 49.32 ? 1489 G   A "C1'" 1 
ATOM   243 N N9    . G   A 1 12 ? 8.393   0.378   6.357   1.00 46.11 ? 1489 G   A N9    1 
ATOM   244 C C8    . G   A 1 12 ? 8.284   -0.750  5.572   1.00 45.70 ? 1489 G   A C8    1 
ATOM   245 N N7    . G   A 1 12 ? 7.049   -1.163  5.426   1.00 44.61 ? 1489 G   A N7    1 
ATOM   246 C C5    . G   A 1 12 ? 6.285   -0.240  6.122   1.00 42.18 ? 1489 G   A C5    1 
ATOM   247 C C6    . G   A 1 12 ? 4.915   -0.192  6.323   1.00 39.68 ? 1489 G   A C6    1 
ATOM   248 O O6    . G   A 1 12 ? 4.078   -0.942  5.910   1.00 35.98 ? 1489 G   A O6    1 
ATOM   249 N N1    . G   A 1 12 ? 4.547   0.870   7.120   1.00 40.10 ? 1489 G   A N1    1 
ATOM   250 C C2    . G   A 1 12 ? 5.406   1.778   7.666   1.00 41.92 ? 1489 G   A C2    1 
ATOM   251 N N2    . G   A 1 12 ? 4.868   2.710   8.473   1.00 42.75 ? 1489 G   A N2    1 
ATOM   252 N N3    . G   A 1 12 ? 6.716   1.775   7.455   1.00 43.61 ? 1489 G   A N3    1 
ATOM   253 C C4    . G   A 1 12 ? 7.089   0.737   6.688   1.00 44.61 ? 1489 G   A C4    1 
ATOM   254 P P     . U   A 1 13 ? 11.469  -2.452  9.584   1.00 58.31 ? 1490 U   A P     1 
ATOM   255 O OP1   . U   A 1 13 ? 12.790  -2.709  10.219  1.00 58.06 ? 1490 U   A OP1   1 
ATOM   256 O OP2   . U   A 1 13 ? 10.722  -3.561  8.896   1.00 58.61 ? 1490 U   A OP2   1 
ATOM   257 O "O5'" . U   A 1 13 ? 10.399  -1.881  10.615  1.00 59.01 ? 1490 U   A "O5'" 1 
ATOM   258 C "C5'" . U   A 1 13 ? 10.675  -0.724  11.410  1.00 60.01 ? 1490 U   A "C5'" 1 
ATOM   259 C "C4'" . U   A 1 13 ? 9.401   -0.218  12.015  1.00 60.46 ? 1490 U   A "C4'" 1 
ATOM   260 O "O4'" . U   A 1 13 ? 8.551   0.303   10.968  1.00 59.47 ? 1490 U   A "O4'" 1 
ATOM   261 C "C3'" . U   A 1 13 ? 8.550   -1.246  12.740  1.00 60.80 ? 1490 U   A "C3'" 1 
ATOM   262 O "O3'" . U   A 1 13 ? 9.001   -1.423  14.082  1.00 61.92 ? 1490 U   A "O3'" 1 
ATOM   263 C "C2'" . U   A 1 13 ? 7.175   -0.597  12.664  1.00 60.40 ? 1490 U   A "C2'" 1 
ATOM   264 O "O2'" . U   A 1 13 ? 7.069   0.468   13.594  1.00 62.39 ? 1490 U   A "O2'" 1 
ATOM   265 C "C1'" . U   A 1 13 ? 7.199   0.031   11.271  1.00 58.93 ? 1490 U   A "C1'" 1 
ATOM   266 N N1    . U   A 1 13 ? 6.665   -0.874  10.240  1.00 58.86 ? 1490 U   A N1    1 
ATOM   267 C C2    . U   A 1 13 ? 5.310   -0.974  10.129  1.00 58.82 ? 1490 U   A C2    1 
ATOM   268 O O2    . U   A 1 13 ? 4.556   -0.329  10.818  1.00 60.38 ? 1490 U   A O2    1 
ATOM   269 N N3    . U   A 1 13 ? 4.862   -1.857  9.178   1.00 58.39 ? 1490 U   A N3    1 
ATOM   270 C C4    . U   A 1 13 ? 5.627   -2.628  8.328   1.00 57.15 ? 1490 U   A C4    1 
ATOM   271 O O4    . U   A 1 13 ? 5.075   -3.401  7.552   1.00 57.76 ? 1490 U   A O4    1 
ATOM   272 C C5    . U   A 1 13 ? 7.030   -2.462  8.486   1.00 57.11 ? 1490 U   A C5    1 
ATOM   273 C C6    . U   A 1 13 ? 7.496   -1.617  9.412   1.00 58.55 ? 1490 U   A C6    1 
ATOM   274 P P     . G   A 1 14 ? 8.895   -2.869  14.797  1.00 62.85 ? 1491 G   A P     1 
ATOM   275 O OP1   . G   A 1 14 ? 9.724   -2.609  16.000  1.00 63.82 ? 1491 G   A OP1   1 
ATOM   276 O OP2   . G   A 1 14 ? 9.207   -4.047  13.930  1.00 61.94 ? 1491 G   A OP2   1 
ATOM   277 O "O5'" . G   A 1 14 ? 7.366   -3.025  15.200  1.00 64.37 ? 1491 G   A "O5'" 1 
ATOM   278 C "C5'" . G   A 1 14 ? 6.678   -1.963  15.856  1.00 67.67 ? 1491 G   A "C5'" 1 
ATOM   279 C "C4'" . G   A 1 14 ? 5.202   -2.051  15.578  1.00 70.09 ? 1491 G   A "C4'" 1 
ATOM   280 O "O4'" . G   A 1 14 ? 4.948   -2.016  14.158  1.00 68.41 ? 1491 G   A "O4'" 1 
ATOM   281 C "C3'" . G   A 1 14 ? 4.525   -3.336  15.995  1.00 72.76 ? 1491 G   A "C3'" 1 
ATOM   282 O "O3'" . G   A 1 14 ? 4.212   -3.244  17.358  1.00 79.41 ? 1491 G   A "O3'" 1 
ATOM   283 C "C2'" . G   A 1 14 ? 3.239   -3.325  15.176  1.00 71.07 ? 1491 G   A "C2'" 1 
ATOM   284 O "O2'" . G   A 1 14 ? 2.203   -2.580  15.795  1.00 72.44 ? 1491 G   A "O2'" 1 
ATOM   285 C "C1'" . G   A 1 14 ? 3.664   -2.569  13.914  1.00 67.66 ? 1491 G   A "C1'" 1 
ATOM   286 N N9    . G   A 1 14 ? 3.696   -3.398  12.713  1.00 63.60 ? 1491 G   A N9    1 
ATOM   287 C C8    . G   A 1 14 ? 4.799   -3.946  12.121  1.00 61.86 ? 1491 G   A C8    1 
ATOM   288 N N7    . G   A 1 14 ? 4.509   -4.674  11.086  1.00 60.40 ? 1491 G   A N7    1 
ATOM   289 C C5    . G   A 1 14 ? 3.131   -4.587  10.972  1.00 60.96 ? 1491 G   A C5    1 
ATOM   290 C C6    . G   A 1 14 ? 2.243   -5.181  10.023  1.00 61.29 ? 1491 G   A C6    1 
ATOM   291 O O6    . G   A 1 14 ? 2.528   -5.896  9.045   1.00 62.37 ? 1491 G   A O6    1 
ATOM   292 N N1    . G   A 1 14 ? 0.908   -4.861  10.288  1.00 60.07 ? 1491 G   A N1    1 
ATOM   293 C C2    . G   A 1 14 ? 0.481   -4.064  11.308  1.00 59.42 ? 1491 G   A C2    1 
ATOM   294 N N2    . G   A 1 14 ? -0.849  -3.889  11.382  1.00 57.68 ? 1491 G   A N2    1 
ATOM   295 N N3    . G   A 1 14 ? 1.304   -3.485  12.194  1.00 60.52 ? 1491 G   A N3    1 
ATOM   296 C C4    . G   A 1 14 ? 2.608   -3.798  11.965  1.00 61.44 ? 1491 G   A C4    1 
ATOM   297 P P     . A   A 1 15 ? 4.904   -4.248  18.396  1.00 84.32 ? 1492 A   A P     1 
ATOM   298 O OP1   . A   A 1 15 ? 6.079   -3.533  19.007  1.00 84.06 ? 1492 A   A OP1   1 
ATOM   299 O OP2   . A   A 1 15 ? 5.124   -5.582  17.735  1.00 83.89 ? 1492 A   A OP2   1 
ATOM   300 O "O5'" . A   A 1 15 ? 3.737   -4.380  19.471  1.00 84.84 ? 1492 A   A "O5'" 1 
ATOM   301 C "C5'" . A   A 1 15 ? 2.464   -4.962  19.134  1.00 85.77 ? 1492 A   A "C5'" 1 
ATOM   302 C "C4'" . A   A 1 15 ? 2.015   -5.814  20.285  1.00 86.75 ? 1492 A   A "C4'" 1 
ATOM   303 O "O4'" . A   A 1 15 ? 2.294   -5.037  21.483  1.00 86.33 ? 1492 A   A "O4'" 1 
ATOM   304 C "C3'" . A   A 1 15 ? 0.531   -6.150  20.366  1.00 87.98 ? 1492 A   A "C3'" 1 
ATOM   305 O "O3'" . A   A 1 15 ? 0.054   -7.243  19.533  1.00 89.26 ? 1492 A   A "O3'" 1 
ATOM   306 C "C2'" . A   A 1 15 ? 0.248   -6.240  21.867  1.00 88.12 ? 1492 A   A "C2'" 1 
ATOM   307 O "O2'" . A   A 1 15 ? 0.319   -7.528  22.437  1.00 90.04 ? 1492 A   A "O2'" 1 
ATOM   308 C "C1'" . A   A 1 15 ? 1.352   -5.363  22.481  1.00 86.57 ? 1492 A   A "C1'" 1 
ATOM   309 N N9    . A   A 1 15 ? 0.930   -4.164  23.226  1.00 84.39 ? 1492 A   A N9    1 
ATOM   310 C C8    . A   A 1 15 ? 1.270   -3.853  24.534  1.00 83.66 ? 1492 A   A C8    1 
ATOM   311 N N7    . A   A 1 15 ? 0.715   -2.750  24.980  1.00 82.44 ? 1492 A   A N7    1 
ATOM   312 C C5    . A   A 1 15 ? -0.019  -2.293  23.896  1.00 81.61 ? 1492 A   A C5    1 
ATOM   313 C C6    . A   A 1 15 ? -0.806  -1.157  23.722  1.00 81.07 ? 1492 A   A C6    1 
ATOM   314 N N6    . A   A 1 15 ? -0.988  -0.239  24.677  1.00 80.54 ? 1492 A   A N6    1 
ATOM   315 N N1    . A   A 1 15 ? -1.406  -0.983  22.518  1.00 80.39 ? 1492 A   A N1    1 
ATOM   316 C C2    . A   A 1 15 ? -1.207  -1.911  21.567  1.00 80.49 ? 1492 A   A C2    1 
ATOM   317 N N3    . A   A 1 15 ? -0.478  -3.023  21.612  1.00 80.50 ? 1492 A   A N3    1 
ATOM   318 C C4    . A   A 1 15 ? 0.101   -3.153  22.812  1.00 82.14 ? 1492 A   A C4    1 
ATOM   319 P P     . A   A 1 16 ? 0.561   -8.798  19.720  1.00 90.70 ? 1493 A   A P     1 
ATOM   320 O OP1   . A   A 1 16 ? 0.903   -9.242  21.091  1.00 90.29 ? 1493 A   A OP1   1 
ATOM   321 O OP2   . A   A 1 16 ? 1.555   -9.034  18.646  1.00 90.71 ? 1493 A   A OP2   1 
ATOM   322 O "O5'" . A   A 1 16 ? -0.763  -9.620  19.344  1.00 91.04 ? 1493 A   A "O5'" 1 
ATOM   323 C "C5'" . A   A 1 16 ? -1.971  -9.471  20.146  1.00 92.67 ? 1493 A   A "C5'" 1 
ATOM   324 C "C4'" . A   A 1 16 ? -3.255  -9.623  19.317  1.00 93.85 ? 1493 A   A "C4'" 1 
ATOM   325 O "O4'" . A   A 1 16 ? -3.569  -8.469  18.492  1.00 95.07 ? 1493 A   A "O4'" 1 
ATOM   326 C "C3'" . A   A 1 16 ? -3.366  -10.801 18.375  1.00 93.76 ? 1493 A   A "C3'" 1 
ATOM   327 O "O3'" . A   A 1 16 ? -3.718  -11.931 19.130  1.00 92.97 ? 1493 A   A "O3'" 1 
ATOM   328 C "C2'" . A   A 1 16 ? -4.496  -10.397 17.429  1.00 94.36 ? 1493 A   A "C2'" 1 
ATOM   329 O "O2'" . A   A 1 16 ? -5.789  -10.676 17.901  1.00 95.04 ? 1493 A   A "O2'" 1 
ATOM   330 C "C1'" . A   A 1 16 ? -4.350  -8.880  17.370  1.00 95.09 ? 1493 A   A "C1'" 1 
ATOM   331 N N9    . A   A 1 16 ? -3.706  -8.449  16.128  1.00 96.08 ? 1493 A   A N9    1 
ATOM   332 C C8    . A   A 1 16 ? -3.913  -8.970  14.877  1.00 96.14 ? 1493 A   A C8    1 
ATOM   333 N N7    . A   A 1 16 ? -3.147  -8.450  13.954  1.00 96.41 ? 1493 A   A N7    1 
ATOM   334 C C5    . A   A 1 16 ? -2.399  -7.501  14.639  1.00 97.05 ? 1493 A   A C5    1 
ATOM   335 C C6    . A   A 1 16 ? -1.387  -6.611  14.228  1.00 97.25 ? 1493 A   A C6    1 
ATOM   336 N N6    . A   A 1 16 ? -0.893  -6.581  12.991  1.00 97.83 ? 1493 A   A N6    1 
ATOM   337 N N1    . A   A 1 16 ? -0.877  -5.760  15.152  1.00 97.17 ? 1493 A   A N1    1 
ATOM   338 C C2    . A   A 1 16 ? -1.332  -5.836  16.409  1.00 97.23 ? 1493 A   A C2    1 
ATOM   339 N N3    . A   A 1 16 ? -2.249  -6.652  16.923  1.00 97.34 ? 1493 A   A N3    1 
ATOM   340 C C4    . A   A 1 16 ? -2.751  -7.469  15.973  1.00 96.80 ? 1493 A   A C4    1 
ATOM   341 P P     . G   A 1 17 ? -2.937  -13.295 18.896  1.00 92.07 ? 1494 G   A P     1 
ATOM   342 O OP1   . G   A 1 17 ? -3.305  -14.173 20.026  1.00 91.89 ? 1494 G   A OP1   1 
ATOM   343 O OP2   . G   A 1 17 ? -1.507  -12.932 18.673  1.00 91.98 ? 1494 G   A OP2   1 
ATOM   344 O "O5'" . G   A 1 17 ? -3.566  -13.843 17.539  1.00 90.52 ? 1494 G   A "O5'" 1 
ATOM   345 C "C5'" . G   A 1 17 ? -4.968  -13.725 17.302  1.00 88.12 ? 1494 G   A "C5'" 1 
ATOM   346 C "C4'" . G   A 1 17 ? -5.236  -13.532 15.834  1.00 86.66 ? 1494 G   A "C4'" 1 
ATOM   347 O "O4'" . G   A 1 17 ? -4.689  -12.276 15.359  1.00 85.45 ? 1494 G   A "O4'" 1 
ATOM   348 C "C3'" . G   A 1 17 ? -4.630  -14.568 14.908  1.00 85.66 ? 1494 G   A "C3'" 1 
ATOM   349 O "O3'" . G   A 1 17 ? -5.461  -15.718 14.917  1.00 85.36 ? 1494 G   A "O3'" 1 
ATOM   350 C "C2'" . G   A 1 17 ? -4.608  -13.849 13.553  1.00 84.92 ? 1494 G   A "C2'" 1 
ATOM   351 O "O2'" . G   A 1 17 ? -5.775  -13.999 12.772  1.00 82.90 ? 1494 G   A "O2'" 1 
ATOM   352 C "C1'" . G   A 1 17 ? -4.480  -12.375 13.962  1.00 84.69 ? 1494 G   A "C1'" 1 
ATOM   353 N N9    . G   A 1 17 ? -3.182  -11.805 13.635  1.00 84.06 ? 1494 G   A N9    1 
ATOM   354 C C8    . G   A 1 17 ? -2.301  -11.198 14.497  1.00 84.18 ? 1494 G   A C8    1 
ATOM   355 N N7    . G   A 1 17 ? -1.179  -10.856 13.926  1.00 84.12 ? 1494 G   A N7    1 
ATOM   356 C C5    . G   A 1 17 ? -1.328  -11.258 12.601  1.00 83.00 ? 1494 G   A C5    1 
ATOM   357 C C6    . G   A 1 17 ? -0.423  -11.189 11.522  1.00 81.62 ? 1494 G   A C6    1 
ATOM   358 O O6    . G   A 1 17 ? 0.733   -10.779 11.533  1.00 80.76 ? 1494 G   A O6    1 
ATOM   359 N N1    . G   A 1 17 ? -0.984  -11.682 10.343  1.00 80.79 ? 1494 G   A N1    1 
ATOM   360 C C2    . G   A 1 17 ? -2.253  -12.194 10.226  1.00 80.78 ? 1494 G   A C2    1 
ATOM   361 N N2    . G   A 1 17 ? -2.615  -12.613 8.998   1.00 79.17 ? 1494 G   A N2    1 
ATOM   362 N N3    . G   A 1 17 ? -3.102  -12.292 11.241  1.00 81.26 ? 1494 G   A N3    1 
ATOM   363 C C4    . G   A 1 17 ? -2.573  -11.809 12.392  1.00 83.16 ? 1494 G   A C4    1 
ATOM   364 P P     . U   A 1 18 ? -4.823  -17.176 14.675  1.00 86.36 ? 1495 U   A P     1 
ATOM   365 O OP1   . U   A 1 18 ? -5.923  -18.164 14.962  1.00 85.46 ? 1495 U   A OP1   1 
ATOM   366 O OP2   . U   A 1 18 ? -3.486  -17.309 15.355  1.00 85.28 ? 1495 U   A OP2   1 
ATOM   367 O "O5'" . U   A 1 18 ? -4.556  -17.208 13.106  1.00 84.57 ? 1495 U   A "O5'" 1 
ATOM   368 C "C5'" . U   A 1 18 ? -5.632  -17.012 12.184  1.00 81.32 ? 1495 U   A "C5'" 1 
ATOM   369 C "C4'" . U   A 1 18 ? -5.121  -17.101 10.776  1.00 79.13 ? 1495 U   A "C4'" 1 
ATOM   370 O "O4'" . U   A 1 18 ? -4.323  -15.935 10.441  1.00 76.60 ? 1495 U   A "O4'" 1 
ATOM   371 C "C3'" . U   A 1 18 ? -4.185  -18.259 10.528  1.00 78.67 ? 1495 U   A "C3'" 1 
ATOM   372 O "O3'" . U   A 1 18 ? -4.902  -19.475 10.399  1.00 81.69 ? 1495 U   A "O3'" 1 
ATOM   373 C "C2'" . U   A 1 18 ? -3.402  -17.815 9.293   1.00 76.21 ? 1495 U   A "C2'" 1 
ATOM   374 O "O2'" . U   A 1 18 ? -4.066  -18.093 8.073   1.00 75.19 ? 1495 U   A "O2'" 1 
ATOM   375 C "C1'" . U   A 1 18 ? -3.307  -16.300 9.507   1.00 73.20 ? 1495 U   A "C1'" 1 
ATOM   376 N N1    . U   A 1 18 ? -2.012  -15.800 9.999   1.00 67.83 ? 1495 U   A N1    1 
ATOM   377 C C2    . U   A 1 18 ? -0.857  -16.026 9.241   1.00 65.25 ? 1495 U   A C2    1 
ATOM   378 O O2    . U   A 1 18 ? -0.830  -16.701 8.226   1.00 63.94 ? 1495 U   A O2    1 
ATOM   379 N N3    . U   A 1 18 ? 0.275   -15.443 9.745   1.00 62.91 ? 1495 U   A N3    1 
ATOM   380 C C4    . U   A 1 18 ? 0.375   -14.712 10.914  1.00 62.67 ? 1495 U   A C4    1 
ATOM   381 O O4    . U   A 1 18 ? 1.434   -14.207 11.205  1.00 61.40 ? 1495 U   A O4    1 
ATOM   382 C C5    . U   A 1 18 ? -0.829  -14.580 11.657  1.00 63.42 ? 1495 U   A C5    1 
ATOM   383 C C6    . U   A 1 18 ? -1.949  -15.103 11.189  1.00 66.36 ? 1495 U   A C6    1 
ATOM   384 P P     . C   A 1 19 ? -4.591  -20.678 11.432  1.00 85.06 ? 1496 C   A P     1 
ATOM   385 O OP1   . C   A 1 19 ? -5.831  -21.517 11.559  1.00 84.75 ? 1496 C   A OP1   1 
ATOM   386 O OP2   . C   A 1 19 ? -3.959  -20.080 12.661  1.00 84.87 ? 1496 C   A OP2   1 
ATOM   387 O "O5'" . C   A 1 19 ? -3.493  -21.560 10.690  1.00 85.33 ? 1496 C   A "O5'" 1 
ATOM   388 C "C5'" . C   A 1 19 ? -3.795  -22.109 9.412   1.00 85.64 ? 1496 C   A "C5'" 1 
ATOM   389 C "C4'" . C   A 1 19 ? -2.702  -21.779 8.436   1.00 85.68 ? 1496 C   A "C4'" 1 
ATOM   390 O "O4'" . C   A 1 19 ? -2.397  -20.362 8.494   1.00 84.84 ? 1496 C   A "O4'" 1 
ATOM   391 C "C3'" . C   A 1 19 ? -1.364  -22.435 8.692   1.00 85.73 ? 1496 C   A "C3'" 1 
ATOM   392 O "O3'" . C   A 1 19 ? -1.362  -23.777 8.259   1.00 86.42 ? 1496 C   A "O3'" 1 
ATOM   393 C "C2'" . C   A 1 19 ? -0.400  -21.526 7.933   1.00 85.58 ? 1496 C   A "C2'" 1 
ATOM   394 O "O2'" . C   A 1 19 ? -0.350  -21.771 6.525   1.00 86.09 ? 1496 C   A "O2'" 1 
ATOM   395 C "C1'" . C   A 1 19 ? -1.021  -20.153 8.209   1.00 84.12 ? 1496 C   A "C1'" 1 
ATOM   396 N N1    . C   A 1 19 ? -0.408  -19.474 9.364   1.00 81.90 ? 1496 C   A N1    1 
ATOM   397 C C2    . C   A 1 19 ? 0.908   -18.987 9.246   1.00 80.45 ? 1496 C   A C2    1 
ATOM   398 O O2    . C   A 1 19 ? 1.522   -19.138 8.153   1.00 79.47 ? 1496 C   A O2    1 
ATOM   399 N N3    . C   A 1 19 ? 1.471   -18.370 10.317  1.00 79.23 ? 1496 C   A N3    1 
ATOM   400 C C4    . C   A 1 19 ? 0.773   -18.224 11.455  1.00 78.87 ? 1496 C   A C4    1 
ATOM   401 N N4    . C   A 1 19 ? 1.357   -17.602 12.485  1.00 77.29 ? 1496 C   A N4    1 
ATOM   402 C C5    . C   A 1 19 ? -0.559  -18.706 11.591  1.00 79.31 ? 1496 C   A C5    1 
ATOM   403 C C6    . C   A 1 19 ? -1.102  -19.321 10.536  1.00 80.73 ? 1496 C   A C6    1 
ATOM   404 P P     . G   A 1 20 ? -0.669  -24.878 9.189   1.00 87.16 ? 1497 G   A P     1 
ATOM   405 O OP1   . G   A 1 20 ? -1.068  -26.238 8.691   1.00 86.66 ? 1497 G   A OP1   1 
ATOM   406 O OP2   . G   A 1 20 ? -0.938  -24.492 10.610  1.00 87.41 ? 1497 G   A OP2   1 
ATOM   407 O "O5'" . G   A 1 20 ? 0.869   -24.629 8.900   1.00 84.28 ? 1497 G   A "O5'" 1 
ATOM   408 C "C5'" . G   A 1 20 ? 1.382   -24.797 7.587   1.00 80.37 ? 1497 G   A "C5'" 1 
ATOM   409 C "C4'" . G   A 1 20 ? 2.819   -24.397 7.570   1.00 78.36 ? 1497 G   A "C4'" 1 
ATOM   410 O "O4'" . G   A 1 20 ? 2.916   -22.953 7.746   1.00 76.59 ? 1497 G   A "O4'" 1 
ATOM   411 C "C3'" . G   A 1 20 ? 3.681   -24.963 8.695   1.00 77.34 ? 1497 G   A "C3'" 1 
ATOM   412 O "O3'" . G   A 1 20 ? 4.055   -26.322 8.449   1.00 78.20 ? 1497 G   A "O3'" 1 
ATOM   413 C "C2'" . G   A 1 20 ? 4.844   -23.974 8.698   1.00 75.88 ? 1497 G   A "C2'" 1 
ATOM   414 O "O2'" . G   A 1 20 ? 5.748   -24.197 7.626   1.00 75.17 ? 1497 G   A "O2'" 1 
ATOM   415 C "C1'" . G   A 1 20 ? 4.113   -22.645 8.451   1.00 73.87 ? 1497 G   A "C1'" 1 
ATOM   416 N N9    . G   A 1 20 ? 3.779   -21.948 9.701   1.00 69.82 ? 1497 G   A N9    1 
ATOM   417 C C8    . G   A 1 20 ? 2.552   -21.866 10.331  1.00 68.12 ? 1497 G   A C8    1 
ATOM   418 N N7    . G   A 1 20 ? 2.601   -21.195 11.460  1.00 66.73 ? 1497 G   A N7    1 
ATOM   419 C C5    . G   A 1 20 ? 3.938   -20.801 11.575  1.00 64.81 ? 1497 G   A C5    1 
ATOM   420 C C6    . G   A 1 20 ? 4.604   -20.038 12.583  1.00 63.79 ? 1497 G   A C6    1 
ATOM   421 O O6    . G   A 1 20 ? 4.125   -19.527 13.619  1.00 63.06 ? 1497 G   A O6    1 
ATOM   422 N N1    . G   A 1 20 ? 5.962   -19.886 12.297  1.00 62.93 ? 1497 G   A N1    1 
ATOM   423 C C2    . G   A 1 20 ? 6.593   -20.402 11.199  1.00 62.62 ? 1497 G   A C2    1 
ATOM   424 N N2    . G   A 1 20 ? 7.903   -20.213 11.117  1.00 60.44 ? 1497 G   A N2    1 
ATOM   425 N N3    . G   A 1 20 ? 5.987   -21.077 10.253  1.00 63.87 ? 1497 G   A N3    1 
ATOM   426 C C4    . G   A 1 20 ? 4.673   -21.247 10.502  1.00 66.04 ? 1497 G   A C4    1 
ATOM   427 P P     . C   A 1 21 ? 4.414   -27.320 9.691   1.00 79.15 ? 1498 C   A P     1 
ATOM   428 O OP1   . C   A 1 21 ? 4.493   -28.681 9.032   1.00 78.49 ? 1498 C   A OP1   1 
ATOM   429 O OP2   . C   A 1 21 ? 3.510   -27.108 10.883  1.00 78.64 ? 1498 C   A OP2   1 
ATOM   430 O "O5'" . C   A 1 21 ? 5.897   -26.903 10.120  1.00 77.47 ? 1498 C   A "O5'" 1 
ATOM   431 C "C5'" . C   A 1 21 ? 6.916   -26.758 9.108   1.00 75.96 ? 1498 C   A "C5'" 1 
ATOM   432 C "C4'" . C   A 1 21 ? 8.107   -25.999 9.632   1.00 74.38 ? 1498 C   A "C4'" 1 
ATOM   433 O "O4'" . C   A 1 21 ? 7.753   -24.643 10.009  1.00 73.22 ? 1498 C   A "O4'" 1 
ATOM   434 C "C3'" . C   A 1 21 ? 8.757   -26.572 10.866  1.00 74.07 ? 1498 C   A "C3'" 1 
ATOM   435 O "O3'" . C   A 1 21 ? 9.327   -27.868 10.589  1.00 75.58 ? 1498 C   A "O3'" 1 
ATOM   436 C "C2'" . C   A 1 21 ? 9.526   -25.371 11.439  1.00 73.20 ? 1498 C   A "C2'" 1 
ATOM   437 O "O2'" . C   A 1 21 ? 10.749  -25.089 10.765  1.00 72.54 ? 1498 C   A "O2'" 1 
ATOM   438 C "C1'" . C   A 1 21 ? 8.577   -24.215 11.096  1.00 70.96 ? 1498 C   A "C1'" 1 
ATOM   439 N N1    . C   A 1 21 ? 7.699   -23.754 12.190  1.00 66.70 ? 1498 C   A N1    1 
ATOM   440 C C2    . C   A 1 21 ? 8.201   -22.879 13.208  1.00 64.95 ? 1498 C   A C2    1 
ATOM   441 O O2    . C   A 1 21 ? 9.435   -22.588 13.251  1.00 62.97 ? 1498 C   A O2    1 
ATOM   442 N N3    . C   A 1 21 ? 7.319   -22.398 14.121  1.00 62.34 ? 1498 C   A N3    1 
ATOM   443 C C4    . C   A 1 21 ? 6.040   -22.781 14.074  1.00 60.70 ? 1498 C   A C4    1 
ATOM   444 N N4    . C   A 1 21 ? 5.215   -22.314 14.972  1.00 58.34 ? 1498 C   A N4    1 
ATOM   445 C C5    . C   A 1 21 ? 5.548   -23.674 13.098  1.00 61.82 ? 1498 C   A C5    1 
ATOM   446 C C6    . C   A 1 21 ? 6.393   -24.136 12.197  1.00 64.02 ? 1498 C   A C6    1 
ATOM   447 O "O5'" . G   B 1 1  ? 10.311  -14.452 20.407  1.00 74.31 ? 1403 G   B "O5'" 1 
ATOM   448 C "C5'" . G   B 1 1  ? 11.665  -14.602 20.801  1.00 77.07 ? 1403 G   B "C5'" 1 
ATOM   449 C "C4'" . G   B 1 1  ? 12.466  -15.548 19.926  1.00 78.36 ? 1403 G   B "C4'" 1 
ATOM   450 O "O4'" . G   B 1 1  ? 12.139  -16.941 20.249  1.00 78.43 ? 1403 G   B "O4'" 1 
ATOM   451 C "C3'" . G   B 1 1  ? 12.213  -15.452 18.429  1.00 79.31 ? 1403 G   B "C3'" 1 
ATOM   452 O "O3'" . G   B 1 1  ? 12.894  -14.403 17.757  1.00 81.26 ? 1403 G   B "O3'" 1 
ATOM   453 C "C2'" . G   B 1 1  ? 12.609  -16.845 17.908  1.00 78.60 ? 1403 G   B "C2'" 1 
ATOM   454 O "O2'" . G   B 1 1  ? 13.972  -17.062 17.575  1.00 77.79 ? 1403 G   B "O2'" 1 
ATOM   455 C "C1'" . G   B 1 1  ? 12.178  -17.745 19.062  1.00 77.19 ? 1403 G   B "C1'" 1 
ATOM   456 N N9    . G   B 1 1  ? 10.838  -18.265 18.797  1.00 74.99 ? 1403 G   B N9    1 
ATOM   457 C C8    . G   B 1 1  ? 9.695   -17.992 19.512  1.00 74.52 ? 1403 G   B C8    1 
ATOM   458 N N7    . G   B 1 1  ? 8.642   -18.598 19.043  1.00 73.95 ? 1403 G   B N7    1 
ATOM   459 C C5    . G   B 1 1  ? 9.117   -19.315 17.948  1.00 72.99 ? 1403 G   B C5    1 
ATOM   460 C C6    . G   B 1 1  ? 8.436   -20.142 17.052  1.00 72.43 ? 1403 G   B C6    1 
ATOM   461 O O6    . G   B 1 1  ? 7.237   -20.407 17.023  1.00 72.98 ? 1403 G   B O6    1 
ATOM   462 N N1    . G   B 1 1  ? 9.280   -20.675 16.101  1.00 71.14 ? 1403 G   B N1    1 
ATOM   463 C C2    . G   B 1 1  ? 10.601  -20.428 16.007  1.00 71.01 ? 1403 G   B C2    1 
ATOM   464 N N2    . G   B 1 1  ? 11.220  -21.051 14.988  1.00 71.09 ? 1403 G   B N2    1 
ATOM   465 N N3    . G   B 1 1  ? 11.267  -19.640 16.831  1.00 71.50 ? 1403 G   B N3    1 
ATOM   466 C C4    . G   B 1 1  ? 10.463  -19.121 17.778  1.00 73.03 ? 1403 G   B C4    1 
ATOM   467 P P     . C   B 1 2  ? 12.578  -14.145 16.194  1.00 83.48 ? 1404 C   B P     1 
ATOM   468 O OP1   . C   B 1 2  ? 13.491  -13.105 15.657  1.00 84.22 ? 1404 C   B OP1   1 
ATOM   469 O OP2   . C   B 1 2  ? 11.090  -13.979 16.023  1.00 84.20 ? 1404 C   B OP2   1 
ATOM   470 O "O5'" . C   B 1 2  ? 12.988  -15.507 15.480  1.00 82.22 ? 1404 C   B "O5'" 1 
ATOM   471 C "C5'" . C   B 1 2  ? 14.152  -15.582 14.662  1.00 80.55 ? 1404 C   B "C5'" 1 
ATOM   472 C "C4'" . C   B 1 2  ? 13.821  -16.308 13.403  1.00 80.22 ? 1404 C   B "C4'" 1 
ATOM   473 O "O4'" . C   B 1 2  ? 13.150  -17.542 13.793  1.00 80.00 ? 1404 C   B "O4'" 1 
ATOM   474 C "C3'" . C   B 1 2  ? 12.789  -15.642 12.509  1.00 80.71 ? 1404 C   B "C3'" 1 
ATOM   475 O "O3'" . C   B 1 2  ? 13.256  -14.597 11.659  1.00 81.77 ? 1404 C   B "O3'" 1 
ATOM   476 C "C2'" . C   B 1 2  ? 12.231  -16.830 11.739  1.00 79.80 ? 1404 C   B "C2'" 1 
ATOM   477 O "O2'" . C   B 1 2  ? 13.081  -17.304 10.712  1.00 80.25 ? 1404 C   B "O2'" 1 
ATOM   478 C "C1'" . C   B 1 2  ? 12.157  -17.874 12.839  1.00 78.40 ? 1404 C   B "C1'" 1 
ATOM   479 N N1    . C   B 1 2  ? 10.812  -17.798 13.443  1.00 75.99 ? 1404 C   B N1    1 
ATOM   480 C C2    . C   B 1 2  ? 9.789   -18.496 12.802  1.00 74.99 ? 1404 C   B C2    1 
ATOM   481 O O2    . C   B 1 2  ? 10.074  -19.151 11.784  1.00 75.82 ? 1404 C   B O2    1 
ATOM   482 N N3    . C   B 1 2  ? 8.526   -18.444 13.293  1.00 73.47 ? 1404 C   B N3    1 
ATOM   483 C C4    . C   B 1 2  ? 8.272   -17.732 14.383  1.00 72.33 ? 1404 C   B C4    1 
ATOM   484 N N4    . C   B 1 2  ? 7.018   -17.731 14.832  1.00 71.18 ? 1404 C   B N4    1 
ATOM   485 C C5    . C   B 1 2  ? 9.296   -16.997 15.066  1.00 72.67 ? 1404 C   B C5    1 
ATOM   486 C C6    . C   B 1 2  ? 10.545  -17.063 14.568  1.00 74.12 ? 1404 C   B C6    1 
ATOM   487 P P     . G   B 1 3  ? 12.191  -13.483 11.101  1.00 82.87 ? 1405 G   B P     1 
ATOM   488 O OP1   . G   B 1 3  ? 12.942  -12.466 10.290  1.00 82.60 ? 1405 G   B OP1   1 
ATOM   489 O OP2   . G   B 1 3  ? 11.348  -13.016 12.265  1.00 82.12 ? 1405 G   B OP2   1 
ATOM   490 O "O5'" . G   B 1 3  ? 11.294  -14.313 10.072  1.00 79.74 ? 1405 G   B "O5'" 1 
ATOM   491 C "C5'" . G   B 1 3  ? 11.923  -15.222 9.197   1.00 76.84 ? 1405 G   B "C5'" 1 
ATOM   492 C "C4'" . G   B 1 3  ? 10.910  -16.066 8.510   1.00 75.92 ? 1405 G   B "C4'" 1 
ATOM   493 O "O4'" . G   B 1 3  ? 10.200  -16.934 9.429   1.00 74.45 ? 1405 G   B "O4'" 1 
ATOM   494 C "C3'" . G   B 1 3  ? 9.781   -15.338 7.823   1.00 75.84 ? 1405 G   B "C3'" 1 
ATOM   495 O "O3'" . G   B 1 3  ? 10.214  -14.666 6.656   1.00 77.52 ? 1405 G   B "O3'" 1 
ATOM   496 C "C2'" . G   B 1 3  ? 8.814   -16.485 7.559   1.00 74.19 ? 1405 G   B "C2'" 1 
ATOM   497 O "O2'" . G   B 1 3  ? 9.286   -17.315 6.509   1.00 73.47 ? 1405 G   B "O2'" 1 
ATOM   498 C "C1'" . G   B 1 3  ? 8.935   -17.266 8.863   1.00 72.48 ? 1405 G   B "C1'" 1 
ATOM   499 N N9    . G   B 1 3  ? 7.864   -16.920 9.798   1.00 69.57 ? 1405 G   B N9    1 
ATOM   500 C C8    . G   B 1 3  ? 7.948   -16.140 10.931  1.00 68.62 ? 1405 G   B C8    1 
ATOM   501 N N7    . G   B 1 3  ? 6.806   -16.024 11.560  1.00 67.14 ? 1405 G   B N7    1 
ATOM   502 C C5    . G   B 1 3  ? 5.918   -16.774 10.803  1.00 65.87 ? 1405 G   B C5    1 
ATOM   503 C C6    . G   B 1 3  ? 4.539   -17.009 10.991  1.00 65.34 ? 1405 G   B C6    1 
ATOM   504 O O6    . G   B 1 3  ? 3.801   -16.577 11.888  1.00 65.05 ? 1405 G   B O6    1 
ATOM   505 N N1    . G   B 1 3  ? 4.014   -17.819 9.991   1.00 65.06 ? 1405 G   B N1    1 
ATOM   506 C C2    . G   B 1 3  ? 4.718   -18.311 8.920   1.00 65.82 ? 1405 G   B C2    1 
ATOM   507 N N2    . G   B 1 3  ? 3.999   -19.036 8.026   1.00 65.98 ? 1405 G   B N2    1 
ATOM   508 N N3    . G   B 1 3  ? 6.020   -18.096 8.728   1.00 66.00 ? 1405 G   B N3    1 
ATOM   509 C C4    . G   B 1 3  ? 6.549   -17.326 9.708   1.00 67.20 ? 1405 G   B C4    1 
ATOM   510 P P     . U   B 1 4  ? 9.236   -13.599 5.959   1.00 77.96 ? 1406 U   B P     1 
ATOM   511 O OP1   . U   B 1 4  ? 10.085  -12.840 4.995   1.00 78.67 ? 1406 U   B OP1   1 
ATOM   512 O OP2   . U   B 1 4  ? 8.488   -12.869 7.037   1.00 77.69 ? 1406 U   B OP2   1 
ATOM   513 O "O5'" . U   B 1 4  ? 8.253   -14.561 5.144   1.00 75.27 ? 1406 U   B "O5'" 1 
ATOM   514 C "C5'" . U   B 1 4  ? 7.003   -14.112 4.724   1.00 72.28 ? 1406 U   B "C5'" 1 
ATOM   515 C "C4'" . U   B 1 4  ? 6.033   -15.243 4.705   1.00 70.65 ? 1406 U   B "C4'" 1 
ATOM   516 O "O4'" . U   B 1 4  ? 5.965   -15.873 6.002   1.00 69.34 ? 1406 U   B "O4'" 1 
ATOM   517 C "C3'" . U   B 1 4  ? 4.644   -14.707 4.480   1.00 70.42 ? 1406 U   B "C3'" 1 
ATOM   518 O "O3'" . U   B 1 4  ? 4.472   -14.454 3.107   1.00 70.74 ? 1406 U   B "O3'" 1 
ATOM   519 C "C2'" . U   B 1 4  ? 3.738   -15.739 5.143   1.00 69.68 ? 1406 U   B "C2'" 1 
ATOM   520 O "O2'" . U   B 1 4  ? 3.386   -16.869 4.388   1.00 68.66 ? 1406 U   B "O2'" 1 
ATOM   521 C "C1'" . U   B 1 4  ? 4.606   -16.162 6.324   1.00 68.48 ? 1406 U   B "C1'" 1 
ATOM   522 N N1    . U   B 1 4  ? 4.273   -15.407 7.541   1.00 66.85 ? 1406 U   B N1    1 
ATOM   523 C C2    . U   B 1 4  ? 2.965   -15.475 8.058   1.00 65.73 ? 1406 U   B C2    1 
ATOM   524 O O2    . U   B 1 4  ? 2.042   -16.079 7.511   1.00 64.69 ? 1406 U   B O2    1 
ATOM   525 N N3    . U   B 1 4  ? 2.789   -14.788 9.228   1.00 64.61 ? 1406 U   B N3    1 
ATOM   526 C C4    . U   B 1 4  ? 3.735   -14.050 9.902   1.00 65.74 ? 1406 U   B C4    1 
ATOM   527 O O4    . U   B 1 4  ? 3.447   -13.554 10.981  1.00 66.65 ? 1406 U   B O4    1 
ATOM   528 C C5    . U   B 1 4  ? 5.022   -13.998 9.292   1.00 65.61 ? 1406 U   B C5    1 
ATOM   529 C C6    . U   B 1 4  ? 5.244   -14.658 8.168   1.00 66.50 ? 1406 U   B C6    1 
ATOM   530 P P     . C   B 1 5  ? 4.474   -12.929 2.573   1.00 70.62 ? 1407 C   B P     1 
ATOM   531 O OP1   . C   B 1 5  ? 5.553   -12.841 1.554   1.00 71.31 ? 1407 C   B OP1   1 
ATOM   532 O OP2   . C   B 1 5  ? 4.468   -11.927 3.690   1.00 70.26 ? 1407 C   B OP2   1 
ATOM   533 O "O5'" . C   B 1 5  ? 3.076   -12.915 1.810   1.00 69.29 ? 1407 C   B "O5'" 1 
ATOM   534 C "C5'" . C   B 1 5  ? 1.933   -12.289 2.365   1.00 68.46 ? 1407 C   B "C5'" 1 
ATOM   535 C "C4'" . C   B 1 5  ? 0.856   -13.300 2.597   1.00 66.95 ? 1407 C   B "C4'" 1 
ATOM   536 O "O4'" . C   B 1 5  ? 1.304   -14.193 3.639   1.00 66.05 ? 1407 C   B "O4'" 1 
ATOM   537 C "C3'" . C   B 1 5  ? -0.402  -12.663 3.152   1.00 67.17 ? 1407 C   B "C3'" 1 
ATOM   538 O "O3'" . C   B 1 5  ? -1.285  -12.316 2.119   1.00 69.72 ? 1407 C   B "O3'" 1 
ATOM   539 C "C2'" . C   B 1 5  ? -0.986  -13.765 3.994   1.00 66.00 ? 1407 C   B "C2'" 1 
ATOM   540 O "O2'" . C   B 1 5  ? -1.629  -14.711 3.192   1.00 66.03 ? 1407 C   B "O2'" 1 
ATOM   541 C "C1'" . C   B 1 5  ? 0.280   -14.349 4.607   1.00 64.30 ? 1407 C   B "C1'" 1 
ATOM   542 N N1    . C   B 1 5  ? 0.652   -13.547 5.787   1.00 60.74 ? 1407 C   B N1    1 
ATOM   543 C C2    . C   B 1 5  ? -0.346  -13.249 6.750   1.00 58.69 ? 1407 C   B C2    1 
ATOM   544 O O2    . C   B 1 5  ? -1.532  -13.611 6.543   1.00 57.96 ? 1407 C   B O2    1 
ATOM   545 N N3    . C   B 1 5  ? 0.001   -12.571 7.860   1.00 56.67 ? 1407 C   B N3    1 
ATOM   546 C C4    . C   B 1 5  ? 1.255   -12.171 8.029   1.00 56.69 ? 1407 C   B C4    1 
ATOM   547 N N4    . C   B 1 5  ? 1.533   -11.551 9.147   1.00 56.09 ? 1407 C   B N4    1 
ATOM   548 C C5    . C   B 1 5  ? 2.274   -12.406 7.053   1.00 57.31 ? 1407 C   B C5    1 
ATOM   549 C C6    . C   B 1 5  ? 1.934   -13.099 5.962   1.00 58.55 ? 1407 C   B C6    1 
ATOM   550 P P     . A   B 1 6  ? -1.313  -10.805 1.562   1.00 71.17 ? 1408 A   B P     1 
ATOM   551 O OP1   . A   B 1 6  ? -1.903  -11.054 0.201   1.00 71.18 ? 1408 A   B OP1   1 
ATOM   552 O OP2   . A   B 1 6  ? 0.061   -10.210 1.701   1.00 70.52 ? 1408 A   B OP2   1 
ATOM   553 O "O5'" . A   B 1 6  ? -2.366  -10.034 2.485   1.00 69.45 ? 1408 A   B "O5'" 1 
ATOM   554 C "C5'" . A   B 1 6  ? -3.665  -10.578 2.621   1.00 68.74 ? 1408 A   B "C5'" 1 
ATOM   555 C "C4'" . A   B 1 6  ? -4.179  -10.417 4.018   1.00 67.61 ? 1408 A   B "C4'" 1 
ATOM   556 O "O4'" . A   B 1 6  ? -3.302  -11.015 5.018   1.00 65.30 ? 1408 A   B "O4'" 1 
ATOM   557 C "C3'" . A   B 1 6  ? -4.306  -8.991  4.496   1.00 67.10 ? 1408 A   B "C3'" 1 
ATOM   558 O "O3'" . A   B 1 6  ? -5.377  -8.293  3.879   1.00 68.47 ? 1408 A   B "O3'" 1 
ATOM   559 C "C2'" . A   B 1 6  ? -4.476  -9.181  5.997   1.00 66.47 ? 1408 A   B "C2'" 1 
ATOM   560 O "O2'" . A   B 1 6  ? -5.809  -9.469  6.394   1.00 66.49 ? 1408 A   B "O2'" 1 
ATOM   561 C "C1'" . A   B 1 6  ? -3.546  -10.365 6.263   1.00 64.23 ? 1408 A   B "C1'" 1 
ATOM   562 N N9    . A   B 1 6  ? -2.298  -9.855  6.836   1.00 61.88 ? 1408 A   B N9    1 
ATOM   563 C C8    . A   B 1 6  ? -1.016  -9.843  6.350   1.00 61.34 ? 1408 A   B C8    1 
ATOM   564 N N7    . A   B 1 6  ? -0.146  -9.277  7.164   1.00 59.34 ? 1408 A   B N7    1 
ATOM   565 C C5    . A   B 1 6  ? -0.913  -8.908  8.250   1.00 59.71 ? 1408 A   B C5    1 
ATOM   566 C C6    . A   B 1 6  ? -0.589  -8.303  9.447   1.00 60.63 ? 1408 A   B C6    1 
ATOM   567 N N6    . A   B 1 6  ? 0.657   -7.973  9.776   1.00 61.25 ? 1408 A   B N6    1 
ATOM   568 N N1    . A   B 1 6  ? -1.581  -8.055  10.327  1.00 60.12 ? 1408 A   B N1    1 
ATOM   569 C C2    . A   B 1 6  ? -2.810  -8.416  10.015  1.00 59.35 ? 1408 A   B C2    1 
ATOM   570 N N3    . A   B 1 6  ? -3.246  -9.016  8.920   1.00 60.57 ? 1408 A   B N3    1 
ATOM   571 C C4    . A   B 1 6  ? -2.231  -9.241  8.063   1.00 60.45 ? 1408 A   B C4    1 
ATOM   572 P P     . C   B 1 7  ? -5.069  -6.910  3.087   1.00 69.71 ? 1409 C   B P     1 
ATOM   573 O OP1   . C   B 1 7  ? -5.835  -7.018  1.815   1.00 69.81 ? 1409 C   B OP1   1 
ATOM   574 O OP2   . C   B 1 7  ? -3.598  -6.619  3.037   1.00 68.68 ? 1409 C   B OP2   1 
ATOM   575 O "O5'" . C   B 1 7  ? -5.749  -5.802  4.003   1.00 67.68 ? 1409 C   B "O5'" 1 
ATOM   576 C "C5'" . C   B 1 7  ? -6.815  -6.147  4.871   1.00 66.52 ? 1409 C   B "C5'" 1 
ATOM   577 C "C4'" . C   B 1 7  ? -6.475  -5.727  6.270   1.00 66.69 ? 1409 C   B "C4'" 1 
ATOM   578 O "O4'" . C   B 1 7  ? -5.336  -6.489  6.730   1.00 65.89 ? 1409 C   B "O4'" 1 
ATOM   579 C "C3'" . C   B 1 7  ? -5.957  -4.305  6.381   1.00 66.84 ? 1409 C   B "C3'" 1 
ATOM   580 O "O3'" . C   B 1 7  ? -6.966  -3.317  6.334   1.00 66.95 ? 1409 C   B "O3'" 1 
ATOM   581 C "C2'" . C   B 1 7  ? -5.137  -4.303  7.675   1.00 65.78 ? 1409 C   B "C2'" 1 
ATOM   582 O "O2'" . C   B 1 7  ? -5.810  -3.961  8.854   1.00 65.99 ? 1409 C   B "O2'" 1 
ATOM   583 C "C1'" . C   B 1 7  ? -4.660  -5.751  7.740   1.00 65.05 ? 1409 C   B "C1'" 1 
ATOM   584 N N1    . C   B 1 7  ? -3.218  -5.825  7.526   1.00 62.91 ? 1409 C   B N1    1 
ATOM   585 C C2    . C   B 1 7  ? -2.391  -5.366  8.538   1.00 62.05 ? 1409 C   B C2    1 
ATOM   586 O O2    . C   B 1 7  ? -2.906  -4.972  9.601   1.00 61.89 ? 1409 C   B O2    1 
ATOM   587 N N3    . C   B 1 7  ? -1.059  -5.352  8.341   1.00 61.52 ? 1409 C   B N3    1 
ATOM   588 C C4    . C   B 1 7  ? -0.556  -5.781  7.186   1.00 61.54 ? 1409 C   B C4    1 
ATOM   589 N N4    . C   B 1 7  ? 0.769   -5.705  7.014   1.00 61.44 ? 1409 C   B N4    1 
ATOM   590 C C5    . C   B 1 7  ? -1.380  -6.295  6.153   1.00 61.40 ? 1409 C   B C5    1 
ATOM   591 C C6    . C   B 1 7  ? -2.691  -6.300  6.360   1.00 61.92 ? 1409 C   B C6    1 
ATOM   592 P P     . A   B 1 8  ? -6.564  -1.835  5.884   1.00 68.19 ? 1410 A   B P     1 
ATOM   593 O OP1   . A   B 1 8  ? -7.834  -1.080  5.872   1.00 68.58 ? 1410 A   B OP1   1 
ATOM   594 O OP2   . A   B 1 8  ? -5.703  -1.883  4.650   1.00 67.53 ? 1410 A   B OP2   1 
ATOM   595 O "O5'" . A   B 1 8  ? -5.693  -1.290  7.096   1.00 66.88 ? 1410 A   B "O5'" 1 
ATOM   596 C "C5'" . A   B 1 8  ? -6.321  -0.946  8.311   1.00 65.33 ? 1410 A   B "C5'" 1 
ATOM   597 C "C4'" . A   B 1 8  ? -5.303  -0.509  9.304   1.00 65.30 ? 1410 A   B "C4'" 1 
ATOM   598 O "O4'" . A   B 1 8  ? -4.328  -1.553  9.413   1.00 65.74 ? 1410 A   B "O4'" 1 
ATOM   599 C "C3'" . A   B 1 8  ? -4.451  0.686   8.936   1.00 65.05 ? 1410 A   B "C3'" 1 
ATOM   600 O "O3'" . A   B 1 8  ? -5.106  1.911   9.164   1.00 65.04 ? 1410 A   B "O3'" 1 
ATOM   601 C "C2'" . A   B 1 8  ? -3.224  0.519   9.826   1.00 65.11 ? 1410 A   B "C2'" 1 
ATOM   602 O "O2'" . A   B 1 8  ? -3.353  1.023   11.149  1.00 65.00 ? 1410 A   B "O2'" 1 
ATOM   603 C "C1'" . A   B 1 8  ? -3.098  -0.997  9.860   1.00 64.53 ? 1410 A   B "C1'" 1 
ATOM   604 N N9    . A   B 1 8  ? -2.035  -1.490  9.007   1.00 63.44 ? 1410 A   B N9    1 
ATOM   605 C C8    . A   B 1 8  ? -2.118  -2.222  7.856   1.00 62.95 ? 1410 A   B C8    1 
ATOM   606 N N7    . A   B 1 8  ? -0.959  -2.593  7.387   1.00 62.21 ? 1410 A   B N7    1 
ATOM   607 C C5    . A   B 1 8  ? -0.047  -2.031  8.270   1.00 61.78 ? 1410 A   B C5    1 
ATOM   608 C C6    . A   B 1 8  ? 1.344   -2.024  8.309   1.00 61.58 ? 1410 A   B C6    1 
ATOM   609 N N6    . A   B 1 8  ? 2.115   -2.623  7.398   1.00 60.65 ? 1410 A   B N6    1 
ATOM   610 N N1    . A   B 1 8  ? 1.933   -1.360  9.321   1.00 62.16 ? 1410 A   B N1    1 
ATOM   611 C C2    . A   B 1 8  ? 1.163   -0.727  10.219  1.00 62.59 ? 1410 A   B C2    1 
ATOM   612 N N3    . A   B 1 8  ? -0.153  -0.647  10.279  1.00 62.04 ? 1410 A   B N3    1 
ATOM   613 C C4    . A   B 1 8  ? -0.702  -1.333  9.264   1.00 62.41 ? 1410 A   B C4    1 
ATOM   614 P P     . C   B 1 9  ? -4.926  3.104   8.099   1.00 65.37 ? 1411 C   B P     1 
ATOM   615 O OP1   . C   B 1 9  ? -5.922  4.164   8.439   1.00 66.46 ? 1411 C   B OP1   1 
ATOM   616 O OP2   . C   B 1 9  ? -4.942  2.470   6.725   1.00 65.62 ? 1411 C   B OP2   1 
ATOM   617 O "O5'" . C   B 1 9  ? -3.491  3.715   8.441   1.00 63.90 ? 1411 C   B "O5'" 1 
ATOM   618 C "C5'" . C   B 1 9  ? -3.385  4.709   9.443   1.00 62.57 ? 1411 C   B "C5'" 1 
ATOM   619 C "C4'" . C   B 1 9  ? -1.969  4.854   9.887   1.00 61.86 ? 1411 C   B "C4'" 1 
ATOM   620 O "O4'" . C   B 1 9  ? -1.405  3.562   10.189  1.00 61.68 ? 1411 C   B "O4'" 1 
ATOM   621 C "C3'" . C   B 1 9  ? -1.026  5.440   8.872   1.00 61.73 ? 1411 C   B "C3'" 1 
ATOM   622 O "O3'" . C   B 1 9  ? -1.128  6.835   8.911   1.00 62.85 ? 1411 C   B "O3'" 1 
ATOM   623 C "C2'" . C   B 1 9  ? 0.324   4.970   9.371   1.00 61.34 ? 1411 C   B "C2'" 1 
ATOM   624 O "O2'" . C   B 1 9  ? 0.810   5.763   10.419  1.00 60.88 ? 1411 C   B "O2'" 1 
ATOM   625 C "C1'" . C   B 1 9  ? -0.021  3.583   9.898   1.00 61.30 ? 1411 C   B "C1'" 1 
ATOM   626 N N1    . C   B 1 9  ? 0.247   2.600   8.846   1.00 60.65 ? 1411 C   B N1    1 
ATOM   627 C C2    . C   B 1 9  ? 1.580   2.285   8.566   1.00 60.00 ? 1411 C   B C2    1 
ATOM   628 O O2    . C   B 1 9  ? 2.476   2.846   9.232   1.00 58.98 ? 1411 C   B O2    1 
ATOM   629 N N3    . C   B 1 9  ? 1.858   1.405   7.574   1.00 60.45 ? 1411 C   B N3    1 
ATOM   630 C C4    . C   B 1 9  ? 0.861   0.883   6.851   1.00 60.78 ? 1411 C   B C4    1 
ATOM   631 N N4    . C   B 1 9  ? 1.175   0.086   5.833   1.00 59.18 ? 1411 C   B N4    1 
ATOM   632 C C5    . C   B 1 9  ? -0.509  1.177   7.131   1.00 60.98 ? 1411 C   B C5    1 
ATOM   633 C C6    . C   B 1 9  ? -0.769  2.025   8.134   1.00 60.25 ? 1411 C   B C6    1 
ATOM   634 P P     . C   B 1 10 ? -1.031  7.670   7.551   1.00 62.11 ? 1412 C   B P     1 
ATOM   635 O OP1   . C   B 1 10 ? -1.533  9.016   7.960   1.00 62.17 ? 1412 C   B OP1   1 
ATOM   636 O OP2   . C   B 1 10 ? -1.722  6.918   6.426   1.00 60.31 ? 1412 C   B OP2   1 
ATOM   637 O "O5'" . C   B 1 10 ? 0.545   7.710   7.303   1.00 58.86 ? 1412 C   B "O5'" 1 
ATOM   638 C "C5'" . C   B 1 10 ? 1.408   8.361   8.246   1.00 57.17 ? 1412 C   B "C5'" 1 
ATOM   639 C "C4'" . C   B 1 10 ? 2.865   8.148   7.894   1.00 55.83 ? 1412 C   B "C4'" 1 
ATOM   640 O "O4'" . C   B 1 10 ? 3.296   6.798   8.208   1.00 55.92 ? 1412 C   B "O4'" 1 
ATOM   641 C "C3'" . C   B 1 10 ? 3.218   8.279   6.445   1.00 55.24 ? 1412 C   B "C3'" 1 
ATOM   642 O "O3'" . C   B 1 10 ? 3.323   9.593   6.065   1.00 56.50 ? 1412 C   B "O3'" 1 
ATOM   643 C "C2'" . C   B 1 10 ? 4.533   7.538   6.351   1.00 54.14 ? 1412 C   B "C2'" 1 
ATOM   644 O "O2'" . C   B 1 10 ? 5.598   8.296   6.871   1.00 53.97 ? 1412 C   B "O2'" 1 
ATOM   645 C "C1'" . C   B 1 10 ? 4.254   6.361   7.263   1.00 52.68 ? 1412 C   B "C1'" 1 
ATOM   646 N N1    . C   B 1 10 ? 3.640   5.290   6.479   1.00 49.27 ? 1412 C   B N1    1 
ATOM   647 C C2    . C   B 1 10 ? 4.477   4.404   5.803   1.00 48.69 ? 1412 C   B C2    1 
ATOM   648 O O2    . C   B 1 10 ? 5.719   4.528   5.947   1.00 48.65 ? 1412 C   B O2    1 
ATOM   649 N N3    . C   B 1 10 ? 3.927   3.430   5.020   1.00 48.22 ? 1412 C   B N3    1 
ATOM   650 C C4    . C   B 1 10 ? 2.600   3.324   4.933   1.00 47.91 ? 1412 C   B C4    1 
ATOM   651 N N4    . C   B 1 10 ? 2.095   2.365   4.157   1.00 45.32 ? 1412 C   B N4    1 
ATOM   652 C C5    . C   B 1 10 ? 1.724   4.212   5.650   1.00 47.92 ? 1412 C   B C5    1 
ATOM   653 C C6    . C   B 1 10 ? 2.285   5.164   6.398   1.00 47.83 ? 1412 C   B C6    1 
ATOM   654 P P     . G   B 1 11 ? 3.010   9.957   4.549   1.00 58.13 ? 1488 G   B P     1 
ATOM   655 O OP1   . G   B 1 11 ? 3.166   11.425  4.650   1.00 58.56 ? 1488 G   B OP1   1 
ATOM   656 O OP2   . G   B 1 11 ? 1.711   9.348   4.093   1.00 55.63 ? 1488 G   B OP2   1 
ATOM   657 O "O5'" . G   B 1 11 ? 4.218   9.257   3.761   1.00 56.20 ? 1488 G   B "O5'" 1 
ATOM   658 C "C5'" . G   B 1 11 ? 5.564   9.527   4.185   1.00 51.56 ? 1488 G   B "C5'" 1 
ATOM   659 C "C4'" . G   B 1 11 ? 6.556   8.674   3.441   1.00 48.93 ? 1488 G   B "C4'" 1 
ATOM   660 O "O4'" . G   B 1 11 ? 6.453   7.277   3.797   1.00 46.47 ? 1488 G   B "O4'" 1 
ATOM   661 C "C3'" . G   B 1 11 ? 6.435   8.661   1.938   1.00 48.00 ? 1488 G   B "C3'" 1 
ATOM   662 O "O3'" . G   B 1 11 ? 6.978   9.826   1.380   1.00 48.20 ? 1488 G   B "O3'" 1 
ATOM   663 C "C2'" . G   B 1 11 ? 7.243   7.429   1.585   1.00 46.01 ? 1488 G   B "C2'" 1 
ATOM   664 O "O2'" . G   B 1 11 ? 8.618   7.696   1.752   1.00 45.75 ? 1488 G   B "O2'" 1 
ATOM   665 C "C1'" . G   B 1 11 ? 6.786   6.479   2.678   1.00 44.34 ? 1488 G   B "C1'" 1 
ATOM   666 N N9    . G   B 1 11 ? 5.580   5.758   2.275   1.00 41.23 ? 1488 G   B N9    1 
ATOM   667 C C8    . G   B 1 11 ? 4.285   6.051   2.610   1.00 39.74 ? 1488 G   B C8    1 
ATOM   668 N N7    . G   B 1 11 ? 3.435   5.201   2.119   1.00 37.44 ? 1488 G   B N7    1 
ATOM   669 C C5    . G   B 1 11 ? 4.221   4.309   1.416   1.00 39.36 ? 1488 G   B C5    1 
ATOM   670 C C6    . G   B 1 11 ? 3.865   3.122   0.704   1.00 38.80 ? 1488 G   B C6    1 
ATOM   671 O O6    . G   B 1 11 ? 2.759   2.647   0.529   1.00 38.07 ? 1488 G   B O6    1 
ATOM   672 N N1    . G   B 1 11 ? 4.973   2.474   0.191   1.00 38.59 ? 1488 G   B N1    1 
ATOM   673 C C2    . G   B 1 11 ? 6.257   2.909   0.328   1.00 40.24 ? 1488 G   B C2    1 
ATOM   674 N N2    . G   B 1 11 ? 7.197   2.126   -0.216  1.00 42.43 ? 1488 G   B N2    1 
ATOM   675 N N3    . G   B 1 11 ? 6.600   4.026   0.970   1.00 41.20 ? 1488 G   B N3    1 
ATOM   676 C C4    . G   B 1 11 ? 5.538   4.652   1.499   1.00 39.80 ? 1488 G   B C4    1 
ATOM   677 P P     . G   B 1 12 ? 6.557   10.239  -0.109  1.00 48.59 ? 1489 G   B P     1 
ATOM   678 O OP1   . G   B 1 12 ? 7.588   11.292  -0.416  1.00 45.35 ? 1489 G   B OP1   1 
ATOM   679 O OP2   . G   B 1 12 ? 5.084   10.554  -0.202  1.00 44.36 ? 1489 G   B OP2   1 
ATOM   680 O "O5'" . G   B 1 12 ? 6.858   8.868   -0.914  1.00 46.94 ? 1489 G   B "O5'" 1 
ATOM   681 C "C5'" . G   B 1 12 ? 7.763   8.864   -2.042  1.00 42.10 ? 1489 G   B "C5'" 1 
ATOM   682 C "C4'" . G   B 1 12 ? 8.151   7.472   -2.434  1.00 39.77 ? 1489 G   B "C4'" 1 
ATOM   683 O "O4'" . G   B 1 12 ? 7.577   6.484   -1.564  1.00 37.78 ? 1489 G   B "O4'" 1 
ATOM   684 C "C3'" . G   B 1 12 ? 7.682   7.071   -3.824  1.00 40.44 ? 1489 G   B "C3'" 1 
ATOM   685 O "O3'" . G   B 1 12 ? 8.503   7.586   -4.856  1.00 40.60 ? 1489 G   B "O3'" 1 
ATOM   686 C "C2'" . G   B 1 12 ? 7.716   5.560   -3.758  1.00 39.06 ? 1489 G   B "C2'" 1 
ATOM   687 O "O2'" . G   B 1 12 ? 9.037   5.157   -3.923  1.00 35.21 ? 1489 G   B "O2'" 1 
ATOM   688 C "C1'" . G   B 1 12 ? 7.232   5.318   -2.329  1.00 37.76 ? 1489 G   B "C1'" 1 
ATOM   689 N N9    . G   B 1 12 ? 5.771   5.127   -2.296  1.00 36.28 ? 1489 G   B N9    1 
ATOM   690 C C8    . G   B 1 12 ? 4.843   5.920   -1.662  1.00 35.30 ? 1489 G   B C8    1 
ATOM   691 N N7    . G   B 1 12 ? 3.627   5.453   -1.731  1.00 34.66 ? 1489 G   B N7    1 
ATOM   692 C C5    . G   B 1 12 ? 3.742   4.295   -2.481  1.00 34.35 ? 1489 G   B C5    1 
ATOM   693 C C6    . G   B 1 12 ? 2.745   3.354   -2.884  1.00 35.48 ? 1489 G   B C6    1 
ATOM   694 O O6    . G   B 1 12 ? 1.509   3.389   -2.678  1.00 35.29 ? 1489 G   B O6    1 
ATOM   695 N N1    . G   B 1 12 ? 3.313   2.304   -3.614  1.00 36.07 ? 1489 G   B N1    1 
ATOM   696 C C2    . G   B 1 12 ? 4.646   2.211   -3.952  1.00 36.26 ? 1489 G   B C2    1 
ATOM   697 N N2    . G   B 1 12 ? 5.012   1.129   -4.661  1.00 39.40 ? 1489 G   B N2    1 
ATOM   698 N N3    . G   B 1 12 ? 5.564   3.096   -3.622  1.00 35.54 ? 1489 G   B N3    1 
ATOM   699 C C4    . G   B 1 12 ? 5.055   4.092   -2.871  1.00 35.48 ? 1489 G   B C4    1 
ATOM   700 P P     . U   B 1 13 ? 7.829   8.054   -6.235  1.00 39.84 ? 1490 U   B P     1 
ATOM   701 O OP1   . U   B 1 13 ? 8.828   8.867   -6.937  1.00 39.69 ? 1490 U   B OP1   1 
ATOM   702 O OP2   . U   B 1 13 ? 6.506   8.630   -5.996  1.00 39.85 ? 1490 U   B OP2   1 
ATOM   703 O "O5'" . U   B 1 13 ? 7.652   6.636   -6.972  1.00 39.98 ? 1490 U   B "O5'" 1 
ATOM   704 C "C5'" . U   B 1 13 ? 8.820   5.830   -7.293  1.00 38.67 ? 1490 U   B "C5'" 1 
ATOM   705 C "C4'" . U   B 1 13 ? 8.430   4.530   -7.963  1.00 40.02 ? 1490 U   B "C4'" 1 
ATOM   706 O "O4'" . U   B 1 13 ? 7.744   3.690   -7.024  1.00 40.52 ? 1490 U   B "O4'" 1 
ATOM   707 C "C3'" . U   B 1 13 ? 7.460   4.580   -9.125  1.00 40.68 ? 1490 U   B "C3'" 1 
ATOM   708 O "O3'" . U   B 1 13 ? 8.015   4.969   -10.337 1.00 40.99 ? 1490 U   B "O3'" 1 
ATOM   709 C "C2'" . U   B 1 13 ? 6.919   3.172   -9.164  1.00 40.28 ? 1490 U   B "C2'" 1 
ATOM   710 O "O2'" . U   B 1 13 ? 7.832   2.237   -9.651  1.00 38.98 ? 1490 U   B "O2'" 1 
ATOM   711 C "C1'" . U   B 1 13 ? 6.760   2.915   -7.691  1.00 40.07 ? 1490 U   B "C1'" 1 
ATOM   712 N N1    . U   B 1 13 ? 5.419   3.345   -7.259  1.00 39.19 ? 1490 U   B N1    1 
ATOM   713 C C2    . U   B 1 13 ? 4.377   2.489   -7.573  1.00 39.29 ? 1490 U   B C2    1 
ATOM   714 O O2    . U   B 1 13 ? 4.523   1.474   -8.248  1.00 36.33 ? 1490 U   B O2    1 
ATOM   715 N N3    . U   B 1 13 ? 3.143   2.876   -7.091  1.00 39.50 ? 1490 U   B N3    1 
ATOM   716 C C4    . U   B 1 13 ? 2.839   4.006   -6.402  1.00 38.76 ? 1490 U   B C4    1 
ATOM   717 O O4    . U   B 1 13 ? 1.661   4.203   -6.118  1.00 42.88 ? 1490 U   B O4    1 
ATOM   718 C C5    . U   B 1 13 ? 3.954   4.885   -6.138  1.00 38.28 ? 1490 U   B C5    1 
ATOM   719 C C6    . U   B 1 13 ? 5.179   4.536   -6.559  1.00 38.35 ? 1490 U   B C6    1 
ATOM   720 P P     . G   B 1 14 ? 7.191   6.013   -11.236 1.00 44.05 ? 1491 G   B P     1 
ATOM   721 O OP1   . G   B 1 14 ? 8.260   6.484   -12.187 1.00 42.69 ? 1491 G   B OP1   1 
ATOM   722 O OP2   . G   B 1 14 ? 6.505   7.044   -10.327 1.00 38.66 ? 1491 G   B OP2   1 
ATOM   723 O "O5'" . G   B 1 14 ? 6.142   5.037   -11.918 1.00 37.14 ? 1491 G   B "O5'" 1 
ATOM   724 C "C5'" . G   B 1 14 ? 6.610   3.854   -12.463 1.00 36.29 ? 1491 G   B "C5'" 1 
ATOM   725 C "C4'" . G   B 1 14 ? 5.483   2.993   -12.859 1.00 37.52 ? 1491 G   B "C4'" 1 
ATOM   726 O "O4'" . G   B 1 14 ? 4.797   2.440   -11.720 1.00 36.84 ? 1491 G   B "O4'" 1 
ATOM   727 C "C3'" . G   B 1 14 ? 4.389   3.641   -13.663 1.00 38.97 ? 1491 G   B "C3'" 1 
ATOM   728 O "O3'" . G   B 1 14 ? 4.752   3.694   -14.996 1.00 40.41 ? 1491 G   B "O3'" 1 
ATOM   729 C "C2'" . G   B 1 14 ? 3.266   2.652   -13.495 1.00 38.45 ? 1491 G   B "C2'" 1 
ATOM   730 O "O2'" . G   B 1 14 ? 3.607   1.542   -14.304 1.00 39.86 ? 1491 G   B "O2'" 1 
ATOM   731 C "C1'" . G   B 1 14 ? 3.423   2.274   -12.025 1.00 37.36 ? 1491 G   B "C1'" 1 
ATOM   732 N N9    . G   B 1 14 ? 2.707   3.179   -11.142 1.00 36.15 ? 1491 G   B N9    1 
ATOM   733 C C8    . G   B 1 14 ? 3.255   4.276   -10.538 1.00 35.67 ? 1491 G   B C8    1 
ATOM   734 N N7    . G   B 1 14 ? 2.459   4.849   -9.693  1.00 37.31 ? 1491 G   B N7    1 
ATOM   735 C C5    . G   B 1 14 ? 1.280   4.119   -9.771  1.00 37.48 ? 1491 G   B C5    1 
ATOM   736 C C6    . G   B 1 14 ? 0.032   4.272   -9.049  1.00 37.28 ? 1491 G   B C6    1 
ATOM   737 O O6    . G   B 1 14 ? -0.261  5.091   -8.157  1.00 39.60 ? 1491 G   B O6    1 
ATOM   738 N N1    . G   B 1 14 ? -0.893  3.324   -9.443  1.00 37.04 ? 1491 G   B N1    1 
ATOM   739 C C2    . G   B 1 14 ? -0.665  2.334   -10.375 1.00 36.84 ? 1491 G   B C2    1 
ATOM   740 N N2    . G   B 1 14 ? -1.669  1.487   -10.565 1.00 34.45 ? 1491 G   B N2    1 
ATOM   741 N N3    . G   B 1 14 ? 0.478   2.177   -11.049 1.00 36.28 ? 1491 G   B N3    1 
ATOM   742 C C4    . G   B 1 14 ? 1.405   3.098   -10.691 1.00 36.49 ? 1491 G   B C4    1 
ATOM   743 P P     . A   B 1 15 ? 4.736   5.101   -15.739 1.00 42.04 ? 1492 A   B P     1 
ATOM   744 O OP1   . A   B 1 15 ? 6.160   5.390   -16.021 1.00 41.43 ? 1492 A   B OP1   1 
ATOM   745 O OP2   . A   B 1 15 ? 3.900   6.097   -14.954 1.00 39.88 ? 1492 A   B OP2   1 
ATOM   746 O "O5'" . A   B 1 15 ? 4.037   4.754   -17.120 1.00 41.84 ? 1492 A   B "O5'" 1 
ATOM   747 C "C5'" . A   B 1 15 ? 2.777   4.076   -17.156 1.00 43.11 ? 1492 A   B "C5'" 1 
ATOM   748 C "C4'" . A   B 1 15 ? 2.163   4.264   -18.515 1.00 44.11 ? 1492 A   B "C4'" 1 
ATOM   749 O "O4'" . A   B 1 15 ? 2.651   3.263   -19.425 1.00 44.30 ? 1492 A   B "O4'" 1 
ATOM   750 C "C3'" . A   B 1 15 ? 0.666   4.107   -18.656 1.00 44.07 ? 1492 A   B "C3'" 1 
ATOM   751 O "O3'" . A   B 1 15 ? 0.017   5.261   -18.186 1.00 46.43 ? 1492 A   B "O3'" 1 
ATOM   752 C "C2'" . A   B 1 15 ? 0.500   3.945   -20.162 1.00 44.14 ? 1492 A   B "C2'" 1 
ATOM   753 O "O2'" . A   B 1 15 ? 0.567   5.204   -20.864 1.00 42.80 ? 1492 A   B "O2'" 1 
ATOM   754 C "C1'" . A   B 1 15 ? 1.742   3.136   -20.504 1.00 43.13 ? 1492 A   B "C1'" 1 
ATOM   755 N N9    . A   B 1 15 ? 1.540   1.720   -20.807 1.00 41.20 ? 1492 A   B N9    1 
ATOM   756 C C8    . A   B 1 15 ? 1.731   0.620   -20.038 1.00 39.49 ? 1492 A   B C8    1 
ATOM   757 N N7    . A   B 1 15 ? 1.495   -0.516  -20.660 1.00 40.14 ? 1492 A   B N7    1 
ATOM   758 C C5    . A   B 1 15 ? 1.100   -0.129  -21.915 1.00 39.57 ? 1492 A   B C5    1 
ATOM   759 C C6    . A   B 1 15 ? 0.689   -0.856  -23.043 1.00 39.50 ? 1492 A   B C6    1 
ATOM   760 N N6    . A   B 1 15 ? 0.501   -2.182  -23.067 1.00 38.97 ? 1492 A   B N6    1 
ATOM   761 N N1    . A   B 1 15 ? 0.436   -0.154  -24.169 1.00 41.38 ? 1492 A   B N1    1 
ATOM   762 C C2    . A   B 1 15 ? 0.542   1.193   -24.131 1.00 43.16 ? 1492 A   B C2    1 
ATOM   763 N N3    . A   B 1 15 ? 0.868   1.989   -23.103 1.00 41.08 ? 1492 A   B N3    1 
ATOM   764 C C4    . A   B 1 15 ? 1.139   1.253   -22.025 1.00 40.79 ? 1492 A   B C4    1 
ATOM   765 P P     . A   B 1 16 ? -1.361  5.094   -17.451 1.00 47.76 ? 1493 A   B P     1 
ATOM   766 O OP1   . A   B 1 16 ? -1.435  6.135   -16.352 1.00 47.95 ? 1493 A   B OP1   1 
ATOM   767 O OP2   . A   B 1 16 ? -1.543  3.684   -17.123 1.00 46.98 ? 1493 A   B OP2   1 
ATOM   768 O "O5'" . A   B 1 16 ? -2.392  5.291   -18.626 1.00 45.75 ? 1493 A   B "O5'" 1 
ATOM   769 C "C5'" . A   B 1 16 ? -2.513  6.515   -19.347 1.00 46.74 ? 1493 A   B "C5'" 1 
ATOM   770 C "C4'" . A   B 1 16 ? -3.421  6.250   -20.499 1.00 47.71 ? 1493 A   B "C4'" 1 
ATOM   771 O "O4'" . A   B 1 16 ? -2.666  5.344   -21.364 1.00 47.63 ? 1493 A   B "O4'" 1 
ATOM   772 C "C3'" . A   B 1 16 ? -4.682  5.453   -20.107 1.00 47.66 ? 1493 A   B "C3'" 1 
ATOM   773 O "O3'" . A   B 1 16 ? -5.842  6.241   -19.880 1.00 49.64 ? 1493 A   B "O3'" 1 
ATOM   774 C "C2'" . A   B 1 16 ? -4.937  4.641   -21.366 1.00 47.56 ? 1493 A   B "C2'" 1 
ATOM   775 O "O2'" . A   B 1 16 ? -5.546  5.399   -22.372 1.00 49.59 ? 1493 A   B "O2'" 1 
ATOM   776 C "C1'" . A   B 1 16 ? -3.519  4.326   -21.848 1.00 45.65 ? 1493 A   B "C1'" 1 
ATOM   777 N N9    . A   B 1 16 ? -3.067  3.032   -21.339 1.00 42.90 ? 1493 A   B N9    1 
ATOM   778 C C8    . A   B 1 16 ? -2.817  2.655   -20.051 1.00 41.68 ? 1493 A   B C8    1 
ATOM   779 N N7    . A   B 1 16 ? -2.508  1.392   -19.922 1.00 40.87 ? 1493 A   B N7    1 
ATOM   780 C C5    . A   B 1 16 ? -2.539  0.915   -21.220 1.00 41.84 ? 1493 A   B C5    1 
ATOM   781 C C6    . A   B 1 16 ? -2.294  -0.325  -21.759 1.00 40.88 ? 1493 A   B C6    1 
ATOM   782 N N6    . A   B 1 16 ? -2.026  -1.389  -21.026 1.00 40.83 ? 1493 A   B N6    1 
ATOM   783 N N1    . A   B 1 16 ? -2.349  -0.452  -23.098 1.00 40.96 ? 1493 A   B N1    1 
ATOM   784 C C2    . A   B 1 16 ? -2.677  0.575   -23.819 1.00 39.92 ? 1493 A   B C2    1 
ATOM   785 N N3    . A   B 1 16 ? -2.966  1.792   -23.435 1.00 42.61 ? 1493 A   B N3    1 
ATOM   786 C C4    . A   B 1 16 ? -2.865  1.909   -22.100 1.00 43.13 ? 1493 A   B C4    1 
ATOM   787 P P     . G   B 1 17 ? -6.194  6.845   -18.396 1.00 53.55 ? 1494 G   B P     1 
ATOM   788 O OP1   . G   B 1 17 ? -7.179  7.984   -18.724 1.00 52.22 ? 1494 G   B OP1   1 
ATOM   789 O OP2   . G   B 1 17 ? -5.029  7.165   -17.516 1.00 51.40 ? 1494 G   B OP2   1 
ATOM   790 O "O5'" . G   B 1 17 ? -7.078  5.708   -17.737 1.00 47.54 ? 1494 G   B "O5'" 1 
ATOM   791 C "C5'" . G   B 1 17 ? -8.331  5.434   -18.343 1.00 44.26 ? 1494 G   B "C5'" 1 
ATOM   792 C "C4'" . G   B 1 17 ? -9.412  5.562   -17.360 1.00 41.03 ? 1494 G   B "C4'" 1 
ATOM   793 O "O4'" . G   B 1 17 ? -8.937  4.858   -16.196 1.00 41.87 ? 1494 G   B "O4'" 1 
ATOM   794 C "C3'" . G   B 1 17 ? -9.771  6.929   -16.828 1.00 39.70 ? 1494 G   B "C3'" 1 
ATOM   795 O "O3'" . G   B 1 17 ? -10.705 7.571   -17.662 1.00 39.40 ? 1494 G   B "O3'" 1 
ATOM   796 C "C2'" . G   B 1 17 ? -10.396 6.552   -15.495 1.00 38.46 ? 1494 G   B "C2'" 1 
ATOM   797 O "O2'" . G   B 1 17 ? -11.710 5.991   -15.663 1.00 35.40 ? 1494 G   B "O2'" 1 
ATOM   798 C "C1'" . G   B 1 17 ? -9.422  5.469   -15.018 1.00 38.74 ? 1494 G   B "C1'" 1 
ATOM   799 N N9    . G   B 1 17 ? -8.248  5.992   -14.315 1.00 38.64 ? 1494 G   B N9    1 
ATOM   800 C C8    . G   B 1 17 ? -6.953  6.018   -14.793 1.00 39.75 ? 1494 G   B C8    1 
ATOM   801 N N7    . G   B 1 17 ? -6.117  6.616   -13.996 1.00 38.65 ? 1494 G   B N7    1 
ATOM   802 C C5    . G   B 1 17 ? -6.901  7.014   -12.923 1.00 37.50 ? 1494 G   B C5    1 
ATOM   803 C C6    . G   B 1 17 ? -6.559  7.772   -11.796 1.00 35.99 ? 1494 G   B C6    1 
ATOM   804 O O6    . G   B 1 17 ? -5.503  8.371   -11.570 1.00 32.88 ? 1494 G   B O6    1 
ATOM   805 N N1    . G   B 1 17 ? -7.630  7.879   -10.917 1.00 37.44 ? 1494 G   B N1    1 
ATOM   806 C C2    . G   B 1 17 ? -8.914  7.422   -11.159 1.00 37.68 ? 1494 G   B C2    1 
ATOM   807 N N2    . G   B 1 17 ? -9.837  7.703   -10.215 1.00 38.42 ? 1494 G   B N2    1 
ATOM   808 N N3    . G   B 1 17 ? -9.265  6.765   -12.250 1.00 36.70 ? 1494 G   B N3    1 
ATOM   809 C C4    . G   B 1 17 ? -8.212  6.592   -13.080 1.00 37.94 ? 1494 G   B C4    1 
ATOM   810 P P     . U   B 1 18 ? -11.032 9.143   -17.452 1.00 41.63 ? 1495 U   B P     1 
ATOM   811 O OP1   . U   B 1 18 ? -12.118 9.298   -18.452 1.00 43.71 ? 1495 U   B OP1   1 
ATOM   812 O OP2   . U   B 1 18 ? -9.933  10.144  -17.427 1.00 39.85 ? 1495 U   B OP2   1 
ATOM   813 O "O5'" . U   B 1 18 ? -11.684 9.236   -16.013 1.00 41.15 ? 1495 U   B "O5'" 1 
ATOM   814 C "C5'" . U   B 1 18 ? -13.016 8.910   -15.819 1.00 40.75 ? 1495 U   B "C5'" 1 
ATOM   815 C "C4'" . U   B 1 18 ? -13.321 9.063   -14.381 1.00 41.88 ? 1495 U   B "C4'" 1 
ATOM   816 O "O4'" . U   B 1 18 ? -12.224 8.511   -13.586 1.00 40.29 ? 1495 U   B "O4'" 1 
ATOM   817 C "C3'" . U   B 1 18 ? -13.390 10.506  -13.936 1.00 42.43 ? 1495 U   B "C3'" 1 
ATOM   818 O "O3'" . U   B 1 18 ? -14.649 11.009  -14.281 1.00 44.00 ? 1495 U   B "O3'" 1 
ATOM   819 C "C2'" . U   B 1 18 ? -13.122 10.398  -12.436 1.00 40.38 ? 1495 U   B "C2'" 1 
ATOM   820 O "O2'" . U   B 1 18 ? -14.267 9.933   -11.746 1.00 39.75 ? 1495 U   B "O2'" 1 
ATOM   821 C "C1'" . U   B 1 18 ? -12.058 9.295   -12.407 1.00 39.35 ? 1495 U   B "C1'" 1 
ATOM   822 N N1    . U   B 1 18 ? -10.697 9.858   -12.422 1.00 37.34 ? 1495 U   B N1    1 
ATOM   823 C C2    . U   B 1 18 ? -10.282 10.526  -11.322 1.00 33.66 ? 1495 U   B C2    1 
ATOM   824 O O2    . U   B 1 18 ? -10.978 10.697  -10.388 1.00 36.83 ? 1495 U   B O2    1 
ATOM   825 N N3    . U   B 1 18 ? -9.019  11.014  -11.373 1.00 31.33 ? 1495 U   B N3    1 
ATOM   826 C C4    . U   B 1 18 ? -8.131  10.917  -12.411 1.00 31.68 ? 1495 U   B C4    1 
ATOM   827 O O4    . U   B 1 18 ? -6.972  11.366  -12.281 1.00 30.15 ? 1495 U   B O4    1 
ATOM   828 C C5    . U   B 1 18 ? -8.645  10.214  -13.552 1.00 33.62 ? 1495 U   B C5    1 
ATOM   829 C C6    . U   B 1 18 ? -9.876  9.717   -13.518 1.00 35.28 ? 1495 U   B C6    1 
ATOM   830 P P     . C   B 1 19 ? -14.813 12.560  -14.643 1.00 43.93 ? 1496 C   B P     1 
ATOM   831 O OP1   . C   B 1 19 ? -16.044 12.580  -15.536 1.00 42.91 ? 1496 C   B OP1   1 
ATOM   832 O OP2   . C   B 1 19 ? -13.539 13.132  -15.140 1.00 40.61 ? 1496 C   B OP2   1 
ATOM   833 O "O5'" . C   B 1 19 ? -15.237 13.149  -13.216 1.00 45.02 ? 1496 C   B "O5'" 1 
ATOM   834 C "C5'" . C   B 1 19 ? -14.694 14.327  -12.705 1.00 44.98 ? 1496 C   B "C5'" 1 
ATOM   835 C "C4'" . C   B 1 19 ? -14.738 14.302  -11.196 1.00 47.04 ? 1496 C   B "C4'" 1 
ATOM   836 O "O4'" . C   B 1 19 ? -13.749 13.385  -10.617 1.00 46.49 ? 1496 C   B "O4'" 1 
ATOM   837 C "C3'" . C   B 1 19 ? -14.334 15.686  -10.737 1.00 48.24 ? 1496 C   B "C3'" 1 
ATOM   838 O "O3'" . C   B 1 19 ? -15.480 16.467  -10.676 1.00 49.45 ? 1496 C   B "O3'" 1 
ATOM   839 C "C2'" . C   B 1 19 ? -13.495 15.476  -9.478  1.00 47.91 ? 1496 C   B "C2'" 1 
ATOM   840 O "O2'" . C   B 1 19 ? -14.146 15.491  -8.211  1.00 48.06 ? 1496 C   B "O2'" 1 
ATOM   841 C "C1'" . C   B 1 19 ? -12.841 14.122  -9.794  1.00 45.01 ? 1496 C   B "C1'" 1 
ATOM   842 N N1    . C   B 1 19 ? -11.577 14.286  -10.541 1.00 40.44 ? 1496 C   B N1    1 
ATOM   843 C C2    . C   B 1 19 ? -10.506 14.973  -9.944  1.00 38.30 ? 1496 C   B C2    1 
ATOM   844 O O2    . C   B 1 19 ? -10.694 15.524  -8.873  1.00 39.47 ? 1496 C   B O2    1 
ATOM   845 N N3    . C   B 1 19 ? -9.303  15.008  -10.565 1.00 34.63 ? 1496 C   B N3    1 
ATOM   846 C C4    . C   B 1 19 ? -9.159  14.422  -11.778 1.00 35.60 ? 1496 C   B C4    1 
ATOM   847 N N4    . C   B 1 19 ? -7.962  14.464  -12.393 1.00 33.38 ? 1496 C   B N4    1 
ATOM   848 C C5    . C   B 1 19 ? -10.244 13.776  -12.436 1.00 36.77 ? 1496 C   B C5    1 
ATOM   849 C C6    . C   B 1 19 ? -11.430 13.733  -11.787 1.00 40.04 ? 1496 C   B C6    1 
ATOM   850 P P     . G   B 1 20 ? -15.617 17.671  -11.696 1.00 53.23 ? 1497 G   B P     1 
ATOM   851 O OP1   . G   B 1 20 ? -16.984 18.183  -11.483 1.00 54.45 ? 1497 G   B OP1   1 
ATOM   852 O OP2   . G   B 1 20 ? -15.180 17.338  -13.063 1.00 51.71 ? 1497 G   B OP2   1 
ATOM   853 O "O5'" . G   B 1 20 ? -14.620 18.707  -11.037 1.00 55.76 ? 1497 G   B "O5'" 1 
ATOM   854 C "C5'" . G   B 1 20 ? -14.992 19.261  -9.779  1.00 57.20 ? 1497 G   B "C5'" 1 
ATOM   855 C "C4'" . G   B 1 20 ? -13.794 19.649  -8.988  1.00 58.47 ? 1497 G   B "C4'" 1 
ATOM   856 O "O4'" . G   B 1 20 ? -12.837 18.564  -8.927  1.00 58.11 ? 1497 G   B "O4'" 1 
ATOM   857 C "C3'" . G   B 1 20 ? -12.981 20.788  -9.528  1.00 59.34 ? 1497 G   B "C3'" 1 
ATOM   858 O "O3'" . G   B 1 20 ? -13.652 22.008  -9.294  1.00 60.54 ? 1497 G   B "O3'" 1 
ATOM   859 C "C2'" . G   B 1 20 ? -11.684 20.605  -8.758  1.00 58.94 ? 1497 G   B "C2'" 1 
ATOM   860 O "O2'" . G   B 1 20 ? -11.881 20.936  -7.395  1.00 61.33 ? 1497 G   B "O2'" 1 
ATOM   861 C "C1'" . G   B 1 20 ? -11.532 19.091  -8.802  1.00 56.54 ? 1497 G   B "C1'" 1 
ATOM   862 N N9    . G   B 1 20 ? -10.766 18.649  -9.957  1.00 54.09 ? 1497 G   B N9    1 
ATOM   863 C C8    . G   B 1 20 ? -11.232 17.913  -11.026 1.00 53.71 ? 1497 G   B C8    1 
ATOM   864 N N7    . G   B 1 20 ? -10.304 17.647  -11.912 1.00 51.36 ? 1497 G   B N7    1 
ATOM   865 C C5    . G   B 1 20 ? -9.161  18.244  -11.401 1.00 50.29 ? 1497 G   B C5    1 
ATOM   866 C C6    . G   B 1 20 ? -7.868  18.305  -11.927 1.00 48.61 ? 1497 G   B C6    1 
ATOM   867 O O6    . G   B 1 20 ? -7.450  17.847  -12.965 1.00 46.67 ? 1497 G   B O6    1 
ATOM   868 N N1    . G   B 1 20 ? -7.021  19.017  -11.106 1.00 48.19 ? 1497 G   B N1    1 
ATOM   869 C C2    . G   B 1 20 ? -7.389  19.628  -9.923  1.00 49.48 ? 1497 G   B C2    1 
ATOM   870 N N2    . G   B 1 20 ? -6.417  20.286  -9.290  1.00 49.49 ? 1497 G   B N2    1 
ATOM   871 N N3    . G   B 1 20 ? -8.604  19.590  -9.417  1.00 49.79 ? 1497 G   B N3    1 
ATOM   872 C C4    . G   B 1 20 ? -9.433  18.878  -10.197 1.00 51.49 ? 1497 G   B C4    1 
ATOM   873 P P     . C   B 1 21 ? -13.637 23.129  -10.451 1.00 62.91 ? 1498 C   B P     1 
ATOM   874 O OP1   . C   B 1 21 ? -14.847 23.961  -10.198 1.00 61.80 ? 1498 C   B OP1   1 
ATOM   875 O OP2   . C   B 1 21 ? -13.467 22.482  -11.806 1.00 62.17 ? 1498 C   B OP2   1 
ATOM   876 O "O5'" . C   B 1 21 ? -12.267 23.910  -10.173 1.00 60.05 ? 1498 C   B "O5'" 1 
ATOM   877 C "C5'" . C   B 1 21 ? -11.865 24.227  -8.840  1.00 59.78 ? 1498 C   B "C5'" 1 
ATOM   878 C "C4'" . C   B 1 21 ? -10.379 24.423  -8.779  1.00 59.51 ? 1498 C   B "C4'" 1 
ATOM   879 O "O4'" . C   B 1 21 ? -9.673  23.163  -8.986  1.00 59.25 ? 1498 C   B "O4'" 1 
ATOM   880 C "C3'" . C   B 1 21 ? -9.770  25.338  -9.827  1.00 59.39 ? 1498 C   B "C3'" 1 
ATOM   881 O "O3'" . C   B 1 21 ? -10.041 26.732  -9.870  1.00 61.35 ? 1498 C   B "O3'" 1 
ATOM   882 C "C2'" . C   B 1 21 ? -8.302  24.948  -9.783  1.00 59.03 ? 1498 C   B "C2'" 1 
ATOM   883 O "O2'" . C   B 1 21 ? -7.635  25.507  -8.655  1.00 59.18 ? 1498 C   B "O2'" 1 
ATOM   884 C "C1'" . C   B 1 21 ? -8.410  23.430  -9.605  1.00 57.48 ? 1498 C   B "C1'" 1 
ATOM   885 N N1    . C   B 1 21 ? -8.326  22.721  -10.905 1.00 54.30 ? 1498 C   B N1    1 
ATOM   886 C C2    . C   B 1 21 ? -7.105  22.742  -11.615 1.00 52.95 ? 1498 C   B C2    1 
ATOM   887 O O2    . C   B 1 21 ? -6.146  23.377  -11.143 1.00 52.54 ? 1498 C   B O2    1 
ATOM   888 N N3    . C   B 1 21 ? -7.001  22.061  -12.794 1.00 51.86 ? 1498 C   B N3    1 
ATOM   889 C C4    . C   B 1 21 ? -8.059  21.362  -13.257 1.00 52.03 ? 1498 C   B C4    1 
ATOM   890 N N4    . C   B 1 21 ? -7.919  20.638  -14.400 1.00 48.80 ? 1498 C   B N4    1 
ATOM   891 C C5    . C   B 1 21 ? -9.314  21.358  -12.563 1.00 52.31 ? 1498 C   B C5    1 
ATOM   892 C C6    . C   B 1 21 ? -9.398  22.049  -11.409 1.00 54.10 ? 1498 C   B C6    1 
HETATM 893 C C11   . AB6 C 2 .  ? -1.415  7.003   -12.109 1.00 35.67 ? 41   AB6 B C11   1 
HETATM 894 C C12   . AB6 C 2 .  ? -4.136  11.253  -14.353 1.00 39.18 ? 41   AB6 B C12   1 
HETATM 895 C C21   . AB6 C 2 .  ? 0.118   6.713   -12.119 1.00 34.51 ? 41   AB6 B C21   1 
HETATM 896 C C22   . AB6 C 2 .  ? -4.491  9.824   -14.897 1.00 39.17 ? 41   AB6 B C22   1 
HETATM 897 C C23   . AB6 C 2 .  ? -5.131  13.363  -15.721 1.00 33.02 ? 41   AB6 B C23   1 
HETATM 898 C C24   . AB6 C 2 .  ? -6.377  13.965  -15.149 1.00 32.25 ? 41   AB6 B C24   1 
HETATM 899 C C25   . AB6 C 2 .  ? -6.680  15.232  -15.957 1.00 34.40 ? 41   AB6 B C25   1 
HETATM 900 C C26   . AB6 C 2 .  ? -7.776  16.148  -15.381 1.00 35.89 ? 41   AB6 B C26   1 
HETATM 901 C C29   . AB6 C 2 .  ? -3.543  13.684  -11.750 1.00 44.92 ? 41   AB6 B C29   1 
HETATM 902 C C30   . AB6 C 2 .  ? -2.596  13.691  -10.559 1.00 47.26 ? 41   AB6 B C30   1 
HETATM 903 C C31   . AB6 C 2 .  ? 0.459   5.839   -13.371 1.00 35.10 ? 41   AB6 B C31   1 
HETATM 904 C C32   . AB6 C 2 .  ? -3.287  8.867   -14.787 1.00 39.24 ? 41   AB6 B C32   1 
HETATM 905 C C33   . AB6 C 2 .  ? 0.069   13.310  -9.260  1.00 51.85 ? 41   AB6 B C33   1 
HETATM 906 C C34   . AB6 C 2 .  ? 1.141   13.309  -8.128  1.00 52.71 ? 41   AB6 B C34   1 
HETATM 907 O O11   . AB6 C 2 .  ? -1.703  7.803   -13.315 1.00 36.76 ? 41   AB6 B O11   1 
HETATM 908 N N21   . AB6 C 2 .  ? 0.929   7.944   -12.125 1.00 32.58 ? 41   AB6 B N21   1 
HETATM 909 O O31   . AB6 C 2 .  ? 1.854   5.554   -13.432 1.00 35.39 ? 41   AB6 B O31   1 
HETATM 910 C C41   . AB6 C 2 .  ? -0.377  4.545   -13.297 1.00 36.28 ? 41   AB6 B C41   1 
HETATM 911 O O41   . AB6 C 2 .  ? -0.143  3.680   -14.405 1.00 36.48 ? 41   AB6 B O41   1 
HETATM 912 C C51   . AB6 C 2 .  ? -1.880  4.867   -13.215 1.00 35.68 ? 41   AB6 B C51   1 
HETATM 913 O O51   . AB6 C 2 .  ? -2.156  5.750   -12.122 1.00 35.10 ? 41   AB6 B O51   1 
HETATM 914 C C61   . AB6 C 2 .  ? -2.712  3.622   -13.058 1.00 32.97 ? 41   AB6 B C61   1 
HETATM 915 O O61   . AB6 C 2 .  ? -4.050  3.940   -13.001 1.00 30.93 ? 41   AB6 B O61   1 
HETATM 916 N N12   . AB6 C 2 .  ? -5.306  12.170  -14.405 1.00 36.56 ? 41   AB6 B N12   1 
HETATM 917 N N32   . AB6 C 2 .  ? -3.631  7.528   -15.251 1.00 40.83 ? 41   AB6 B N32   1 
HETATM 918 C C42   . AB6 C 2 .  ? -2.822  8.766   -13.348 1.00 39.36 ? 41   AB6 B C42   1 
HETATM 919 C C52   . AB6 C 2 .  ? -2.419  10.200  -12.813 1.00 39.53 ? 41   AB6 B C52   1 
HETATM 920 O O52   . AB6 C 2 .  ? -1.992  10.076  -11.420 1.00 42.84 ? 41   AB6 B O52   1 
HETATM 921 C C62   . AB6 C 2 .  ? -3.662  11.146  -12.916 1.00 40.75 ? 41   AB6 B C62   1 
HETATM 922 O O62   . AB6 C 2 .  ? -3.380  12.435  -12.454 1.00 42.85 ? 41   AB6 B O62   1 
HETATM 923 N N31   . AB6 C 2 .  ? -1.477  14.647  -10.683 1.00 49.71 ? 41   AB6 B N31   1 
HETATM 924 C C35   . AB6 C 2 .  ? -0.457  14.728  -9.605  1.00 50.49 ? 41   AB6 B C35   1 
HETATM 925 N N35   . AB6 C 2 .  ? 1.658   11.936  -7.853  1.00 49.65 ? 41   AB6 B N35   1 
HETATM 926 O O36   . AB6 C 2 .  ? -4.413  13.563  -16.500 1.00 34.12 ? 41   AB6 B O36   1 
HETATM 927 N N27   . AB6 C 2 .  ? -7.941  17.296  -16.275 1.00 38.05 ? 41   AB6 B N27   1 
HETATM 928 O O28   . AB6 C 2 .  ? -7.458  13.088  -15.312 1.00 28.50 ? 41   AB6 B O28   1 
HETATM 929 O O     . HOH D 3 .  ? -1.980  10.772  -7.865  1.00 32.42 ? 2    HOH A O     1 
HETATM 930 O O     . HOH D 3 .  ? 5.125   -3.277  4.369   1.00 43.50 ? 6    HOH A O     1 
HETATM 931 O O     . HOH D 3 .  ? -9.081  -1.346  -1.233  1.00 41.04 ? 7    HOH A O     1 
HETATM 932 O O     . HOH D 3 .  ? 9.426   -4.268  6.661   1.00 59.59 ? 10   HOH A O     1 
HETATM 933 O O     . HOH D 3 .  ? 1.521   -3.361  -11.043 1.00 46.50 ? 11   HOH A O     1 
HETATM 934 O O     . HOH D 3 .  ? 7.960   -5.810  9.594   1.00 41.96 ? 15   HOH A O     1 
HETATM 935 O O     . HOH D 3 .  ? -0.371  25.233  -12.347 1.00 49.40 ? 17   HOH A O     1 
HETATM 936 O O     . HOH D 3 .  ? 5.446   -6.121  6.656   1.00 52.79 ? 21   HOH A O     1 
HETATM 937 O O     . HOH D 3 .  ? 8.154   -5.351  18.401  1.00 57.20 ? 22   HOH A O     1 
HETATM 938 O O     . HOH D 3 .  ? 4.458   -9.685  20.854  1.00 63.24 ? 23   HOH A O     1 
HETATM 939 O O     . HOH D 3 .  ? -2.956  3.295   -4.572  1.00 61.41 ? 24   HOH A O     1 
HETATM 940 O O     . HOH D 3 .  ? -11.873 8.760   -7.398  1.00 52.42 ? 26   HOH A O     1 
HETATM 941 O O     . HOH D 3 .  ? 10.852  2.307   2.792   1.00 54.22 ? 28   HOH A O     1 
HETATM 942 O O     . HOH D 3 .  ? 8.667   -7.893  2.003   1.00 56.02 ? 30   HOH A O     1 
HETATM 943 O O     . HOH D 3 .  ? -10.144 3.550   -10.074 1.00 53.18 ? 31   HOH A O     1 
HETATM 944 O O     . HOH E 3 .  ? -10.085 12.422  -15.906 1.00 48.96 ? 1    HOH B O     1 
HETATM 945 O O     . HOH E 3 .  ? -4.615  9.323   -20.242 1.00 43.78 ? 3    HOH B O     1 
HETATM 946 O O     . HOH E 3 .  ? 1.652   6.917   -8.058  1.00 51.11 ? 4    HOH B O     1 
HETATM 947 O O     . HOH E 3 .  ? -4.490  4.498   -16.091 1.00 50.23 ? 5    HOH B O     1 
HETATM 948 O O     . HOH E 3 .  ? 9.031   -15.127 22.844  1.00 54.57 ? 8    HOH B O     1 
HETATM 949 O O     . HOH E 3 .  ? 0.958   7.480   -1.481  1.00 56.12 ? 9    HOH B O     1 
HETATM 950 O O     . HOH E 3 .  ? 1.869   8.546   0.918   1.00 55.76 ? 12   HOH B O     1 
HETATM 951 O O     . HOH E 3 .  ? 2.505   -12.898 13.333  1.00 59.09 ? 13   HOH B O     1 
HETATM 952 O O     . HOH E 3 .  ? 7.595   7.075   -15.108 1.00 58.62 ? 14   HOH B O     1 
HETATM 953 O O     . HOH E 3 .  ? -18.031 16.928  -8.597  1.00 52.95 ? 16   HOH B O     1 
HETATM 954 O O     . HOH E 3 .  ? -11.833 15.279  -16.692 1.00 44.48 ? 18   HOH B O     1 
HETATM 955 O O     . HOH E 3 .  ? 14.489  -12.051 8.490   1.00 58.47 ? 19   HOH B O     1 
HETATM 956 O O     . HOH E 3 .  ? -5.717  18.517  -16.664 1.00 57.69 ? 20   HOH B O     1 
HETATM 957 O O     . HOH E 3 .  ? -1.239  -8.471  -2.249  1.00 51.12 ? 25   HOH B O     1 
HETATM 958 O O     . HOH E 3 .  ? 7.377   6.458   6.804   1.00 64.99 ? 27   HOH B O     1 
HETATM 959 O O     . HOH E 3 .  ? 4.553   9.164   -15.083 1.00 61.15 ? 29   HOH B O     1 
HETATM 960 O O     . HOH E 3 .  ? 0.622   4.538   0.220   1.00 51.05 ? 32   HOH B O     1 
# 
